data_4OKD
#
_entry.id   4OKD
#
_cell.length_a   102.750
_cell.length_b   102.750
_cell.length_c   487.810
_cell.angle_alpha   90.00
_cell.angle_beta   90.00
_cell.angle_gamma   90.00
#
_symmetry.space_group_name_H-M   'P 41 21 2'
#
loop_
_entity.id
_entity.type
_entity.pdbx_description
1 polymer Isoamylase
2 branched alpha-D-glucopyranose-(1-4)-alpha-D-glucopyranose-(1-4)-alpha-D-glucopyranose-(1-4)-alpha-D-glucopyranose-(1-4)-alpha-D-glucopyranose-(1-4)-alpha-D-glucopyranose-(1-4)-alpha-D-glucopyranose
3 branched alpha-D-glucopyranose-(1-4)-alpha-D-glucopyranose-(1-4)-alpha-D-glucopyranose
4 non-polymer alpha-D-glucopyranose
5 water water
#
_entity_poly.entity_id   1
_entity_poly.type   'polypeptide(L)'
_entity_poly.pdbx_seq_one_letter_code
;MGSSHHHHHHSSGLVPRGSHMVELEAPTLSSSPATVSTKKLFCEPSGQPASTAYGPALTGRPAPLGASIDADTGAINFSV
FSSSAESVSLVLFTEADLNAGRATFEIPLDPYVNRTGDVWHIMLPDLRDDLLYGYRVEGVHQEEDKDYPGMRHDKRRVVL
DPYAVAVLNRRRWGQMGPNLPYGEEGVLGVMPTWPQAAAALPAARGSAFDWEGDTPLNLPMESLVIYEAHVRGFTAHASS
GVAAPGTYAGMVERLDYLKSLGVNAIELLPVFEFNELEYYSQIPGSDQYRFNFWGYSTVNYFSPMGRFSAAVGQGAPARA
SCDEFKQLVKECHRRGIEVILDVVFNHTAEGNERGPTISFRGLDNRVYYMLAPGGEYYNYSGCGNTLNCNQPVVRQFILD
CLKHWVTEYHVDGFRFDLASILTRAHSAWHPQQYDQETGQRVAMSSGGAIVTAEGIMTDGAGVPTGYPLADPPLVESISE
DPVLRNTKMIAEAWDCDGLNQVGAFPHYGGRWSEWNGKFRDVVRNFIKGTDGPWAGDFASAICGSPNIYANNTPHETDWW
ANNGGRQWKGGRGPHASINFVAAHDGFTLADMVAYNNKHNEANGENNRDGEQHNNSWNCGEEGPTTKWEVNRLRQRQMRN
LTGALLLSCGVPMINMGDEYGHSKNGNNNTYCHDSELNYLRWDQLAEDPHGFNRFVRLLIHFRRATPALQRTTFVNDKDI
QWHGELPNTPDWTDTSRLVAFTLHDGKGGGLYVAFNTSHLPKLLQLPKWGGRVWQPLVDTSKVAPYDFLAVDGVLSAEDV
AAARRQMAMWTADHTYPVLPWSCIVLQSAPEDPAATSMIK
;
_entity_poly.pdbx_strand_id   A,B
#
loop_
_chem_comp.id
_chem_comp.type
_chem_comp.name
_chem_comp.formula
GLC D-saccharide, alpha linking alpha-D-glucopyranose 'C6 H12 O6'
#
# COMPACT_ATOMS: atom_id res chain seq x y z
N LYS A 40 7.60 7.60 85.77
CA LYS A 40 8.67 6.80 85.11
C LYS A 40 8.09 5.68 84.20
N LEU A 41 7.42 4.68 84.78
CA LEU A 41 6.96 3.50 84.00
C LEU A 41 5.73 3.81 83.14
N PHE A 42 5.69 3.22 81.94
CA PHE A 42 4.61 3.46 80.98
C PHE A 42 3.26 2.87 81.41
N CYS A 43 3.31 1.78 82.17
CA CYS A 43 2.09 1.11 82.61
C CYS A 43 1.38 1.85 83.75
N GLU A 44 2.09 2.75 84.44
CA GLU A 44 1.53 3.46 85.60
C GLU A 44 0.40 4.41 85.22
N PRO A 45 -0.76 4.35 85.92
CA PRO A 45 -1.83 5.32 85.68
C PRO A 45 -1.38 6.77 85.83
N SER A 46 -1.87 7.67 84.98
CA SER A 46 -1.44 9.08 84.96
C SER A 46 -2.48 10.05 85.57
N GLY A 47 -3.56 9.52 86.15
CA GLY A 47 -4.44 10.32 87.01
C GLY A 47 -5.82 10.65 86.46
N GLN A 48 -5.98 10.56 85.15
CA GLN A 48 -7.25 10.90 84.51
C GLN A 48 -8.23 9.75 84.69
N PRO A 49 -9.50 10.08 84.95
CA PRO A 49 -10.43 9.02 85.35
C PRO A 49 -10.97 8.23 84.17
N ALA A 50 -11.41 7.01 84.46
CA ALA A 50 -12.12 6.19 83.49
C ALA A 50 -13.43 6.87 83.03
N SER A 51 -14.01 6.32 81.97
CA SER A 51 -15.27 6.81 81.42
C SER A 51 -16.20 5.64 81.10
N THR A 52 -17.37 5.98 80.56
CA THR A 52 -18.28 4.99 79.98
C THR A 52 -17.71 4.21 78.77
N ALA A 53 -16.47 4.49 78.37
CA ALA A 53 -15.90 3.93 77.14
C ALA A 53 -14.37 3.66 77.16
N TYR A 54 -13.71 3.92 78.29
CA TYR A 54 -12.31 3.51 78.46
C TYR A 54 -11.92 3.39 79.92
N GLY A 55 -10.86 2.62 80.18
CA GLY A 55 -10.29 2.50 81.53
C GLY A 55 -9.49 3.73 81.88
N PRO A 56 -8.96 3.80 83.12
CA PRO A 56 -8.19 4.98 83.49
C PRO A 56 -6.91 5.04 82.71
N ALA A 57 -6.50 6.27 82.36
CA ALA A 57 -5.37 6.48 81.47
C ALA A 57 -4.05 6.11 82.13
N LEU A 58 -3.12 5.66 81.30
CA LEU A 58 -1.79 5.23 81.73
C LEU A 58 -0.77 6.13 81.05
N THR A 59 0.47 6.13 81.54
CA THR A 59 1.50 7.05 81.06
C THR A 59 1.79 6.90 79.56
N GLY A 60 1.99 5.67 79.11
CA GLY A 60 2.28 5.40 77.70
C GLY A 60 3.73 5.67 77.31
N ARG A 61 3.96 5.81 76.00
CA ARG A 61 5.31 5.83 75.45
C ARG A 61 5.45 6.74 74.24
N PRO A 62 6.66 7.31 74.02
CA PRO A 62 6.92 8.13 72.84
C PRO A 62 6.84 7.37 71.51
N ALA A 63 7.51 6.21 71.44
CA ALA A 63 7.58 5.43 70.19
C ALA A 63 6.60 4.28 70.24
N PRO A 64 5.96 3.95 69.10
CA PRO A 64 5.99 4.68 67.83
C PRO A 64 5.09 5.93 67.83
N LEU A 65 5.43 6.92 67.00
CA LEU A 65 4.56 8.07 66.80
C LEU A 65 3.26 7.61 66.19
N GLY A 66 2.16 8.29 66.51
CA GLY A 66 0.85 7.87 66.06
C GLY A 66 0.14 7.06 67.12
N ALA A 67 -0.98 6.46 66.74
CA ALA A 67 -1.75 5.59 67.61
C ALA A 67 -1.40 4.14 67.30
N SER A 68 -1.03 3.36 68.32
CA SER A 68 -0.65 1.96 68.14
C SER A 68 -1.21 1.08 69.23
N ILE A 69 -1.40 -0.19 68.91
CA ILE A 69 -1.84 -1.20 69.87
C ILE A 69 -0.67 -1.64 70.75
N ASP A 70 -0.79 -1.47 72.06
CA ASP A 70 0.14 -2.08 73.00
C ASP A 70 -0.06 -3.60 72.99
N ALA A 71 1.02 -4.36 72.84
CA ALA A 71 0.97 -5.78 72.47
C ALA A 71 0.47 -6.73 73.58
N ASP A 72 0.94 -6.52 74.81
CA ASP A 72 0.57 -7.40 75.94
C ASP A 72 -0.77 -7.02 76.61
N THR A 73 -1.05 -5.73 76.71
CA THR A 73 -2.28 -5.23 77.36
C THR A 73 -3.49 -5.16 76.40
N GLY A 74 -3.23 -5.02 75.10
CA GLY A 74 -4.30 -4.80 74.13
C GLY A 74 -4.78 -3.35 74.03
N ALA A 75 -4.19 -2.46 74.84
CA ALA A 75 -4.61 -1.06 74.92
C ALA A 75 -4.07 -0.21 73.76
N ILE A 76 -4.48 1.05 73.69
CA ILE A 76 -4.15 1.94 72.58
C ILE A 76 -3.22 3.04 73.02
N ASN A 77 -1.95 2.95 72.61
CA ASN A 77 -0.99 4.00 72.90
C ASN A 77 -1.11 5.13 71.88
N PHE A 78 -1.21 6.36 72.37
CA PHE A 78 -1.21 7.57 71.53
C PHE A 78 0.09 8.33 71.68
N SER A 79 0.71 8.71 70.55
CA SER A 79 1.93 9.54 70.57
C SER A 79 1.95 10.62 69.48
N VAL A 80 2.20 11.86 69.88
CA VAL A 80 2.26 12.98 68.94
C VAL A 80 3.35 13.99 69.31
N PHE A 81 4.09 14.46 68.30
CA PHE A 81 5.12 15.46 68.50
C PHE A 81 4.59 16.89 68.55
N SER A 82 5.09 17.66 69.51
CA SER A 82 5.07 19.13 69.42
C SER A 82 6.15 19.71 70.32
N SER A 83 7.03 20.54 69.77
CA SER A 83 8.06 21.15 70.61
C SER A 83 7.47 22.38 71.31
N SER A 84 6.45 23.00 70.73
CA SER A 84 6.01 24.33 71.16
C SER A 84 4.68 24.38 71.97
N ALA A 85 3.96 23.27 72.06
CA ALA A 85 2.67 23.26 72.75
C ALA A 85 2.87 23.38 74.25
N GLU A 86 1.99 24.13 74.92
CA GLU A 86 1.97 24.19 76.40
C GLU A 86 1.05 23.15 77.02
N SER A 87 -0.03 22.81 76.32
CA SER A 87 -0.94 21.74 76.75
C SER A 87 -1.43 20.95 75.56
N VAL A 88 -1.67 19.66 75.79
CA VAL A 88 -2.23 18.78 74.77
C VAL A 88 -3.31 17.94 75.41
N SER A 89 -4.48 17.93 74.79
CA SER A 89 -5.57 17.05 75.19
C SER A 89 -5.91 16.10 74.05
N LEU A 90 -6.09 14.82 74.36
CA LEU A 90 -6.60 13.86 73.39
C LEU A 90 -8.14 13.97 73.29
N VAL A 91 -8.66 14.22 72.10
CA VAL A 91 -10.10 14.45 71.95
C VAL A 91 -10.71 13.26 71.23
N LEU A 92 -11.86 12.79 71.72
CA LEU A 92 -12.51 11.59 71.21
C LEU A 92 -13.94 11.85 70.69
N PHE A 93 -14.26 11.22 69.57
CA PHE A 93 -15.53 11.46 68.88
C PHE A 93 -16.22 10.17 68.48
N THR A 94 -17.53 10.11 68.68
CA THR A 94 -18.35 9.22 67.87
C THR A 94 -18.57 9.96 66.56
N GLU A 95 -18.98 9.23 65.54
CA GLU A 95 -19.29 9.87 64.28
C GLU A 95 -20.43 10.89 64.40
N ALA A 96 -21.47 10.53 65.13
CA ALA A 96 -22.61 11.43 65.34
C ALA A 96 -22.15 12.74 65.95
N ASP A 97 -21.29 12.65 66.95
CA ASP A 97 -20.78 13.85 67.60
C ASP A 97 -19.84 14.60 66.65
N LEU A 98 -18.96 13.88 65.97
CA LEU A 98 -18.09 14.50 64.96
C LEU A 98 -18.93 15.37 64.03
N ASN A 99 -20.00 14.79 63.49
CA ASN A 99 -20.88 15.49 62.54
C ASN A 99 -21.65 16.66 63.13
N ALA A 100 -21.79 16.72 64.46
CA ALA A 100 -22.44 17.88 65.10
C ALA A 100 -21.44 18.84 65.73
N GLY A 101 -20.15 18.66 65.45
CA GLY A 101 -19.12 19.58 65.91
C GLY A 101 -18.89 19.66 67.41
N ARG A 102 -18.89 18.50 68.05
CA ARG A 102 -18.73 18.39 69.48
C ARG A 102 -17.87 17.18 69.76
N ALA A 103 -17.09 17.26 70.83
CA ALA A 103 -16.29 16.14 71.31
C ALA A 103 -17.15 15.23 72.15
N THR A 104 -16.82 13.95 72.20
CA THR A 104 -17.54 12.98 73.04
C THR A 104 -16.84 12.88 74.41
N PHE A 105 -15.50 12.91 74.41
CA PHE A 105 -14.67 12.88 75.62
C PHE A 105 -13.37 13.63 75.38
N GLU A 106 -12.82 14.23 76.44
CA GLU A 106 -11.49 14.87 76.38
C GLU A 106 -10.62 14.42 77.53
N ILE A 107 -9.36 14.16 77.26
CA ILE A 107 -8.41 13.77 78.29
C ILE A 107 -7.22 14.69 78.19
N PRO A 108 -7.01 15.57 79.19
CA PRO A 108 -5.84 16.44 79.11
C PRO A 108 -4.62 15.71 79.63
N LEU A 109 -3.53 15.75 78.86
CA LEU A 109 -2.29 15.10 79.25
C LEU A 109 -1.57 15.95 80.27
N ASP A 110 -1.04 15.30 81.30
CA ASP A 110 -0.10 15.90 82.24
C ASP A 110 1.24 16.19 81.53
N PRO A 111 1.66 17.47 81.50
CA PRO A 111 2.94 17.87 80.88
C PRO A 111 4.20 17.23 81.46
N TYR A 112 4.11 16.62 82.64
CA TYR A 112 5.27 16.00 83.28
C TYR A 112 5.28 14.48 83.11
N VAL A 113 4.11 13.88 83.04
CA VAL A 113 4.00 12.42 82.98
C VAL A 113 3.81 11.97 81.53
N ASN A 114 2.78 12.50 80.88
CA ASN A 114 2.39 12.12 79.53
C ASN A 114 3.24 12.82 78.43
N ARG A 115 4.55 12.95 78.67
CA ARG A 115 5.44 13.63 77.76
C ARG A 115 6.89 13.26 78.03
N THR A 116 7.61 12.88 76.98
CA THR A 116 9.05 12.64 77.03
C THR A 116 9.68 13.51 75.94
N GLY A 117 10.54 14.45 76.34
CA GLY A 117 11.12 15.40 75.40
C GLY A 117 10.02 16.21 74.70
N ASP A 118 9.95 16.11 73.37
CA ASP A 118 8.91 16.83 72.63
C ASP A 118 7.73 15.93 72.19
N VAL A 119 7.72 14.70 72.71
CA VAL A 119 6.69 13.75 72.31
C VAL A 119 5.70 13.55 73.45
N TRP A 120 4.51 14.08 73.25
CA TRP A 120 3.40 13.87 74.17
C TRP A 120 2.86 12.46 73.97
N HIS A 121 2.39 11.81 75.04
CA HIS A 121 1.86 10.45 74.92
C HIS A 121 0.97 10.02 76.08
N ILE A 122 0.02 9.14 75.78
CA ILE A 122 -0.93 8.64 76.75
C ILE A 122 -1.50 7.32 76.25
N MET A 123 -1.94 6.45 77.16
CA MET A 123 -2.50 5.15 76.80
C MET A 123 -3.89 4.93 77.42
N LEU A 124 -4.80 4.33 76.67
CA LEU A 124 -6.17 4.07 77.13
C LEU A 124 -6.55 2.59 76.97
N PRO A 125 -6.77 1.88 78.08
CA PRO A 125 -7.30 0.52 77.96
C PRO A 125 -8.81 0.51 77.67
N ASP A 126 -9.29 -0.61 77.14
CA ASP A 126 -10.72 -0.84 76.90
C ASP A 126 -11.38 0.27 76.09
N LEU A 127 -10.63 0.87 75.17
CA LEU A 127 -11.13 1.97 74.38
C LEU A 127 -12.18 1.47 73.39
N ARG A 128 -13.29 2.20 73.27
CA ARG A 128 -14.41 1.76 72.44
C ARG A 128 -14.08 1.97 70.96
N ASP A 129 -14.35 0.94 70.14
CA ASP A 129 -13.94 0.94 68.72
C ASP A 129 -14.67 1.98 67.87
N ASP A 130 -15.91 2.33 68.21
CA ASP A 130 -16.68 3.31 67.44
C ASP A 130 -16.18 4.77 67.61
N LEU A 131 -15.05 4.96 68.30
CA LEU A 131 -14.54 6.30 68.57
C LEU A 131 -13.36 6.65 67.69
N LEU A 132 -13.26 7.94 67.39
CA LEU A 132 -12.20 8.48 66.58
C LEU A 132 -11.49 9.56 67.39
N TYR A 133 -10.31 9.99 66.96
CA TYR A 133 -9.49 10.85 67.83
C TYR A 133 -8.80 12.03 67.16
N GLY A 134 -8.55 13.07 67.95
CA GLY A 134 -7.68 14.20 67.56
C GLY A 134 -6.99 14.80 68.77
N TYR A 135 -6.38 15.97 68.59
CA TYR A 135 -5.70 16.63 69.69
C TYR A 135 -6.09 18.13 69.75
N ARG A 136 -6.35 18.62 70.97
CA ARG A 136 -6.57 20.04 71.22
C ARG A 136 -5.29 20.58 71.83
N VAL A 137 -4.62 21.45 71.08
CA VAL A 137 -3.30 21.90 71.45
C VAL A 137 -3.33 23.36 71.80
N GLU A 138 -2.85 23.69 73.00
CA GLU A 138 -2.81 25.07 73.46
C GLU A 138 -1.38 25.58 73.55
N GLY A 139 -1.21 26.85 73.20
CA GLY A 139 0.09 27.51 73.24
C GLY A 139 -0.06 28.92 72.75
N VAL A 140 1.05 29.63 72.57
CA VAL A 140 1.02 31.01 72.08
C VAL A 140 0.75 31.12 70.58
N HIS A 141 0.19 32.26 70.20
CA HIS A 141 -0.09 32.60 68.82
C HIS A 141 0.43 34.01 68.58
N GLN A 142 1.03 34.22 67.40
CA GLN A 142 1.72 35.50 67.07
C GLN A 142 0.82 36.74 66.93
N GLU A 143 -0.39 36.56 66.42
CA GLU A 143 -1.40 37.62 66.38
C GLU A 143 -1.81 38.05 67.79
N GLU A 144 -1.70 37.15 68.76
CA GLU A 144 -1.93 37.50 70.17
C GLU A 144 -0.68 38.04 70.87
N ASP A 145 0.51 37.63 70.44
CA ASP A 145 1.76 38.18 70.97
C ASP A 145 2.90 38.26 69.92
N LYS A 146 3.21 39.48 69.51
CA LYS A 146 4.28 39.80 68.55
C LYS A 146 5.62 39.12 68.82
N ASP A 147 5.93 38.94 70.10
CA ASP A 147 7.20 38.38 70.51
C ASP A 147 7.47 36.95 70.06
N TYR A 148 6.44 36.26 69.56
CA TYR A 148 6.55 34.85 69.20
C TYR A 148 6.09 34.57 67.77
N PRO A 149 6.82 35.12 66.79
CA PRO A 149 6.46 34.91 65.40
C PRO A 149 6.65 33.46 64.99
N GLY A 150 5.72 32.97 64.16
CA GLY A 150 5.73 31.57 63.73
C GLY A 150 4.88 30.63 64.57
N MET A 151 4.49 31.07 65.75
CA MET A 151 3.67 30.25 66.64
C MET A 151 2.22 30.49 66.26
N ARG A 152 1.47 29.41 66.03
CA ARG A 152 0.06 29.51 65.61
C ARG A 152 -0.84 28.47 66.29
N HIS A 153 -0.70 28.34 67.59
CA HIS A 153 -1.53 27.42 68.35
C HIS A 153 -2.94 27.98 68.46
N ASP A 154 -3.94 27.10 68.47
CA ASP A 154 -5.32 27.53 68.68
C ASP A 154 -6.15 26.40 69.31
N LYS A 155 -6.45 26.56 70.59
CA LYS A 155 -7.26 25.62 71.38
C LYS A 155 -8.74 25.50 70.97
N ARG A 156 -9.23 26.44 70.18
CA ARG A 156 -10.56 26.33 69.59
C ARG A 156 -10.58 25.25 68.51
N ARG A 157 -9.40 24.76 68.08
CA ARG A 157 -9.34 23.67 67.07
C ARG A 157 -8.89 22.33 67.62
N VAL A 158 -9.36 21.28 66.96
CA VAL A 158 -8.86 19.94 67.20
C VAL A 158 -8.17 19.45 65.93
N VAL A 159 -6.87 19.26 66.07
CA VAL A 159 -6.00 18.98 64.94
C VAL A 159 -5.75 17.48 64.79
N LEU A 160 -5.38 17.11 63.58
CA LEU A 160 -5.31 15.73 63.15
C LEU A 160 -3.88 15.18 63.35
N ASP A 161 -3.80 13.95 63.86
CA ASP A 161 -2.55 13.20 63.99
C ASP A 161 -1.94 13.00 62.58
N PRO A 162 -0.74 13.57 62.35
CA PRO A 162 -0.05 13.41 61.10
C PRO A 162 0.14 11.96 60.65
N TYR A 163 0.26 11.05 61.63
CA TYR A 163 0.45 9.61 61.44
C TYR A 163 -0.89 8.84 61.48
N ALA A 164 -2.01 9.52 61.25
CA ALA A 164 -3.31 8.82 61.26
C ALA A 164 -3.40 7.76 60.17
N VAL A 165 -3.81 6.57 60.57
CA VAL A 165 -3.93 5.41 59.69
C VAL A 165 -5.07 5.60 58.69
N ALA A 166 -6.17 6.17 59.17
CA ALA A 166 -7.32 6.56 58.35
C ALA A 166 -7.89 7.88 58.84
N VAL A 167 -8.55 8.63 57.95
CA VAL A 167 -9.24 9.84 58.36
C VAL A 167 -10.74 9.76 58.03
N LEU A 168 -11.58 10.28 58.92
CA LEU A 168 -12.98 10.45 58.58
C LEU A 168 -13.34 11.91 58.70
N ASN A 169 -13.92 12.49 57.66
CA ASN A 169 -14.78 13.64 57.89
C ASN A 169 -16.10 13.53 57.11
N ARG A 170 -16.02 13.71 55.79
CA ARG A 170 -17.16 13.61 54.92
C ARG A 170 -16.99 12.32 54.15
N ARG A 171 -18.09 11.59 54.03
CA ARG A 171 -18.11 10.23 53.55
C ARG A 171 -18.02 10.14 52.04
N ARG A 172 -18.59 11.13 51.36
CA ARG A 172 -18.92 10.98 49.96
C ARG A 172 -18.34 12.13 49.15
N TRP A 173 -17.75 11.78 48.01
CA TRP A 173 -17.23 12.80 47.12
C TRP A 173 -18.23 13.93 46.94
N GLY A 174 -17.76 15.15 47.08
CA GLY A 174 -18.56 16.31 46.74
C GLY A 174 -19.68 16.63 47.71
N GLN A 175 -19.75 15.92 48.83
CA GLN A 175 -20.81 16.17 49.80
C GLN A 175 -20.45 17.29 50.79
N MET A 176 -21.21 18.38 50.78
CA MET A 176 -20.98 19.51 51.69
C MET A 176 -20.98 19.05 53.14
N GLY A 177 -20.24 19.77 53.96
CA GLY A 177 -20.20 19.48 55.38
C GLY A 177 -21.45 20.02 56.01
N PRO A 178 -21.78 19.51 57.21
CA PRO A 178 -23.06 19.83 57.84
C PRO A 178 -23.21 21.31 58.20
N ASN A 179 -24.44 21.78 58.15
CA ASN A 179 -24.77 23.15 58.52
C ASN A 179 -24.70 23.34 60.04
N LEU A 180 -23.62 23.98 60.51
CA LEU A 180 -23.42 24.21 61.94
C LEU A 180 -23.16 25.69 62.16
N PRO A 181 -23.28 26.17 63.41
CA PRO A 181 -22.90 27.54 63.73
C PRO A 181 -21.38 27.68 63.96
N TYR A 182 -20.61 27.41 62.91
CA TYR A 182 -19.17 27.46 62.95
C TYR A 182 -18.67 28.80 63.48
N GLY A 183 -17.55 28.80 64.19
CA GLY A 183 -16.98 30.01 64.76
C GLY A 183 -17.45 30.36 66.17
N GLU A 184 -18.73 30.15 66.45
CA GLU A 184 -19.28 30.46 67.76
C GLU A 184 -18.90 29.37 68.77
N GLU A 185 -19.04 29.70 70.05
CA GLU A 185 -18.33 29.00 71.10
C GLU A 185 -18.67 27.51 71.25
N GLY A 186 -17.62 26.70 71.26
CA GLY A 186 -17.73 25.28 71.57
C GLY A 186 -17.90 24.39 70.35
N VAL A 187 -18.03 24.98 69.16
CA VAL A 187 -18.34 24.16 67.98
C VAL A 187 -17.09 23.99 67.14
N LEU A 188 -16.82 22.73 66.83
CA LEU A 188 -15.61 22.34 66.14
C LEU A 188 -15.84 22.41 64.63
N GLY A 189 -14.78 22.81 63.92
CA GLY A 189 -14.81 22.92 62.46
C GLY A 189 -14.69 24.35 61.99
N VAL A 190 -14.13 24.53 60.81
CA VAL A 190 -13.79 25.86 60.32
C VAL A 190 -14.98 26.48 59.56
N MET A 191 -15.58 25.70 58.66
CA MET A 191 -16.69 26.18 57.82
C MET A 191 -17.30 24.94 57.17
N PRO A 192 -18.37 25.10 56.39
CA PRO A 192 -19.03 23.89 55.87
C PRO A 192 -18.14 23.08 54.95
N THR A 193 -17.26 23.74 54.20
CA THR A 193 -16.31 23.03 53.32
C THR A 193 -15.13 22.47 54.07
N TRP A 194 -14.98 22.83 55.34
CA TRP A 194 -13.91 22.29 56.19
C TRP A 194 -14.45 21.86 57.57
N PRO A 195 -15.28 20.81 57.61
CA PRO A 195 -15.78 20.36 58.91
C PRO A 195 -14.72 19.58 59.70
N GLN A 196 -15.03 19.36 60.97
CA GLN A 196 -14.15 18.61 61.87
C GLN A 196 -13.85 17.24 61.30
N ALA A 197 -12.58 16.90 61.23
CA ALA A 197 -12.15 15.55 60.91
C ALA A 197 -11.53 14.87 62.12
N ALA A 198 -11.32 13.57 62.01
CA ALA A 198 -10.86 12.77 63.12
C ALA A 198 -10.14 11.52 62.62
N ALA A 199 -9.31 10.94 63.48
CA ALA A 199 -8.49 9.82 63.06
C ALA A 199 -9.09 8.56 63.57
N ALA A 200 -8.90 7.48 62.82
CA ALA A 200 -9.45 6.19 63.20
C ALA A 200 -8.47 5.43 64.09
N LEU A 201 -9.00 4.60 64.97
CA LEU A 201 -8.17 3.82 65.87
C LEU A 201 -7.47 2.73 65.08
N PRO A 202 -6.30 2.28 65.55
CA PRO A 202 -5.66 1.14 64.90
C PRO A 202 -6.54 -0.10 64.93
N ALA A 203 -6.40 -0.95 63.93
CA ALA A 203 -7.14 -2.22 63.86
C ALA A 203 -6.72 -3.14 65.01
N ALA A 204 -7.65 -4.00 65.44
CA ALA A 204 -7.38 -4.95 66.50
C ALA A 204 -6.38 -6.02 66.07
N ARG A 205 -5.71 -6.62 67.07
CA ARG A 205 -4.84 -7.77 66.86
C ARG A 205 -5.71 -8.93 66.37
N GLY A 206 -5.23 -9.66 65.37
CA GLY A 206 -6.00 -10.76 64.77
C GLY A 206 -6.71 -10.36 63.50
N SER A 207 -6.95 -9.05 63.34
CA SER A 207 -7.53 -8.50 62.13
C SER A 207 -6.44 -7.83 61.30
N ALA A 208 -6.00 -8.54 60.26
CA ALA A 208 -4.98 -8.05 59.33
C ALA A 208 -5.30 -8.51 57.91
N PHE A 209 -4.83 -7.74 56.95
CA PHE A 209 -5.17 -7.96 55.57
C PHE A 209 -4.55 -9.24 55.04
N ASP A 210 -5.36 -10.01 54.30
CA ASP A 210 -4.89 -11.20 53.61
C ASP A 210 -4.29 -10.82 52.26
N TRP A 211 -2.98 -10.56 52.26
CA TRP A 211 -2.23 -10.33 51.03
C TRP A 211 -2.20 -11.53 50.08
N GLU A 212 -2.45 -12.74 50.60
CA GLU A 212 -2.42 -13.97 49.81
C GLU A 212 -1.06 -14.12 49.11
N GLY A 213 0.00 -13.84 49.86
CA GLY A 213 1.37 -13.91 49.34
C GLY A 213 1.74 -12.87 48.30
N ASP A 214 1.14 -11.68 48.35
CA ASP A 214 1.50 -10.59 47.45
C ASP A 214 2.77 -9.93 47.95
N THR A 215 3.57 -9.45 47.00
CA THR A 215 4.82 -8.77 47.26
C THR A 215 4.99 -7.68 46.21
N PRO A 216 5.76 -6.63 46.51
CA PRO A 216 6.14 -5.71 45.41
C PRO A 216 6.81 -6.46 44.26
N LEU A 217 6.66 -5.98 43.03
CA LEU A 217 7.09 -6.76 41.88
C LEU A 217 8.54 -6.57 41.51
N ASN A 218 9.12 -5.49 42.02
CA ASN A 218 10.48 -5.08 41.68
C ASN A 218 10.90 -5.29 40.22
N LEU A 219 10.06 -4.87 39.28
CA LEU A 219 10.40 -4.98 37.87
C LEU A 219 11.59 -4.06 37.55
N PRO A 220 12.54 -4.50 36.69
CA PRO A 220 13.62 -3.59 36.32
C PRO A 220 13.05 -2.32 35.69
N MET A 221 13.52 -1.15 36.13
CA MET A 221 12.98 0.14 35.70
C MET A 221 12.90 0.29 34.17
N GLU A 222 13.93 -0.19 33.47
CA GLU A 222 14.04 0.03 32.03
C GLU A 222 12.94 -0.71 31.28
N SER A 223 12.37 -1.71 31.92
CA SER A 223 11.28 -2.46 31.31
C SER A 223 9.91 -1.83 31.47
N LEU A 224 9.78 -0.66 32.08
CA LEU A 224 8.47 -0.13 32.42
C LEU A 224 7.81 0.72 31.32
N VAL A 225 6.47 0.63 31.28
CA VAL A 225 5.59 1.54 30.56
C VAL A 225 4.57 2.07 31.57
N ILE A 226 4.67 3.35 31.88
CA ILE A 226 3.90 3.93 32.97
C ILE A 226 2.66 4.55 32.38
N TYR A 227 1.51 4.26 33.00
CA TYR A 227 0.24 4.89 32.69
C TYR A 227 -0.07 5.81 33.87
N GLU A 228 -0.32 7.09 33.60
CA GLU A 228 -0.60 8.08 34.62
C GLU A 228 -2.09 8.24 34.79
N ALA A 229 -2.62 7.95 35.97
CA ALA A 229 -4.07 7.81 36.13
C ALA A 229 -4.60 8.47 37.40
N HIS A 230 -5.87 8.80 37.38
CA HIS A 230 -6.52 9.40 38.52
C HIS A 230 -7.57 8.41 38.96
N VAL A 231 -7.67 8.13 40.25
CA VAL A 231 -8.59 7.07 40.69
C VAL A 231 -10.08 7.34 40.35
N ARG A 232 -10.56 8.55 40.64
CA ARG A 232 -11.92 8.91 40.33
C ARG A 232 -12.20 8.91 38.84
N GLY A 233 -11.28 9.46 38.07
CA GLY A 233 -11.53 9.70 36.65
C GLY A 233 -11.43 8.42 35.84
N PHE A 234 -10.74 7.43 36.41
CA PHE A 234 -10.58 6.15 35.75
C PHE A 234 -11.92 5.48 35.45
N THR A 235 -12.93 5.66 36.31
CA THR A 235 -14.26 5.02 36.13
C THR A 235 -15.48 5.90 36.43
N ALA A 236 -15.27 7.19 36.70
CA ALA A 236 -16.37 8.09 37.08
C ALA A 236 -17.38 8.28 35.97
N HIS A 237 -16.97 8.17 34.71
CA HIS A 237 -17.92 8.32 33.58
C HIS A 237 -18.94 7.18 33.50
N ALA A 238 -20.19 7.54 33.25
CA ALA A 238 -21.28 6.58 33.12
C ALA A 238 -20.90 5.33 32.34
N SER A 239 -20.07 5.50 31.30
CA SER A 239 -19.70 4.42 30.39
C SER A 239 -18.74 3.36 30.99
N SER A 240 -18.15 3.64 32.15
CA SER A 240 -17.29 2.65 32.80
C SER A 240 -18.06 1.39 33.07
N GLY A 241 -19.32 1.55 33.46
CA GLY A 241 -20.19 0.43 33.76
C GLY A 241 -19.83 -0.33 35.04
N VAL A 242 -18.89 0.19 35.82
CA VAL A 242 -18.51 -0.46 37.07
C VAL A 242 -19.61 -0.28 38.14
N ALA A 243 -19.55 -1.13 39.16
CA ALA A 243 -20.49 -1.14 40.28
C ALA A 243 -20.32 0.09 41.18
N ALA A 244 -19.07 0.56 41.30
CA ALA A 244 -18.71 1.66 42.19
C ALA A 244 -17.86 2.68 41.44
N PRO A 245 -18.52 3.52 40.62
CA PRO A 245 -17.75 4.52 39.83
C PRO A 245 -16.85 5.42 40.68
N GLY A 246 -15.67 5.76 40.15
CA GLY A 246 -14.78 6.73 40.77
C GLY A 246 -14.10 6.29 42.06
N THR A 247 -14.02 4.99 42.32
CA THR A 247 -13.41 4.48 43.55
C THR A 247 -12.29 3.50 43.27
N TYR A 248 -11.59 3.10 44.35
CA TYR A 248 -10.54 2.07 44.30
C TYR A 248 -11.11 0.75 43.76
N ALA A 249 -12.14 0.24 44.41
CA ALA A 249 -12.86 -0.98 43.95
C ALA A 249 -13.31 -0.90 42.50
N GLY A 250 -13.84 0.26 42.11
CA GLY A 250 -14.18 0.53 40.71
C GLY A 250 -12.99 0.39 39.78
N MET A 251 -11.88 0.99 40.18
CA MET A 251 -10.70 0.84 39.38
C MET A 251 -10.33 -0.64 39.19
N VAL A 252 -10.44 -1.45 40.24
CA VAL A 252 -10.19 -2.90 40.09
C VAL A 252 -11.01 -3.53 38.95
N GLU A 253 -12.28 -3.18 38.81
CA GLU A 253 -13.13 -3.78 37.74
C GLU A 253 -12.61 -3.53 36.32
N ARG A 254 -11.77 -2.52 36.11
CA ARG A 254 -11.33 -2.21 34.77
C ARG A 254 -9.82 -2.29 34.63
N LEU A 255 -9.18 -2.94 35.61
CA LEU A 255 -7.74 -3.16 35.53
C LEU A 255 -7.34 -4.04 34.37
N ASP A 256 -8.24 -4.88 33.89
CA ASP A 256 -7.93 -5.80 32.80
C ASP A 256 -7.60 -5.04 31.53
N TYR A 257 -8.26 -3.91 31.34
CA TYR A 257 -8.04 -3.09 30.18
C TYR A 257 -6.61 -2.61 30.15
N LEU A 258 -6.05 -2.33 31.31
CA LEU A 258 -4.68 -1.82 31.37
C LEU A 258 -3.71 -2.90 31.00
N LYS A 259 -3.93 -4.10 31.51
CA LYS A 259 -3.05 -5.20 31.21
C LYS A 259 -3.06 -5.51 29.72
N SER A 260 -4.24 -5.42 29.12
CA SER A 260 -4.39 -5.68 27.70
C SER A 260 -3.83 -4.56 26.86
N LEU A 261 -3.76 -3.36 27.44
CA LEU A 261 -3.13 -2.21 26.79
C LEU A 261 -1.61 -2.40 26.70
N GLY A 262 -1.06 -3.21 27.60
CA GLY A 262 0.39 -3.51 27.61
C GLY A 262 1.17 -2.73 28.66
N VAL A 263 0.46 -1.95 29.45
CA VAL A 263 1.04 -1.20 30.56
C VAL A 263 1.41 -2.13 31.72
N ASN A 264 2.54 -1.86 32.36
CA ASN A 264 2.97 -2.59 33.54
C ASN A 264 3.30 -1.72 34.76
N ALA A 265 2.89 -0.46 34.73
CA ALA A 265 2.95 0.38 35.91
C ALA A 265 1.89 1.46 35.84
N ILE A 266 1.25 1.70 36.98
CA ILE A 266 0.27 2.76 37.04
C ILE A 266 0.74 3.75 38.09
N GLU A 267 0.66 5.02 37.71
CA GLU A 267 1.02 6.11 38.58
C GLU A 267 -0.24 6.84 38.92
N LEU A 268 -0.64 6.70 40.17
CA LEU A 268 -1.86 7.31 40.67
C LEU A 268 -1.61 8.72 41.14
N LEU A 269 -2.38 9.67 40.62
CA LEU A 269 -2.40 11.02 41.16
C LEU A 269 -2.70 10.94 42.68
N PRO A 270 -2.45 12.01 43.44
CA PRO A 270 -2.46 11.94 44.91
C PRO A 270 -3.67 11.19 45.51
N VAL A 271 -3.30 10.26 46.37
CA VAL A 271 -4.15 9.22 46.86
C VAL A 271 -4.27 9.39 48.40
N PHE A 272 -3.49 10.32 48.95
CA PHE A 272 -3.56 10.67 50.35
C PHE A 272 -4.74 11.60 50.57
N GLU A 273 -5.40 11.45 51.70
CA GLU A 273 -6.48 12.31 52.06
C GLU A 273 -6.25 13.76 51.61
N PHE A 274 -7.19 14.26 50.81
CA PHE A 274 -7.31 15.68 50.48
C PHE A 274 -8.79 16.09 50.47
N ASN A 275 -9.00 17.40 50.42
CA ASN A 275 -10.33 17.97 50.46
C ASN A 275 -10.68 18.54 49.12
N GLU A 276 -11.57 17.84 48.43
CA GLU A 276 -12.01 18.23 47.12
C GLU A 276 -12.91 19.48 47.14
N LEU A 277 -13.37 19.88 48.32
CA LEU A 277 -14.23 21.05 48.46
C LEU A 277 -13.45 22.33 48.71
N GLU A 278 -12.12 22.26 48.66
CA GLU A 278 -11.32 23.39 49.08
C GLU A 278 -11.32 24.54 48.04
N TYR A 279 -11.66 24.23 46.79
CA TYR A 279 -11.90 25.26 45.77
C TYR A 279 -13.37 25.30 45.37
N TYR A 280 -14.28 24.92 46.26
CA TYR A 280 -15.70 24.84 45.89
C TYR A 280 -16.30 26.23 45.61
N SER A 281 -16.73 26.45 44.37
CA SER A 281 -17.37 27.71 43.99
C SER A 281 -17.96 27.53 42.61
N GLN A 282 -18.83 28.46 42.23
CA GLN A 282 -19.63 28.29 41.03
C GLN A 282 -18.85 28.73 39.81
N ILE A 283 -19.03 28.00 38.72
CA ILE A 283 -18.47 28.38 37.42
C ILE A 283 -19.46 29.33 36.74
N PRO A 284 -19.05 30.61 36.53
CA PRO A 284 -19.92 31.53 35.81
C PRO A 284 -20.23 31.04 34.41
N GLY A 285 -21.46 31.25 33.95
CA GLY A 285 -21.94 30.72 32.68
C GLY A 285 -22.49 29.30 32.83
N SER A 286 -22.56 28.83 34.07
CA SER A 286 -22.90 27.45 34.35
C SER A 286 -23.37 27.23 35.79
N ASP A 287 -24.02 26.08 36.00
CA ASP A 287 -24.39 25.60 37.33
C ASP A 287 -23.42 24.52 37.82
N GLN A 288 -22.41 24.23 37.00
CA GLN A 288 -21.27 23.41 37.40
C GLN A 288 -20.48 24.15 38.48
N TYR A 289 -19.92 23.40 39.41
CA TYR A 289 -19.06 23.96 40.47
C TYR A 289 -17.64 23.41 40.34
N ARG A 290 -16.64 24.23 40.66
CA ARG A 290 -15.28 23.74 40.59
C ARG A 290 -14.86 23.10 41.92
N PHE A 291 -13.93 22.15 41.83
CA PHE A 291 -13.48 21.34 42.96
C PHE A 291 -11.97 21.35 42.97
N ASN A 292 -11.40 20.78 44.03
CA ASN A 292 -10.04 20.32 43.96
C ASN A 292 -10.08 18.84 43.55
N PHE A 293 -9.99 18.62 42.24
CA PHE A 293 -10.16 17.30 41.67
C PHE A 293 -8.86 16.49 41.69
N TRP A 294 -7.78 17.05 41.17
CA TRP A 294 -6.50 16.31 41.08
C TRP A 294 -6.01 15.84 42.44
N GLY A 295 -6.02 16.75 43.44
CA GLY A 295 -5.62 16.41 44.81
C GLY A 295 -4.21 16.86 45.22
N TYR A 296 -3.62 17.81 44.50
CA TYR A 296 -2.29 18.33 44.88
C TYR A 296 -2.45 19.33 46.03
N SER A 297 -2.90 18.83 47.18
CA SER A 297 -3.16 19.70 48.33
C SER A 297 -3.53 18.83 49.50
N THR A 298 -2.52 18.26 50.14
CA THR A 298 -2.72 17.14 51.04
C THR A 298 -3.07 17.56 52.48
N VAL A 299 -4.15 16.95 52.98
CA VAL A 299 -4.64 17.10 54.35
C VAL A 299 -3.92 16.15 55.31
N ASN A 300 -3.81 14.87 54.92
CA ASN A 300 -3.11 13.83 55.69
C ASN A 300 -2.38 12.82 54.81
N TYR A 301 -1.13 12.53 55.14
CA TYR A 301 -0.19 11.79 54.31
C TYR A 301 -0.11 10.29 54.60
N PHE A 302 -0.62 9.87 55.77
CA PHE A 302 -0.61 8.47 56.16
C PHE A 302 -1.96 7.79 55.84
N SER A 303 -3.01 8.55 55.54
CA SER A 303 -4.37 7.99 55.28
C SER A 303 -4.80 7.97 53.80
N PRO A 304 -5.34 6.82 53.33
CA PRO A 304 -5.86 6.82 51.96
C PRO A 304 -7.01 7.82 51.84
N MET A 305 -7.24 8.39 50.66
CA MET A 305 -8.36 9.29 50.47
C MET A 305 -9.65 8.50 50.69
N GLY A 306 -10.40 8.87 51.71
CA GLY A 306 -11.64 8.20 52.07
C GLY A 306 -12.70 8.33 51.00
N ARG A 307 -12.76 9.47 50.31
CA ARG A 307 -13.79 9.73 49.28
C ARG A 307 -13.44 9.18 47.88
N PHE A 308 -12.43 8.32 47.86
CA PHE A 308 -12.19 7.35 46.79
C PHE A 308 -12.59 5.94 47.26
N SER A 309 -12.95 5.77 48.52
CA SER A 309 -13.35 4.44 48.99
C SER A 309 -14.87 4.21 48.85
N ALA A 310 -15.22 3.21 48.02
CA ALA A 310 -16.63 2.76 47.89
C ALA A 310 -17.25 2.44 49.24
N ALA A 311 -16.47 1.75 50.07
CA ALA A 311 -16.93 1.30 51.39
C ALA A 311 -17.24 2.46 52.32
N VAL A 312 -16.39 3.47 52.31
CA VAL A 312 -16.64 4.64 53.12
C VAL A 312 -17.94 5.32 52.68
N GLY A 313 -18.20 5.34 51.37
CA GLY A 313 -19.44 5.91 50.85
C GLY A 313 -20.66 5.14 51.27
N GLN A 314 -20.47 3.86 51.55
CA GLN A 314 -21.55 2.98 52.00
C GLN A 314 -21.67 2.94 53.52
N GLY A 315 -20.91 3.78 54.22
CA GLY A 315 -21.02 3.91 55.68
C GLY A 315 -20.13 2.97 56.49
N ALA A 316 -19.09 2.44 55.86
CA ALA A 316 -18.15 1.52 56.55
C ALA A 316 -17.30 2.29 57.53
N PRO A 317 -16.68 1.59 58.51
CA PRO A 317 -15.75 2.29 59.38
C PRO A 317 -14.61 2.90 58.57
N ALA A 318 -13.96 3.93 59.12
CA ALA A 318 -12.95 4.70 58.39
C ALA A 318 -11.78 3.89 57.82
N ARG A 319 -11.40 2.79 58.47
CA ARG A 319 -10.28 1.95 58.00
C ARG A 319 -10.60 1.16 56.73
N ALA A 320 -11.88 1.06 56.39
CA ALA A 320 -12.31 0.40 55.15
C ALA A 320 -11.50 0.87 53.92
N SER A 321 -11.20 2.16 53.84
CA SER A 321 -10.34 2.67 52.76
C SER A 321 -8.99 1.94 52.70
N CYS A 322 -8.37 1.70 53.85
CA CYS A 322 -7.11 0.97 53.93
C CYS A 322 -7.15 -0.39 53.24
N ASP A 323 -8.15 -1.19 53.55
CA ASP A 323 -8.22 -2.54 53.02
C ASP A 323 -8.64 -2.51 51.55
N GLU A 324 -9.41 -1.50 51.17
CA GLU A 324 -9.85 -1.33 49.79
C GLU A 324 -8.67 -0.92 48.90
N PHE A 325 -7.82 -0.04 49.41
CA PHE A 325 -6.60 0.30 48.71
C PHE A 325 -5.68 -0.91 48.56
N LYS A 326 -5.50 -1.66 49.65
CA LYS A 326 -4.66 -2.87 49.64
C LYS A 326 -5.14 -3.82 48.57
N GLN A 327 -6.45 -4.02 48.52
CA GLN A 327 -7.04 -4.88 47.52
C GLN A 327 -6.59 -4.42 46.13
N LEU A 328 -6.73 -3.13 45.85
CA LEU A 328 -6.33 -2.59 44.54
C LEU A 328 -4.91 -2.94 44.18
N VAL A 329 -4.00 -2.84 45.15
CA VAL A 329 -2.58 -3.08 44.89
C VAL A 329 -2.35 -4.58 44.61
N LYS A 330 -3.05 -5.42 45.35
CA LYS A 330 -3.01 -6.85 45.12
C LYS A 330 -3.42 -7.14 43.68
N GLU A 331 -4.54 -6.53 43.27
CA GLU A 331 -5.08 -6.75 41.93
C GLU A 331 -4.15 -6.27 40.82
N CYS A 332 -3.50 -5.14 41.05
CA CYS A 332 -2.49 -4.63 40.12
C CYS A 332 -1.36 -5.63 39.96
N HIS A 333 -0.86 -6.09 41.08
CA HIS A 333 0.27 -6.99 41.09
C HIS A 333 -0.04 -8.33 40.43
N ARG A 334 -1.22 -8.87 40.70
CA ARG A 334 -1.70 -10.06 40.00
C ARG A 334 -1.62 -9.91 38.50
N ARG A 335 -1.90 -8.71 38.01
CA ARG A 335 -1.91 -8.42 36.58
C ARG A 335 -0.58 -7.93 36.00
N GLY A 336 0.50 -7.96 36.78
CA GLY A 336 1.83 -7.55 36.31
C GLY A 336 2.09 -6.05 36.38
N ILE A 337 1.19 -5.34 37.07
CA ILE A 337 1.20 -3.88 37.13
C ILE A 337 1.72 -3.35 38.47
N GLU A 338 2.82 -2.59 38.42
CA GLU A 338 3.34 -1.94 39.61
C GLU A 338 2.53 -0.65 39.90
N VAL A 339 2.58 -0.24 41.16
CA VAL A 339 1.86 0.91 41.62
C VAL A 339 2.86 1.97 42.09
N ILE A 340 2.76 3.14 41.49
CA ILE A 340 3.60 4.26 41.78
C ILE A 340 2.74 5.39 42.27
N LEU A 341 3.03 5.92 43.47
CA LEU A 341 2.24 7.01 44.01
C LEU A 341 2.87 8.37 43.83
N ASP A 342 2.10 9.26 43.25
CA ASP A 342 2.39 10.68 43.20
C ASP A 342 2.23 11.23 44.62
N VAL A 343 3.30 11.75 45.20
CA VAL A 343 3.27 12.25 46.57
C VAL A 343 3.65 13.74 46.63
N VAL A 344 2.97 14.50 47.48
CA VAL A 344 3.13 15.96 47.47
C VAL A 344 3.63 16.46 48.83
N PHE A 345 4.94 16.33 49.03
CA PHE A 345 5.59 16.63 50.31
C PHE A 345 6.19 18.03 50.34
N ASN A 346 5.82 18.86 49.38
CA ASN A 346 6.39 20.21 49.27
C ASN A 346 5.50 21.32 49.77
N HIS A 347 4.22 21.03 49.99
CA HIS A 347 3.28 21.98 50.58
C HIS A 347 2.09 21.17 51.10
N THR A 348 1.22 21.77 51.88
CA THR A 348 0.04 21.07 52.43
C THR A 348 -1.21 21.89 52.19
N ALA A 349 -2.35 21.26 52.42
CA ALA A 349 -3.67 21.88 52.33
C ALA A 349 -3.93 23.06 53.28
N GLU A 350 -3.06 23.29 54.27
CA GLU A 350 -3.30 24.36 55.26
C GLU A 350 -3.07 25.76 54.70
N GLY A 351 -2.49 25.81 53.50
CA GLY A 351 -2.20 27.06 52.81
C GLY A 351 -1.28 27.94 53.64
N ASN A 352 -1.42 29.25 53.45
CA ASN A 352 -0.76 30.26 54.25
C ASN A 352 -1.61 30.60 55.47
N GLU A 353 -1.28 31.70 56.15
CA GLU A 353 -1.99 32.13 57.36
C GLU A 353 -3.51 32.24 57.21
N ARG A 354 -3.96 32.52 55.98
CA ARG A 354 -5.39 32.65 55.68
C ARG A 354 -6.07 31.32 55.45
N GLY A 355 -5.30 30.23 55.48
CA GLY A 355 -5.84 28.91 55.28
C GLY A 355 -6.34 28.34 56.58
N PRO A 356 -6.83 27.10 56.54
CA PRO A 356 -7.42 26.50 57.71
C PRO A 356 -6.36 25.84 58.55
N THR A 357 -6.59 25.80 59.86
CA THR A 357 -5.73 25.08 60.79
C THR A 357 -6.34 23.71 60.98
N ILE A 358 -5.69 22.67 60.47
CA ILE A 358 -6.22 21.31 60.61
C ILE A 358 -5.25 20.24 61.15
N SER A 359 -3.93 20.49 61.05
CA SER A 359 -2.94 19.54 61.57
C SER A 359 -1.64 20.26 61.96
N PHE A 360 -0.68 20.34 61.04
CA PHE A 360 0.68 20.82 61.31
C PHE A 360 0.73 22.20 61.97
N ARG A 361 0.10 23.18 61.33
CA ARG A 361 0.05 24.55 61.88
C ARG A 361 -0.29 24.59 63.36
N GLY A 362 -1.28 23.82 63.77
CA GLY A 362 -1.71 23.82 65.16
C GLY A 362 -0.95 22.91 66.08
N LEU A 363 -0.06 22.09 65.55
CA LEU A 363 0.79 21.25 66.40
C LEU A 363 2.14 21.95 66.68
N ASP A 364 2.80 22.37 65.61
CA ASP A 364 4.11 23.00 65.69
C ASP A 364 4.44 23.63 64.33
N ASN A 365 3.90 24.83 64.13
CA ASN A 365 4.02 25.56 62.87
C ASN A 365 5.51 25.87 62.55
N ARG A 366 6.32 26.14 63.58
CA ARG A 366 7.72 26.52 63.37
C ARG A 366 8.55 25.34 62.90
N VAL A 367 8.20 24.14 63.35
CA VAL A 367 8.87 22.92 62.87
C VAL A 367 8.46 22.58 61.43
N TYR A 368 7.15 22.49 61.18
CA TYR A 368 6.63 21.88 59.95
C TYR A 368 6.69 22.71 58.67
N TYR A 369 6.52 24.03 58.78
CA TYR A 369 6.56 24.90 57.60
C TYR A 369 7.84 25.76 57.47
N MET A 370 8.21 26.04 56.22
CA MET A 370 9.35 26.89 55.93
C MET A 370 8.94 28.35 56.16
N LEU A 371 9.53 28.98 57.17
CA LEU A 371 9.11 30.32 57.63
C LEU A 371 10.25 31.36 57.68
N ALA A 372 9.88 32.60 57.37
CA ALA A 372 10.75 33.76 57.52
C ALA A 372 10.70 34.25 58.98
N PRO A 373 11.64 35.13 59.37
CA PRO A 373 11.74 35.52 60.77
C PRO A 373 10.51 36.19 61.36
N GLY A 374 9.67 36.79 60.51
CA GLY A 374 8.38 37.33 60.94
C GLY A 374 7.24 36.32 61.02
N GLY A 375 7.47 35.12 60.50
CA GLY A 375 6.46 34.08 60.44
C GLY A 375 5.77 33.98 59.10
N GLU A 376 6.27 34.71 58.11
CA GLU A 376 5.69 34.68 56.79
C GLU A 376 6.03 33.32 56.21
N TYR A 377 5.08 32.76 55.44
CA TYR A 377 5.25 31.45 54.77
C TYR A 377 6.04 31.57 53.47
N TYR A 378 7.14 30.85 53.33
CA TYR A 378 7.77 30.72 52.03
C TYR A 378 6.79 30.05 51.09
N ASN A 379 6.79 30.46 49.84
CA ASN A 379 5.90 29.92 48.84
C ASN A 379 6.62 29.43 47.58
N TYR A 380 7.52 28.47 47.76
CA TYR A 380 8.21 27.83 46.64
C TYR A 380 7.30 26.86 45.91
N SER A 381 6.27 26.37 46.59
CA SER A 381 5.26 25.53 45.94
C SER A 381 4.33 26.29 45.01
N GLY A 382 4.20 27.61 45.20
CA GLY A 382 3.16 28.37 44.50
C GLY A 382 1.74 28.01 44.92
N CYS A 383 1.57 27.27 46.03
CA CYS A 383 0.24 26.86 46.55
C CYS A 383 -0.12 27.41 47.93
N GLY A 384 0.74 28.23 48.54
CA GLY A 384 0.45 28.83 49.86
C GLY A 384 1.58 28.70 50.86
N ASN A 385 1.96 27.47 51.18
CA ASN A 385 3.08 27.19 52.08
C ASN A 385 4.16 26.27 51.46
N THR A 386 5.22 26.10 52.23
CA THR A 386 6.27 25.21 51.85
C THR A 386 6.66 24.41 53.06
N LEU A 387 6.60 23.09 52.93
CA LEU A 387 6.95 22.20 54.01
C LEU A 387 8.46 22.28 54.22
N ASN A 388 8.84 22.15 55.50
CA ASN A 388 10.17 22.39 56.00
C ASN A 388 10.95 21.07 55.93
N CYS A 389 11.12 20.59 54.70
CA CYS A 389 11.47 19.21 54.45
C CYS A 389 12.74 18.68 55.15
N ASN A 390 13.81 19.49 55.21
CA ASN A 390 15.08 19.01 55.75
C ASN A 390 15.24 19.24 57.24
N GLN A 391 14.21 19.80 57.87
CA GLN A 391 14.15 19.92 59.31
C GLN A 391 14.00 18.52 59.88
N PRO A 392 14.78 18.17 60.90
CA PRO A 392 14.91 16.72 61.22
C PRO A 392 13.61 16.00 61.61
N VAL A 393 12.68 16.67 62.28
CA VAL A 393 11.39 16.02 62.61
C VAL A 393 10.57 15.77 61.34
N VAL A 394 10.50 16.78 60.49
CA VAL A 394 9.86 16.70 59.17
C VAL A 394 10.51 15.66 58.26
N ARG A 395 11.83 15.67 58.15
CA ARG A 395 12.56 14.60 57.45
C ARG A 395 12.09 13.21 57.88
N GLN A 396 12.02 13.01 59.20
CA GLN A 396 11.65 11.73 59.77
C GLN A 396 10.18 11.42 59.42
N PHE A 397 9.35 12.47 59.33
CA PHE A 397 7.94 12.31 59.01
C PHE A 397 7.81 11.66 57.64
N ILE A 398 8.71 12.10 56.73
CA ILE A 398 8.60 11.80 55.32
C ILE A 398 9.16 10.41 55.08
N LEU A 399 10.35 10.19 55.61
CA LEU A 399 10.87 8.84 55.73
C LEU A 399 9.78 7.87 56.18
N ASP A 400 9.21 8.09 57.34
CA ASP A 400 8.22 7.18 57.91
C ASP A 400 7.04 6.94 56.98
N CYS A 401 6.60 8.03 56.35
CA CYS A 401 5.48 8.00 55.44
C CYS A 401 5.70 7.06 54.27
N LEU A 402 6.88 7.17 53.66
CA LEU A 402 7.24 6.38 52.50
C LEU A 402 7.36 4.91 52.88
N LYS A 403 8.06 4.66 53.98
CA LYS A 403 8.14 3.30 54.52
C LYS A 403 6.76 2.76 54.85
N HIS A 404 5.90 3.60 55.41
CA HIS A 404 4.53 3.18 55.72
C HIS A 404 3.81 2.66 54.45
N TRP A 405 3.91 3.39 53.34
CA TRP A 405 3.17 3.00 52.15
C TRP A 405 3.74 1.75 51.48
N VAL A 406 5.06 1.65 51.46
CA VAL A 406 5.72 0.49 50.91
C VAL A 406 5.39 -0.76 51.75
N THR A 407 5.61 -0.67 53.05
CA THR A 407 5.45 -1.79 53.95
C THR A 407 3.99 -2.20 54.18
N GLU A 408 3.10 -1.24 54.35
CA GLU A 408 1.72 -1.58 54.66
C GLU A 408 0.86 -1.79 53.44
N TYR A 409 1.16 -1.07 52.35
CA TYR A 409 0.32 -1.09 51.15
C TYR A 409 1.00 -1.72 49.90
N HIS A 410 2.25 -2.18 50.07
CA HIS A 410 2.98 -2.97 49.06
C HIS A 410 3.22 -2.21 47.74
N VAL A 411 3.24 -0.89 47.85
CA VAL A 411 3.48 0.02 46.75
C VAL A 411 4.93 -0.12 46.20
N ASP A 412 5.13 0.20 44.90
CA ASP A 412 6.41 -0.06 44.19
C ASP A 412 7.28 1.17 43.96
N GLY A 413 6.72 2.36 44.09
CA GLY A 413 7.47 3.57 43.77
C GLY A 413 6.72 4.84 44.06
N PHE A 414 7.47 5.94 44.07
CA PHE A 414 6.90 7.25 44.36
C PHE A 414 7.32 8.24 43.31
N ARG A 415 6.44 9.18 43.00
CA ARG A 415 6.77 10.31 42.13
C ARG A 415 6.60 11.57 42.95
N PHE A 416 7.71 12.27 43.19
CA PHE A 416 7.76 13.41 44.09
C PHE A 416 7.47 14.73 43.39
N ASP A 417 6.28 15.25 43.64
CA ASP A 417 5.84 16.55 43.09
C ASP A 417 6.81 17.65 43.54
N LEU A 418 7.15 18.51 42.61
CA LEU A 418 8.13 19.59 42.84
C LEU A 418 9.32 19.22 43.76
N ALA A 419 10.01 18.15 43.38
CA ALA A 419 11.08 17.55 44.20
C ALA A 419 12.25 18.48 44.54
N SER A 420 12.40 19.58 43.82
CA SER A 420 13.46 20.53 44.14
C SER A 420 13.32 21.11 45.54
N ILE A 421 12.09 21.21 46.01
CA ILE A 421 11.85 21.75 47.34
C ILE A 421 12.43 20.83 48.44
N LEU A 422 12.47 19.53 48.17
CA LEU A 422 13.16 18.60 49.05
C LEU A 422 14.71 18.80 49.08
N THR A 423 15.26 19.62 48.18
CA THR A 423 16.70 19.92 48.23
C THR A 423 17.00 21.18 48.98
N ARG A 424 15.97 21.98 49.25
CA ARG A 424 16.18 23.30 49.84
C ARG A 424 16.32 23.28 51.36
N ALA A 425 17.23 24.13 51.84
CA ALA A 425 17.56 24.21 53.27
C ALA A 425 16.43 24.79 54.08
N HIS A 426 16.16 24.20 55.25
CA HIS A 426 15.03 24.59 56.12
C HIS A 426 15.23 25.90 56.90
N SER A 427 14.15 26.32 57.56
CA SER A 427 14.14 27.41 58.57
C SER A 427 14.25 26.84 59.99
N ALA A 428 15.25 27.29 60.76
CA ALA A 428 15.40 26.89 62.17
C ALA A 428 15.11 28.02 63.18
N TRP A 429 14.57 27.63 64.33
CA TRP A 429 14.24 28.48 65.45
C TRP A 429 14.95 27.89 66.68
N HIS A 430 15.38 28.76 67.60
CA HIS A 430 15.90 28.30 68.88
C HIS A 430 14.78 27.68 69.72
N PRO A 431 15.11 26.61 70.47
CA PRO A 431 14.16 26.02 71.44
C PRO A 431 13.63 27.08 72.39
N GLN A 432 12.33 27.02 72.73
CA GLN A 432 11.73 28.04 73.59
C GLN A 432 12.33 27.98 74.98
N GLN A 433 12.83 29.11 75.48
CA GLN A 433 13.44 29.18 76.81
C GLN A 433 12.39 29.73 77.78
N TYR A 434 12.16 29.00 78.87
CA TYR A 434 11.17 29.39 79.87
C TYR A 434 11.89 29.98 81.08
N ASP A 435 11.16 30.73 81.91
CA ASP A 435 11.74 31.40 83.09
C ASP A 435 12.10 30.40 84.19
N GLN A 436 13.32 30.51 84.72
CA GLN A 436 13.78 29.65 85.81
C GLN A 436 12.81 29.71 87.00
N GLU A 437 12.75 30.86 87.68
CA GLU A 437 11.89 31.02 88.86
C GLU A 437 10.40 31.02 88.51
N THR A 438 10.00 31.86 87.56
CA THR A 438 8.58 32.08 87.22
C THR A 438 7.87 30.89 86.54
N GLY A 439 8.60 30.09 85.77
CA GLY A 439 7.98 29.00 84.98
C GLY A 439 7.28 29.47 83.70
N GLN A 440 7.09 30.78 83.56
CA GLN A 440 6.47 31.37 82.39
C GLN A 440 7.44 31.36 81.20
N ARG A 441 7.05 32.03 80.13
CA ARG A 441 7.71 31.93 78.84
C ARG A 441 8.59 33.15 78.62
N VAL A 442 9.82 32.94 78.18
CA VAL A 442 10.75 34.05 77.97
C VAL A 442 10.88 34.39 76.49
N ALA A 443 10.66 35.67 76.16
CA ALA A 443 10.78 36.13 74.78
C ALA A 443 12.25 36.11 74.38
N MET A 444 12.53 36.16 73.08
CA MET A 444 13.91 36.01 72.60
C MET A 444 14.22 36.93 71.44
N SER A 445 15.48 37.30 71.34
CA SER A 445 16.00 38.05 70.21
C SER A 445 15.57 37.41 68.87
N SER A 446 14.90 38.23 68.04
CA SER A 446 14.37 37.85 66.73
C SER A 446 13.24 36.81 66.77
N GLY A 447 12.56 36.75 67.91
CA GLY A 447 11.51 35.77 68.12
C GLY A 447 12.08 34.38 68.32
N GLY A 448 13.42 34.31 68.36
CA GLY A 448 14.11 33.03 68.44
C GLY A 448 14.47 32.45 67.09
N ALA A 449 14.26 33.21 66.02
CA ALA A 449 14.73 32.82 64.70
C ALA A 449 16.27 32.90 64.61
N ILE A 450 16.88 31.87 64.03
CA ILE A 450 18.31 31.77 63.89
C ILE A 450 18.68 32.47 62.59
N VAL A 451 19.33 33.63 62.71
CA VAL A 451 19.50 34.51 61.56
C VAL A 451 20.95 34.97 61.39
N THR A 452 21.20 35.55 60.22
CA THR A 452 22.49 36.17 59.95
C THR A 452 22.54 37.51 60.72
N ALA A 453 23.70 38.15 60.71
CA ALA A 453 23.82 39.52 61.22
C ALA A 453 22.89 40.47 60.44
N GLU A 454 22.60 40.15 59.17
CA GLU A 454 21.70 40.96 58.36
C GLU A 454 20.24 40.57 58.49
N GLY A 455 19.92 39.65 59.41
CA GLY A 455 18.52 39.27 59.65
C GLY A 455 17.93 38.18 58.79
N ILE A 456 18.69 37.66 57.83
CA ILE A 456 18.18 36.63 56.91
C ILE A 456 18.12 35.26 57.62
N MET A 457 17.04 34.51 57.35
CA MET A 457 16.77 33.25 58.02
C MET A 457 17.74 32.15 57.60
N THR A 458 17.96 31.18 58.48
CA THR A 458 19.03 30.23 58.43
C THR A 458 18.53 28.84 58.90
N ASP A 459 19.21 27.75 58.55
CA ASP A 459 18.81 26.38 58.95
C ASP A 459 19.44 25.87 60.25
N GLY A 460 19.94 26.80 61.04
CA GLY A 460 20.72 26.48 62.24
C GLY A 460 22.17 26.13 61.99
N ALA A 461 22.48 25.63 60.79
CA ALA A 461 23.83 25.16 60.44
C ALA A 461 24.57 26.06 59.43
N GLY A 462 24.12 27.31 59.34
CA GLY A 462 24.81 28.34 58.57
C GLY A 462 24.37 28.53 57.14
N VAL A 463 23.32 27.82 56.73
CA VAL A 463 22.82 27.86 55.37
C VAL A 463 21.58 28.72 55.31
N PRO A 464 21.55 29.72 54.40
CA PRO A 464 20.38 30.56 54.44
C PRO A 464 19.18 29.76 53.95
N THR A 465 18.04 29.90 54.64
CA THR A 465 16.84 29.13 54.35
C THR A 465 16.49 29.24 52.89
N GLY A 466 16.18 28.09 52.28
CA GLY A 466 15.77 28.02 50.88
C GLY A 466 16.88 27.58 49.95
N TYR A 467 18.14 27.82 50.32
CA TYR A 467 19.28 27.46 49.49
C TYR A 467 19.23 26.00 49.07
N PRO A 468 19.26 25.73 47.75
CA PRO A 468 19.25 24.35 47.25
C PRO A 468 20.54 23.61 47.60
N LEU A 469 20.43 22.51 48.34
CA LEU A 469 21.62 21.81 48.84
C LEU A 469 22.01 20.70 47.89
N ALA A 470 23.32 20.57 47.67
CA ALA A 470 23.87 19.49 46.86
C ALA A 470 23.65 18.16 47.55
N ASP A 471 23.72 18.18 48.89
CA ASP A 471 23.53 16.98 49.71
C ASP A 471 22.35 17.10 50.70
N PRO A 472 21.13 17.31 50.18
CA PRO A 472 20.00 17.42 51.11
C PRO A 472 19.84 16.13 51.87
N PRO A 473 19.87 16.18 53.20
CA PRO A 473 19.88 14.93 53.95
C PRO A 473 18.56 14.12 53.84
N LEU A 474 17.44 14.76 53.53
CA LEU A 474 16.19 14.02 53.29
C LEU A 474 16.37 13.06 52.12
N VAL A 475 16.90 13.58 51.03
CA VAL A 475 17.06 12.79 49.80
C VAL A 475 18.10 11.67 49.96
N GLU A 476 19.14 11.95 50.72
CA GLU A 476 20.12 10.94 51.07
C GLU A 476 19.42 9.77 51.77
N SER A 477 18.65 10.07 52.81
CA SER A 477 17.94 9.06 53.58
C SER A 477 16.99 8.27 52.72
N ILE A 478 16.27 8.94 51.84
CA ILE A 478 15.38 8.20 50.95
C ILE A 478 16.19 7.25 50.08
N SER A 479 17.32 7.72 49.58
CA SER A 479 18.09 6.97 48.61
C SER A 479 18.75 5.73 49.24
N GLU A 480 18.95 5.79 50.55
CA GLU A 480 19.77 4.83 51.27
C GLU A 480 19.05 3.96 52.30
N ASP A 481 17.79 4.27 52.62
CA ASP A 481 17.07 3.49 53.60
C ASP A 481 16.73 2.11 53.07
N PRO A 482 17.13 1.05 53.80
CA PRO A 482 16.96 -0.34 53.38
C PRO A 482 15.52 -0.71 53.09
N VAL A 483 14.58 -0.21 53.88
CA VAL A 483 13.20 -0.54 53.61
C VAL A 483 12.85 -0.11 52.19
N LEU A 484 13.41 1.01 51.74
CA LEU A 484 13.07 1.58 50.43
C LEU A 484 14.01 1.21 49.29
N ARG A 485 14.97 0.32 49.54
CA ARG A 485 16.07 0.07 48.61
C ARG A 485 15.64 -0.49 47.25
N ASN A 486 14.51 -1.21 47.23
CA ASN A 486 13.93 -1.74 45.98
C ASN A 486 12.75 -0.95 45.49
N THR A 487 12.55 0.22 46.07
CA THR A 487 11.46 1.10 45.70
C THR A 487 11.96 2.12 44.71
N LYS A 488 11.19 2.36 43.65
CA LYS A 488 11.58 3.31 42.62
C LYS A 488 11.25 4.77 43.00
N MET A 489 12.21 5.66 42.80
CA MET A 489 12.03 7.07 43.11
C MET A 489 12.10 7.94 41.86
N ILE A 490 11.11 8.80 41.67
CA ILE A 490 11.03 9.66 40.49
C ILE A 490 10.80 11.11 40.90
N ALA A 491 11.70 11.99 40.46
CA ALA A 491 11.61 13.40 40.79
C ALA A 491 11.00 14.20 39.66
N GLU A 492 10.04 15.07 39.97
CA GLU A 492 9.69 16.18 39.07
C GLU A 492 10.61 17.28 39.52
N ALA A 493 11.83 17.29 39.00
CA ALA A 493 12.93 18.09 39.55
C ALA A 493 12.85 19.60 39.28
N TRP A 494 11.79 20.26 39.74
CA TRP A 494 11.70 21.73 39.60
C TRP A 494 10.67 22.30 40.58
N ASP A 495 10.63 23.62 40.71
CA ASP A 495 9.60 24.23 41.56
C ASP A 495 9.23 25.58 40.99
N CYS A 496 8.30 26.28 41.64
CA CYS A 496 7.75 27.52 41.14
C CYS A 496 8.65 28.74 41.32
N ASP A 497 9.87 28.57 41.80
CA ASP A 497 10.80 29.71 41.85
C ASP A 497 11.87 29.58 40.77
N GLY A 498 11.52 28.93 39.67
CA GLY A 498 12.43 28.84 38.53
C GLY A 498 13.62 27.92 38.67
N LEU A 499 13.77 27.29 39.84
CA LEU A 499 14.75 26.23 40.05
C LEU A 499 14.38 25.02 39.21
N ASN A 500 15.33 24.57 38.40
CA ASN A 500 15.19 23.43 37.52
C ASN A 500 16.44 22.55 37.67
N GLN A 501 16.27 21.30 38.07
CA GLN A 501 17.42 20.44 38.39
C GLN A 501 17.50 19.25 37.46
N VAL A 502 16.82 19.33 36.32
CA VAL A 502 16.77 18.17 35.43
C VAL A 502 18.17 17.92 34.90
N GLY A 503 18.58 16.65 34.98
CA GLY A 503 19.90 16.21 34.61
C GLY A 503 20.86 16.12 35.78
N ALA A 504 20.45 16.67 36.92
CA ALA A 504 21.33 16.81 38.06
C ALA A 504 20.60 16.85 39.41
N PHE A 505 19.50 16.10 39.53
CA PHE A 505 18.84 15.97 40.83
C PHE A 505 19.73 15.10 41.71
N PRO A 506 19.87 15.44 43.00
CA PRO A 506 20.73 14.62 43.86
C PRO A 506 20.26 13.18 43.86
N HIS A 507 20.98 12.31 43.17
CA HIS A 507 20.42 11.00 42.86
C HIS A 507 21.12 9.82 43.55
N TYR A 508 22.17 10.09 44.31
CA TYR A 508 22.82 9.08 45.16
C TYR A 508 23.09 7.70 44.50
N GLY A 509 23.81 7.72 43.38
CA GLY A 509 24.22 6.50 42.66
C GLY A 509 23.17 5.91 41.71
N GLY A 510 22.40 6.74 41.04
CA GLY A 510 21.49 6.25 39.99
C GLY A 510 20.18 5.76 40.56
N ARG A 511 19.82 6.35 41.69
CA ARG A 511 18.74 5.86 42.53
C ARG A 511 17.44 6.64 42.25
N TRP A 512 17.54 7.68 41.43
CA TRP A 512 16.42 8.51 41.03
C TRP A 512 16.36 8.67 39.52
N SER A 513 15.15 8.55 38.98
CA SER A 513 14.92 8.96 37.62
C SER A 513 14.23 10.31 37.69
N GLU A 514 13.91 10.91 36.55
CA GLU A 514 13.36 12.27 36.52
C GLU A 514 12.37 12.45 35.41
N TRP A 515 11.32 13.24 35.65
CA TRP A 515 10.46 13.69 34.59
C TRP A 515 11.33 14.53 33.66
N ASN A 516 11.44 14.11 32.41
CA ASN A 516 12.30 14.76 31.44
C ASN A 516 11.48 15.69 30.56
N GLY A 517 11.30 16.92 31.02
CA GLY A 517 10.49 17.92 30.32
C GLY A 517 11.15 18.47 29.06
N LYS A 518 12.46 18.30 28.97
CA LYS A 518 13.17 18.66 27.77
C LYS A 518 12.74 17.67 26.65
N PHE A 519 12.63 16.39 26.97
CA PHE A 519 12.10 15.39 26.03
C PHE A 519 10.74 15.90 25.45
N ARG A 520 9.81 16.23 26.33
CA ARG A 520 8.52 16.75 25.91
C ARG A 520 8.67 17.94 24.96
N ASP A 521 9.50 18.90 25.33
CA ASP A 521 9.66 20.11 24.54
C ASP A 521 10.27 19.77 23.19
N VAL A 522 11.21 18.83 23.20
CA VAL A 522 11.93 18.50 21.96
C VAL A 522 11.04 17.73 21.02
N VAL A 523 10.33 16.75 21.53
CA VAL A 523 9.46 15.95 20.69
C VAL A 523 8.33 16.79 20.11
N ARG A 524 7.74 17.65 20.93
CA ARG A 524 6.61 18.46 20.46
C ARG A 524 7.04 19.38 19.33
N ASN A 525 8.24 19.95 19.50
CA ASN A 525 8.76 20.89 18.54
C ASN A 525 9.16 20.22 17.24
N PHE A 526 9.95 19.17 17.35
CA PHE A 526 10.44 18.50 16.16
C PHE A 526 9.32 17.92 15.31
N ILE A 527 8.38 17.25 15.99
CA ILE A 527 7.28 16.57 15.31
C ILE A 527 6.33 17.52 14.61
N LYS A 528 6.08 18.68 15.18
CA LYS A 528 5.15 19.62 14.52
C LYS A 528 5.78 20.33 13.31
N GLY A 529 7.10 20.21 13.15
CA GLY A 529 7.84 20.79 12.03
C GLY A 529 8.29 22.19 12.35
N THR A 530 9.54 22.34 12.80
CA THR A 530 10.02 23.61 13.36
C THR A 530 11.52 23.79 13.14
N ASP A 531 11.93 24.97 12.69
CA ASP A 531 13.36 25.27 12.55
C ASP A 531 14.06 25.44 13.89
N GLY A 532 15.38 25.41 13.89
CA GLY A 532 16.17 25.39 15.12
C GLY A 532 16.79 24.01 15.31
N PRO A 533 17.23 23.70 16.55
CA PRO A 533 18.10 22.55 16.79
C PRO A 533 17.37 21.21 16.99
N TRP A 534 16.09 21.16 16.62
CA TRP A 534 15.19 20.10 17.10
C TRP A 534 15.44 18.70 16.52
N ALA A 535 16.05 18.62 15.33
CA ALA A 535 16.38 17.33 14.76
C ALA A 535 17.52 16.68 15.55
N GLY A 536 18.59 17.46 15.77
CA GLY A 536 19.71 17.03 16.57
C GLY A 536 19.27 16.67 17.98
N ASP A 537 18.51 17.57 18.60
CA ASP A 537 17.96 17.32 19.93
C ASP A 537 17.05 16.09 19.94
N PHE A 538 16.24 15.91 18.89
CA PHE A 538 15.35 14.74 18.77
C PHE A 538 16.13 13.43 18.76
N ALA A 539 17.22 13.40 18.01
CA ALA A 539 18.10 12.23 17.97
C ALA A 539 18.64 11.90 19.36
N SER A 540 18.90 12.94 20.15
CA SER A 540 19.39 12.75 21.51
C SER A 540 18.28 12.16 22.37
N ALA A 541 17.10 12.77 22.30
CA ALA A 541 15.89 12.24 22.97
C ALA A 541 15.70 10.76 22.67
N ILE A 542 15.71 10.39 21.39
CA ILE A 542 15.61 8.98 20.98
C ILE A 542 16.62 8.08 21.73
N CYS A 543 17.82 8.58 21.97
CA CYS A 543 18.88 7.78 22.64
C CYS A 543 18.80 7.73 24.17
N GLY A 544 17.78 8.35 24.78
CA GLY A 544 17.66 8.41 26.22
C GLY A 544 18.23 9.69 26.80
N SER A 545 18.38 10.71 25.98
CA SER A 545 18.97 11.97 26.40
C SER A 545 20.37 11.86 27.06
N PRO A 546 21.33 11.23 26.39
CA PRO A 546 22.69 11.23 26.93
C PRO A 546 23.22 12.65 27.10
N ASN A 547 22.75 13.58 26.27
CA ASN A 547 23.12 14.99 26.42
C ASN A 547 22.74 15.61 27.78
N ILE A 548 21.95 14.90 28.57
CA ILE A 548 21.55 15.34 29.90
C ILE A 548 22.11 14.45 31.02
N TYR A 549 22.06 13.13 30.83
CA TYR A 549 22.34 12.20 31.93
C TYR A 549 23.70 11.54 31.91
N ALA A 550 24.38 11.56 30.77
CA ALA A 550 25.71 10.95 30.66
C ALA A 550 26.76 12.05 30.56
N ASN A 551 26.53 12.96 29.62
CA ASN A 551 27.31 14.19 29.49
C ASN A 551 27.28 14.97 30.80
N ASN A 552 28.40 15.59 31.12
CA ASN A 552 28.48 16.37 32.35
C ASN A 552 29.30 17.64 32.20
N THR A 553 29.10 18.38 31.12
CA THR A 553 29.57 19.77 31.02
C THR A 553 28.33 20.68 31.06
N PRO A 554 28.19 21.49 32.12
CA PRO A 554 27.01 22.33 32.36
C PRO A 554 26.79 23.54 31.43
N HIS A 555 25.58 24.09 31.48
CA HIS A 555 25.25 25.33 30.77
C HIS A 555 26.07 26.44 31.38
N GLU A 556 26.43 27.44 30.58
CA GLU A 556 27.31 28.53 31.04
C GLU A 556 26.63 29.43 32.09
N THR A 557 25.30 29.46 32.10
CA THR A 557 24.53 30.34 33.01
C THR A 557 23.61 29.59 34.00
N ASP A 558 23.64 28.26 33.98
CA ASP A 558 22.81 27.46 34.88
C ASP A 558 23.48 27.31 36.23
N TRP A 559 23.00 28.05 37.23
CA TRP A 559 23.63 28.04 38.54
C TRP A 559 23.61 26.65 39.22
N TRP A 560 22.47 25.96 39.19
CA TRP A 560 22.40 24.66 39.86
C TRP A 560 23.45 23.68 39.31
N ALA A 561 23.44 23.52 37.99
CA ALA A 561 24.32 22.58 37.30
C ALA A 561 25.81 22.91 37.49
N ASN A 562 26.13 24.19 37.63
CA ASN A 562 27.52 24.64 37.84
C ASN A 562 27.99 24.53 39.28
N ASN A 563 27.07 24.23 40.21
CA ASN A 563 27.43 24.29 41.61
C ASN A 563 26.94 23.10 42.40
N GLY A 564 25.72 23.19 42.93
CA GLY A 564 25.16 22.15 43.76
C GLY A 564 24.95 20.85 42.99
N GLY A 565 24.64 20.96 41.71
CA GLY A 565 24.33 19.77 40.92
C GLY A 565 25.53 19.16 40.23
N ARG A 566 26.67 19.81 40.35
CA ARG A 566 27.86 19.41 39.62
C ARG A 566 28.14 17.93 39.77
N GLN A 567 28.24 17.45 40.99
CA GLN A 567 28.55 16.04 41.23
C GLN A 567 27.46 15.07 40.79
N TRP A 568 26.27 15.56 40.46
CA TRP A 568 25.18 14.66 40.07
C TRP A 568 25.01 14.51 38.56
N LYS A 569 25.93 15.09 37.77
CA LYS A 569 25.67 15.31 36.33
C LYS A 569 25.84 14.15 35.37
N GLY A 570 26.73 13.22 35.67
CA GLY A 570 26.78 11.97 34.91
C GLY A 570 26.53 10.82 35.85
N GLY A 571 27.07 9.66 35.52
CA GLY A 571 26.96 8.47 36.38
C GLY A 571 25.55 7.91 36.39
N ARG A 572 24.86 8.05 35.26
CA ARG A 572 23.49 7.55 35.14
C ARG A 572 23.29 7.03 33.71
N GLY A 573 22.18 6.33 33.51
CA GLY A 573 21.85 5.73 32.23
C GLY A 573 20.55 6.27 31.69
N PRO A 574 20.15 5.80 30.48
CA PRO A 574 18.89 6.23 29.82
C PRO A 574 17.60 6.00 30.65
N HIS A 575 17.63 5.01 31.53
CA HIS A 575 16.50 4.74 32.41
C HIS A 575 16.29 5.82 33.47
N ALA A 576 17.26 6.70 33.66
CA ALA A 576 17.05 7.88 34.49
C ALA A 576 16.02 8.83 33.90
N SER A 577 15.71 8.69 32.62
CA SER A 577 14.83 9.61 31.96
C SER A 577 13.41 9.07 31.90
N ILE A 578 12.47 9.67 32.64
CA ILE A 578 11.08 9.39 32.39
C ILE A 578 10.68 10.28 31.20
N ASN A 579 10.38 9.61 30.07
CA ASN A 579 10.02 10.27 28.82
C ASN A 579 8.52 10.48 28.76
N PHE A 580 8.13 11.70 28.38
CA PHE A 580 6.71 12.02 28.22
C PHE A 580 6.50 13.15 27.21
N VAL A 581 5.38 13.02 26.52
CA VAL A 581 4.90 13.94 25.50
C VAL A 581 3.75 14.74 26.11
N ALA A 582 3.01 14.10 27.02
CA ALA A 582 1.93 14.76 27.72
C ALA A 582 1.73 14.15 29.10
N ALA A 583 1.14 14.96 29.97
CA ALA A 583 0.83 14.54 31.33
C ALA A 583 -0.50 15.10 31.77
N HIS A 584 -0.90 14.84 33.00
CA HIS A 584 -2.19 15.41 33.47
C HIS A 584 -2.10 16.94 33.39
N ASP A 585 -0.90 17.46 33.62
CA ASP A 585 -0.58 18.85 33.39
C ASP A 585 -0.51 19.10 31.91
N GLY A 586 -1.07 20.21 31.46
CA GLY A 586 -0.87 20.67 30.09
C GLY A 586 -1.92 20.10 29.16
N PHE A 587 -1.62 20.19 27.86
CA PHE A 587 -2.53 19.72 26.84
C PHE A 587 -2.52 18.21 26.80
N THR A 588 -3.70 17.70 26.49
CA THR A 588 -3.91 16.33 26.12
C THR A 588 -3.21 16.08 24.76
N LEU A 589 -2.81 14.84 24.49
CA LEU A 589 -2.17 14.54 23.20
C LEU A 589 -2.96 15.04 22.00
N ALA A 590 -4.26 14.74 22.01
CA ALA A 590 -5.15 15.21 20.96
C ALA A 590 -5.25 16.74 20.85
N ASP A 591 -5.14 17.41 21.98
CA ASP A 591 -5.32 18.83 22.03
C ASP A 591 -4.00 19.53 21.61
N MET A 592 -2.87 18.86 21.79
CA MET A 592 -1.59 19.33 21.26
C MET A 592 -1.62 19.45 19.76
N VAL A 593 -2.48 18.68 19.10
CA VAL A 593 -2.59 18.73 17.66
C VAL A 593 -3.82 19.50 17.17
N ALA A 594 -4.67 19.95 18.08
CA ALA A 594 -5.90 20.64 17.73
C ALA A 594 -5.98 22.11 18.21
N TYR A 595 -5.00 22.56 19.00
CA TYR A 595 -5.04 23.87 19.64
C TYR A 595 -3.67 24.51 19.70
N ASN A 596 -3.56 25.70 19.11
CA ASN A 596 -2.38 26.55 19.22
C ASN A 596 -2.27 27.16 20.60
N ASN A 597 -3.41 27.39 21.25
CA ASN A 597 -3.45 28.15 22.51
C ASN A 597 -4.35 27.52 23.55
N LYS A 598 -4.05 27.79 24.82
CA LYS A 598 -4.85 27.26 25.91
C LYS A 598 -6.17 27.99 26.06
N HIS A 599 -7.15 27.29 26.63
CA HIS A 599 -8.51 27.79 26.76
C HIS A 599 -9.00 27.40 28.14
N ASN A 600 -8.45 28.05 29.16
CA ASN A 600 -8.69 27.70 30.55
C ASN A 600 -9.71 28.61 31.26
N GLU A 601 -10.45 29.40 30.51
CA GLU A 601 -11.37 30.40 31.07
C GLU A 601 -12.24 29.84 32.21
N ALA A 602 -12.71 28.61 32.03
CA ALA A 602 -13.56 27.96 33.02
C ALA A 602 -12.85 27.66 34.34
N ASN A 603 -11.53 27.79 34.39
CA ASN A 603 -10.77 27.53 35.63
C ASN A 603 -10.85 28.64 36.68
N GLY A 604 -11.28 29.84 36.26
CA GLY A 604 -11.51 30.95 37.18
C GLY A 604 -10.27 31.70 37.65
N GLU A 605 -9.13 31.47 37.01
CA GLU A 605 -7.94 32.32 37.17
C GLU A 605 -7.80 33.20 35.92
N ASN A 606 -8.89 33.32 35.17
CA ASN A 606 -8.98 34.13 33.97
C ASN A 606 -7.87 33.83 32.94
N ASN A 607 -7.59 32.54 32.75
CA ASN A 607 -6.61 32.04 31.77
C ASN A 607 -5.14 32.34 32.10
N ARG A 608 -4.86 32.75 33.32
CA ARG A 608 -3.50 33.08 33.73
C ARG A 608 -2.74 31.80 34.15
N ASP A 609 -3.49 30.76 34.49
CA ASP A 609 -2.94 29.48 34.91
C ASP A 609 -2.56 28.60 33.73
N GLY A 610 -1.84 27.52 34.03
CA GLY A 610 -1.40 26.57 33.02
C GLY A 610 -0.21 27.08 32.21
N GLU A 611 0.49 26.13 31.58
CA GLU A 611 1.63 26.42 30.73
C GLU A 611 1.33 27.48 29.65
N GLN A 612 2.24 28.43 29.46
CA GLN A 612 2.04 29.52 28.49
C GLN A 612 2.62 29.14 27.12
N HIS A 613 3.60 28.24 27.11
CA HIS A 613 4.24 27.78 25.87
C HIS A 613 4.14 26.27 25.72
N ASN A 614 3.15 25.82 24.96
CA ASN A 614 2.85 24.40 24.85
C ASN A 614 3.53 23.72 23.66
N ASN A 615 4.13 24.52 22.78
CA ASN A 615 4.80 24.01 21.59
C ASN A 615 3.86 23.16 20.77
N SER A 616 2.63 23.64 20.64
CA SER A 616 1.58 22.92 19.97
C SER A 616 1.26 23.58 18.61
N TRP A 617 0.58 22.83 17.76
CA TRP A 617 0.10 23.33 16.49
C TRP A 617 -1.23 22.66 16.20
N ASN A 618 -2.21 23.45 15.82
CA ASN A 618 -3.58 22.94 15.65
C ASN A 618 -3.79 22.15 14.35
N CYS A 619 -2.73 22.01 13.56
CA CYS A 619 -2.73 21.32 12.27
C CYS A 619 -3.56 22.02 11.18
N GLY A 620 -3.90 23.30 11.40
CA GLY A 620 -4.58 24.12 10.36
C GLY A 620 -5.80 24.89 10.80
N GLU A 621 -6.32 24.62 11.99
CA GLU A 621 -7.52 25.30 12.50
C GLU A 621 -7.77 24.97 13.97
N GLU A 622 -8.17 25.96 14.75
CA GLU A 622 -8.32 25.81 16.22
C GLU A 622 -9.56 25.00 16.57
N GLY A 623 -9.36 23.90 17.29
CA GLY A 623 -10.44 23.08 17.79
C GLY A 623 -11.13 22.23 16.74
N PRO A 624 -12.29 21.68 17.09
CA PRO A 624 -13.02 20.80 16.18
C PRO A 624 -13.21 21.46 14.82
N THR A 625 -12.99 20.70 13.77
CA THR A 625 -13.05 21.21 12.40
C THR A 625 -13.84 20.28 11.50
N THR A 626 -14.27 20.81 10.37
CA THR A 626 -14.97 20.02 9.37
C THR A 626 -14.04 19.73 8.18
N LYS A 627 -12.90 20.42 8.14
CA LYS A 627 -11.95 20.29 7.05
C LYS A 627 -11.23 18.95 7.08
N TRP A 628 -11.39 18.19 6.01
CA TRP A 628 -10.83 16.86 5.91
C TRP A 628 -9.31 16.89 6.06
N GLU A 629 -8.66 17.80 5.32
CA GLU A 629 -7.20 17.89 5.32
C GLU A 629 -6.61 17.99 6.74
N VAL A 630 -7.28 18.76 7.60
CA VAL A 630 -6.80 19.01 8.97
C VAL A 630 -6.97 17.78 9.88
N ASN A 631 -8.13 17.16 9.81
CA ASN A 631 -8.38 15.91 10.55
C ASN A 631 -7.45 14.76 10.16
N ARG A 632 -7.22 14.62 8.86
CA ARG A 632 -6.26 13.66 8.36
C ARG A 632 -4.96 13.86 9.08
N LEU A 633 -4.50 15.10 9.08
CA LEU A 633 -3.21 15.43 9.63
C LEU A 633 -3.12 15.12 11.13
N ARG A 634 -4.20 15.39 11.85
CA ARG A 634 -4.21 15.17 13.30
C ARG A 634 -4.09 13.69 13.64
N GLN A 635 -4.79 12.85 12.87
CA GLN A 635 -4.67 11.40 13.00
C GLN A 635 -3.23 10.95 12.87
N ARG A 636 -2.50 11.55 11.95
CA ARG A 636 -1.07 11.24 11.75
C ARG A 636 -0.23 11.75 12.90
N GLN A 637 -0.43 13.02 13.26
CA GLN A 637 0.36 13.67 14.31
C GLN A 637 0.23 12.98 15.68
N MET A 638 -0.97 12.58 16.06
CA MET A 638 -1.17 11.83 17.29
C MET A 638 -0.28 10.59 17.33
N ARG A 639 -0.24 9.86 16.22
CA ARG A 639 0.55 8.64 16.12
C ARG A 639 2.04 8.96 16.02
N ASN A 640 2.37 10.06 15.35
CA ASN A 640 3.76 10.40 15.23
C ASN A 640 4.36 10.72 16.59
N LEU A 641 3.58 11.40 17.44
CA LEU A 641 4.02 11.77 18.79
C LEU A 641 4.13 10.54 19.69
N THR A 642 3.13 9.67 19.61
CA THR A 642 3.18 8.40 20.30
C THR A 642 4.40 7.58 19.88
N GLY A 643 4.71 7.57 18.60
CA GLY A 643 5.90 6.91 18.06
C GLY A 643 7.20 7.41 18.67
N ALA A 644 7.36 8.72 18.70
CA ALA A 644 8.51 9.32 19.35
C ALA A 644 8.65 8.79 20.78
N LEU A 645 7.51 8.71 21.48
CA LEU A 645 7.48 8.33 22.88
C LEU A 645 7.87 6.88 23.08
N LEU A 646 7.25 5.99 22.32
CA LEU A 646 7.43 4.58 22.55
C LEU A 646 8.60 4.00 21.80
N LEU A 647 9.23 4.78 20.92
CA LEU A 647 10.41 4.28 20.20
C LEU A 647 11.72 4.93 20.68
N SER A 648 11.69 5.55 21.86
CA SER A 648 12.89 6.17 22.43
C SER A 648 13.42 5.34 23.59
N CYS A 649 14.73 5.36 23.76
CA CYS A 649 15.32 4.83 24.96
C CYS A 649 14.86 5.66 26.16
N GLY A 650 15.06 5.12 27.36
CA GLY A 650 14.45 5.68 28.56
C GLY A 650 13.05 5.12 28.79
N VAL A 651 12.29 5.75 29.67
CA VAL A 651 11.08 5.13 30.18
C VAL A 651 9.85 5.98 29.88
N PRO A 652 8.95 5.45 29.04
CA PRO A 652 7.78 6.23 28.61
C PRO A 652 6.64 6.23 29.62
N MET A 653 5.93 7.36 29.69
CA MET A 653 4.76 7.52 30.52
C MET A 653 3.65 8.09 29.67
N ILE A 654 2.47 7.50 29.85
CA ILE A 654 1.30 7.86 29.10
C ILE A 654 0.25 8.42 30.06
N ASN A 655 -0.33 9.53 29.63
CA ASN A 655 -1.29 10.27 30.37
C ASN A 655 -2.65 9.64 30.05
N MET A 656 -3.39 9.22 31.08
CA MET A 656 -4.71 8.58 30.92
C MET A 656 -5.54 9.29 29.86
N GLY A 657 -6.01 8.54 28.87
CA GLY A 657 -6.82 9.08 27.78
C GLY A 657 -6.07 9.27 26.47
N ASP A 658 -4.80 9.63 26.55
CA ASP A 658 -4.00 9.91 25.37
C ASP A 658 -3.94 8.73 24.42
N GLU A 659 -4.07 7.53 24.95
CA GLU A 659 -4.13 6.30 24.15
C GLU A 659 -5.41 6.12 23.35
N TYR A 660 -6.31 7.10 23.33
CA TYR A 660 -7.49 6.97 22.46
C TYR A 660 -8.01 8.29 21.87
N GLY A 661 -7.37 9.41 22.15
CA GLY A 661 -7.79 10.69 21.55
C GLY A 661 -8.53 11.64 22.46
N HIS A 662 -8.41 11.42 23.77
CA HIS A 662 -9.15 12.18 24.76
C HIS A 662 -8.96 13.68 24.64
N SER A 663 -10.03 14.46 24.78
CA SER A 663 -9.92 15.92 24.65
C SER A 663 -10.48 16.67 25.86
N LYS A 664 -9.74 17.70 26.31
CA LYS A 664 -10.22 18.66 27.29
C LYS A 664 -10.65 20.00 26.62
N ASN A 665 -11.03 19.92 25.34
CA ASN A 665 -11.43 21.08 24.56
C ASN A 665 -10.47 22.27 24.67
N GLY A 666 -9.19 21.99 24.83
CA GLY A 666 -8.17 23.03 24.86
C GLY A 666 -7.83 23.61 26.21
N ASN A 667 -8.37 23.03 27.28
CA ASN A 667 -8.00 23.41 28.63
C ASN A 667 -6.74 22.63 29.05
N ASN A 668 -5.64 23.34 29.31
CA ASN A 668 -4.37 22.68 29.61
C ASN A 668 -4.03 22.60 31.11
N ASN A 669 -5.04 22.77 31.97
CA ASN A 669 -4.83 22.75 33.43
C ASN A 669 -6.15 22.47 34.16
N THR A 670 -6.67 21.26 33.96
CA THR A 670 -8.01 20.92 34.43
C THR A 670 -8.01 20.42 35.89
N TYR A 671 -7.22 21.05 36.75
CA TYR A 671 -7.09 20.63 38.17
C TYR A 671 -8.43 20.66 38.94
N CYS A 672 -9.36 21.50 38.49
CA CYS A 672 -10.54 21.81 39.27
C CYS A 672 -11.88 21.35 38.68
N HIS A 673 -11.86 20.38 37.78
CA HIS A 673 -13.10 19.96 37.12
C HIS A 673 -13.44 18.51 37.40
N ASP A 674 -14.56 18.30 38.07
CA ASP A 674 -15.12 16.99 38.31
C ASP A 674 -16.11 16.72 37.20
N SER A 675 -15.60 16.47 36.00
CA SER A 675 -16.43 16.32 34.83
C SER A 675 -15.71 15.47 33.81
N GLU A 676 -16.36 15.27 32.67
CA GLU A 676 -15.84 14.39 31.64
C GLU A 676 -14.51 14.86 31.04
N LEU A 677 -14.13 16.12 31.27
CA LEU A 677 -12.80 16.61 30.89
C LEU A 677 -11.70 15.78 31.52
N ASN A 678 -11.96 15.24 32.72
CA ASN A 678 -10.97 14.47 33.45
C ASN A 678 -11.31 12.98 33.63
N TYR A 679 -12.25 12.46 32.85
CA TYR A 679 -12.65 11.06 33.01
C TYR A 679 -12.25 10.23 31.80
N LEU A 680 -11.89 8.97 32.05
CA LEU A 680 -11.63 8.05 30.96
C LEU A 680 -12.96 7.78 30.26
N ARG A 681 -12.98 8.09 28.96
CA ARG A 681 -14.16 7.92 28.12
C ARG A 681 -14.21 6.49 27.55
N TRP A 682 -14.76 5.57 28.35
CA TRP A 682 -14.88 4.16 27.94
C TRP A 682 -15.70 4.04 26.65
N ASP A 683 -16.68 4.94 26.50
CA ASP A 683 -17.46 5.04 25.27
C ASP A 683 -16.63 5.44 24.05
N GLN A 684 -15.75 6.44 24.19
CA GLN A 684 -14.88 6.84 23.07
C GLN A 684 -13.77 5.85 22.81
N LEU A 685 -13.36 5.15 23.87
CA LEU A 685 -12.37 4.09 23.75
C LEU A 685 -12.91 2.94 22.90
N ALA A 686 -14.12 2.48 23.22
CA ALA A 686 -14.76 1.40 22.47
C ALA A 686 -14.94 1.77 21.01
N GLU A 687 -15.38 2.99 20.77
CA GLU A 687 -15.68 3.47 19.43
C GLU A 687 -14.44 3.48 18.50
N ASP A 688 -13.29 3.92 19.02
CA ASP A 688 -12.01 3.93 18.30
C ASP A 688 -12.17 4.25 16.81
N PRO A 689 -12.67 5.46 16.50
CA PRO A 689 -13.22 5.75 15.17
C PRO A 689 -12.22 5.78 14.03
N HIS A 690 -10.93 6.04 14.33
CA HIS A 690 -9.85 5.91 13.33
C HIS A 690 -8.76 4.91 13.70
N GLY A 691 -9.07 4.01 14.62
CA GLY A 691 -8.18 2.90 14.93
C GLY A 691 -6.92 3.34 15.66
N PHE A 692 -7.01 4.46 16.36
CA PHE A 692 -5.87 4.98 17.08
C PHE A 692 -5.58 4.17 18.33
N ASN A 693 -6.61 3.67 19.00
CA ASN A 693 -6.33 2.87 20.19
C ASN A 693 -5.62 1.59 19.84
N ARG A 694 -6.03 0.99 18.72
CA ARG A 694 -5.38 -0.22 18.24
C ARG A 694 -3.89 0.07 17.95
N PHE A 695 -3.63 1.21 17.32
CA PHE A 695 -2.28 1.56 16.95
C PHE A 695 -1.42 1.65 18.20
N VAL A 696 -1.95 2.33 19.23
CA VAL A 696 -1.19 2.59 20.45
C VAL A 696 -0.93 1.30 21.21
N ARG A 697 -1.98 0.51 21.36
CA ARG A 697 -1.86 -0.76 22.04
C ARG A 697 -0.76 -1.58 21.42
N LEU A 698 -0.75 -1.63 20.11
CA LEU A 698 0.13 -2.52 19.39
C LEU A 698 1.57 -2.02 19.46
N LEU A 699 1.74 -0.71 19.49
CA LEU A 699 3.06 -0.15 19.62
C LEU A 699 3.62 -0.40 21.02
N ILE A 700 2.77 -0.41 22.03
CA ILE A 700 3.22 -0.67 23.40
C ILE A 700 3.79 -2.08 23.45
N HIS A 701 2.98 -3.06 23.06
CA HIS A 701 3.41 -4.47 23.04
C HIS A 701 4.68 -4.68 22.25
N PHE A 702 4.79 -4.00 21.12
CA PHE A 702 5.95 -4.11 20.25
C PHE A 702 7.19 -3.56 20.98
N ARG A 703 7.08 -2.34 21.50
CA ARG A 703 8.12 -1.79 22.36
C ARG A 703 8.56 -2.83 23.36
N ARG A 704 7.62 -3.46 24.03
CA ARG A 704 7.98 -4.39 25.10
C ARG A 704 8.69 -5.63 24.57
N ALA A 705 8.41 -6.01 23.33
CA ALA A 705 9.12 -7.14 22.70
C ALA A 705 10.48 -6.76 22.10
N THR A 706 10.95 -5.54 22.33
CA THR A 706 12.17 -5.05 21.68
C THR A 706 13.23 -4.68 22.71
N PRO A 707 14.05 -5.65 23.14
CA PRO A 707 15.10 -5.40 24.14
C PRO A 707 15.98 -4.19 23.83
N ALA A 708 16.23 -3.92 22.57
CA ALA A 708 17.12 -2.82 22.19
C ALA A 708 16.62 -1.46 22.70
N LEU A 709 15.32 -1.35 22.92
CA LEU A 709 14.71 -0.06 23.35
C LEU A 709 14.73 0.13 24.87
N GLN A 710 15.11 -0.92 25.58
CA GLN A 710 14.97 -1.00 27.02
C GLN A 710 16.33 -1.22 27.62
N ARG A 711 17.09 -0.13 27.74
CA ARG A 711 18.51 -0.19 28.11
C ARG A 711 18.83 0.44 29.45
N THR A 712 19.91 0.00 30.08
CA THR A 712 20.49 0.67 31.24
C THR A 712 21.81 1.40 30.92
N THR A 713 22.31 1.25 29.69
CA THR A 713 23.51 1.94 29.20
C THR A 713 23.18 2.61 27.88
N PHE A 714 23.87 3.70 27.54
CA PHE A 714 23.53 4.47 26.33
C PHE A 714 24.00 3.82 25.03
N VAL A 715 23.15 3.80 24.02
CA VAL A 715 23.54 3.24 22.70
C VAL A 715 24.79 3.90 22.15
N ASN A 716 25.60 3.14 21.41
CA ASN A 716 26.78 3.68 20.72
C ASN A 716 26.63 3.52 19.19
N ASP A 717 27.68 3.77 18.41
CA ASP A 717 27.52 3.75 16.96
C ASP A 717 27.40 2.34 16.35
N LYS A 718 27.67 1.30 17.14
CA LYS A 718 27.36 -0.07 16.71
C LYS A 718 25.88 -0.39 16.95
N ASP A 719 25.28 0.29 17.92
CA ASP A 719 23.91 0.03 18.31
C ASP A 719 22.95 0.78 17.40
N ILE A 720 23.30 2.00 16.99
CA ILE A 720 22.41 2.88 16.22
C ILE A 720 23.15 3.73 15.16
N GLN A 721 22.54 3.93 14.00
CA GLN A 721 23.10 4.80 12.95
C GLN A 721 22.04 5.77 12.43
N TRP A 722 22.46 6.94 11.95
CA TRP A 722 21.53 7.99 11.51
C TRP A 722 21.53 8.16 10.00
N HIS A 723 20.33 8.34 9.44
CA HIS A 723 20.16 8.44 7.99
C HIS A 723 19.33 9.67 7.59
N GLY A 724 19.20 9.87 6.28
CA GLY A 724 18.28 10.86 5.72
C GLY A 724 17.56 10.26 4.53
N GLU A 725 17.27 11.10 3.54
CA GLU A 725 16.79 10.64 2.24
C GLU A 725 17.76 9.62 1.62
N LEU A 726 19.04 9.78 1.92
CA LEU A 726 20.08 8.81 1.57
C LEU A 726 20.64 8.16 2.84
N PRO A 727 21.07 6.88 2.75
CA PRO A 727 21.67 6.21 3.90
C PRO A 727 22.90 6.94 4.43
N ASN A 728 22.93 7.12 5.75
CA ASN A 728 24.09 7.62 6.49
C ASN A 728 24.30 9.09 6.27
N THR A 729 23.24 9.77 5.82
CA THR A 729 23.33 11.16 5.40
C THR A 729 22.26 11.97 6.11
N PRO A 730 22.30 12.00 7.45
CA PRO A 730 21.28 12.70 8.21
C PRO A 730 21.41 14.21 8.04
N ASP A 731 20.31 14.91 8.29
CA ASP A 731 20.27 16.36 8.18
C ASP A 731 20.08 16.92 9.59
N TRP A 732 21.13 17.59 10.09
CA TRP A 732 21.15 18.19 11.42
C TRP A 732 21.06 19.71 11.34
N THR A 733 20.79 20.24 10.16
CA THR A 733 20.77 21.68 9.96
C THR A 733 19.59 22.28 10.69
N ASP A 734 19.56 23.62 10.75
CA ASP A 734 18.44 24.33 11.35
C ASP A 734 17.13 24.13 10.62
N THR A 735 17.17 23.84 9.31
CA THR A 735 15.94 23.62 8.53
C THR A 735 15.52 22.16 8.36
N SER A 736 16.24 21.23 9.03
CA SER A 736 15.93 19.80 8.92
C SER A 736 14.46 19.49 9.21
N ARG A 737 13.91 18.51 8.51
CA ARG A 737 12.58 18.00 8.78
C ARG A 737 12.57 16.49 8.71
N LEU A 738 13.69 15.87 9.09
CA LEU A 738 13.81 14.42 8.99
C LEU A 738 14.87 13.82 9.91
N VAL A 739 14.46 12.86 10.71
CA VAL A 739 15.41 12.06 11.50
C VAL A 739 15.06 10.62 11.22
N ALA A 740 16.07 9.79 11.01
CA ALA A 740 15.84 8.39 10.66
C ALA A 740 17.02 7.58 11.15
N PHE A 741 16.75 6.36 11.60
CA PHE A 741 17.81 5.54 12.18
C PHE A 741 17.59 4.05 12.07
N THR A 742 18.69 3.33 12.16
CA THR A 742 18.63 1.87 12.27
C THR A 742 18.99 1.48 13.69
N LEU A 743 18.27 0.53 14.27
CA LEU A 743 18.55 0.05 15.62
C LEU A 743 18.78 -1.48 15.63
N HIS A 744 19.99 -1.90 15.89
CA HIS A 744 20.32 -3.32 15.84
C HIS A 744 19.74 -4.09 17.00
N ASP A 745 19.54 -5.38 16.79
CA ASP A 745 19.09 -6.30 17.84
C ASP A 745 20.20 -7.24 18.26
N GLY A 746 21.42 -6.98 17.81
CA GLY A 746 22.56 -7.86 18.10
C GLY A 746 22.37 -9.34 17.78
N LYS A 747 21.45 -9.67 16.88
CA LYS A 747 21.28 -11.05 16.37
C LYS A 747 21.28 -11.06 14.83
N GLY A 748 21.73 -9.96 14.21
CA GLY A 748 21.76 -9.83 12.77
C GLY A 748 20.59 -9.03 12.22
N GLY A 749 19.60 -8.75 13.04
CA GLY A 749 18.41 -8.01 12.60
C GLY A 749 18.36 -6.59 13.15
N GLY A 750 17.15 -6.03 13.16
CA GLY A 750 16.92 -4.68 13.67
C GLY A 750 15.79 -3.94 13.00
N LEU A 751 15.72 -2.64 13.25
CA LEU A 751 14.63 -1.78 12.79
C LEU A 751 15.15 -0.59 12.02
N TYR A 752 14.36 -0.09 11.06
CA TYR A 752 14.60 1.22 10.44
C TYR A 752 13.41 2.09 10.81
N VAL A 753 13.66 3.22 11.46
CA VAL A 753 12.60 4.13 11.89
C VAL A 753 12.83 5.48 11.23
N ALA A 754 11.76 6.15 10.84
CA ALA A 754 11.91 7.48 10.26
C ALA A 754 10.77 8.40 10.60
N PHE A 755 11.11 9.67 10.83
CA PHE A 755 10.14 10.70 11.14
C PHE A 755 10.28 11.83 10.11
N ASN A 756 9.33 11.90 9.18
CA ASN A 756 9.33 12.99 8.20
C ASN A 756 8.39 14.05 8.71
N THR A 757 8.93 15.21 9.04
CA THR A 757 8.14 16.28 9.65
C THR A 757 7.96 17.44 8.69
N SER A 758 8.27 17.19 7.42
CA SER A 758 8.10 18.14 6.35
C SER A 758 6.63 18.24 5.94
N HIS A 759 6.29 19.39 5.34
CA HIS A 759 5.01 19.57 4.69
C HIS A 759 4.97 18.87 3.33
N LEU A 760 6.14 18.40 2.87
CA LEU A 760 6.25 17.66 1.60
C LEU A 760 6.52 16.15 1.80
N PRO A 761 6.10 15.34 0.81
CA PRO A 761 6.37 13.90 0.87
C PRO A 761 7.78 13.63 0.42
N LYS A 762 8.32 12.48 0.80
CA LYS A 762 9.69 12.15 0.43
C LYS A 762 9.85 10.70 -0.01
N LEU A 763 10.91 10.46 -0.79
CA LEU A 763 11.32 9.13 -1.19
C LEU A 763 12.59 8.81 -0.44
N LEU A 764 12.54 7.81 0.43
CA LEU A 764 13.67 7.46 1.26
C LEU A 764 14.37 6.28 0.64
N GLN A 765 15.68 6.42 0.45
CA GLN A 765 16.53 5.31 0.09
C GLN A 765 17.01 4.66 1.36
N LEU A 766 16.70 3.39 1.54
CA LEU A 766 17.00 2.66 2.78
C LEU A 766 18.37 1.99 2.72
N PRO A 767 19.06 1.94 3.86
CA PRO A 767 20.35 1.25 3.88
C PRO A 767 20.22 -0.23 3.60
N LYS A 768 21.14 -0.76 2.81
CA LYS A 768 21.10 -2.15 2.40
C LYS A 768 21.90 -2.99 3.37
N TRP A 769 21.23 -3.91 4.04
CA TRP A 769 21.94 -4.89 4.85
C TRP A 769 22.02 -6.18 4.04
N GLY A 770 23.22 -6.59 3.70
CA GLY A 770 23.43 -7.75 2.82
C GLY A 770 22.61 -8.95 3.24
N GLY A 771 21.97 -9.58 2.26
CA GLY A 771 21.11 -10.77 2.48
C GLY A 771 19.75 -10.46 3.07
N ARG A 772 19.43 -9.17 3.22
CA ARG A 772 18.24 -8.76 3.97
C ARG A 772 17.42 -7.65 3.29
N VAL A 773 16.15 -7.59 3.65
CA VAL A 773 15.19 -6.67 3.05
C VAL A 773 14.38 -6.09 4.20
N TRP A 774 14.02 -4.80 4.09
CA TRP A 774 13.21 -4.13 5.12
C TRP A 774 11.72 -4.43 4.92
N GLN A 775 10.99 -4.80 5.97
CA GLN A 775 9.56 -5.15 5.82
C GLN A 775 8.67 -4.18 6.60
N PRO A 776 7.50 -3.83 6.03
CA PRO A 776 6.75 -2.77 6.68
C PRO A 776 6.04 -3.27 7.93
N LEU A 777 6.11 -2.45 8.96
CA LEU A 777 5.40 -2.67 10.19
C LEU A 777 4.53 -1.47 10.50
N VAL A 778 5.14 -0.34 10.80
CA VAL A 778 4.38 0.86 11.11
C VAL A 778 4.42 1.81 9.94
N ASP A 779 3.30 2.44 9.63
CA ASP A 779 3.29 3.51 8.62
C ASP A 779 2.09 4.40 8.91
N THR A 780 2.32 5.58 9.49
CA THR A 780 1.20 6.48 9.83
C THR A 780 0.59 7.20 8.63
N SER A 781 1.09 6.91 7.43
CA SER A 781 0.48 7.35 6.18
C SER A 781 -0.77 6.55 5.88
N LYS A 782 -0.83 5.32 6.37
CA LYS A 782 -1.90 4.39 5.99
C LYS A 782 -3.09 4.46 6.92
N VAL A 783 -4.28 4.28 6.34
CA VAL A 783 -5.52 4.24 7.10
C VAL A 783 -5.56 2.94 7.89
N ALA A 784 -6.04 3.02 9.13
CA ALA A 784 -6.12 1.84 10.00
C ALA A 784 -7.07 0.82 9.40
N PRO A 785 -6.78 -0.47 9.57
CA PRO A 785 -5.68 -1.05 10.36
C PRO A 785 -4.31 -1.16 9.69
N TYR A 786 -4.14 -0.62 8.48
CA TYR A 786 -2.91 -0.83 7.72
C TYR A 786 -1.77 0.11 8.16
N ASP A 787 -2.06 0.92 9.16
CA ASP A 787 -1.09 1.75 9.83
C ASP A 787 -0.21 0.95 10.76
N PHE A 788 -0.65 -0.24 11.18
CA PHE A 788 0.19 -1.13 12.01
C PHE A 788 0.00 -2.61 11.67
N LEU A 789 0.91 -3.12 10.86
CA LEU A 789 0.80 -4.46 10.32
C LEU A 789 1.23 -5.56 11.31
N ALA A 790 0.40 -5.84 12.29
CA ALA A 790 0.65 -6.94 13.21
C ALA A 790 -0.65 -7.69 13.43
N VAL A 791 -0.51 -8.97 13.79
CA VAL A 791 -1.65 -9.86 13.87
C VAL A 791 -2.47 -9.51 15.10
N ASP A 792 -3.79 -9.49 14.95
CA ASP A 792 -4.67 -9.33 16.11
C ASP A 792 -6.08 -9.64 15.66
N GLY A 793 -7.08 -9.16 16.39
CA GLY A 793 -8.46 -9.47 16.06
C GLY A 793 -8.88 -8.86 14.75
N VAL A 794 -8.13 -7.88 14.25
CA VAL A 794 -8.51 -7.22 13.01
C VAL A 794 -7.74 -7.71 11.80
N LEU A 795 -6.44 -7.91 11.93
CA LEU A 795 -5.61 -8.45 10.84
C LEU A 795 -5.12 -9.87 11.14
N SER A 796 -5.38 -10.79 10.22
CA SER A 796 -4.86 -12.15 10.31
C SER A 796 -3.39 -12.19 9.95
N ALA A 797 -2.77 -13.35 10.16
CA ALA A 797 -1.43 -13.60 9.68
C ALA A 797 -1.39 -13.48 8.16
N GLU A 798 -2.42 -13.97 7.49
CA GLU A 798 -2.53 -13.91 6.04
C GLU A 798 -2.56 -12.46 5.59
N ASP A 799 -3.37 -11.65 6.26
CA ASP A 799 -3.47 -10.23 5.91
C ASP A 799 -2.15 -9.50 6.01
N VAL A 800 -1.36 -9.83 7.03
CA VAL A 800 -0.08 -9.17 7.27
C VAL A 800 0.91 -9.55 6.18
N ALA A 801 1.03 -10.85 5.90
CA ALA A 801 1.91 -11.34 4.84
C ALA A 801 1.53 -10.73 3.48
N ALA A 802 0.26 -10.73 3.16
CA ALA A 802 -0.19 -10.10 1.93
C ALA A 802 0.25 -8.63 1.85
N ALA A 803 0.11 -7.89 2.95
CA ALA A 803 0.46 -6.47 2.97
C ALA A 803 1.97 -6.23 2.86
N ARG A 804 2.77 -7.18 3.30
CA ARG A 804 4.22 -7.08 3.14
C ARG A 804 4.63 -7.34 1.69
N ARG A 805 3.99 -8.33 1.07
CA ARG A 805 4.32 -8.77 -0.28
C ARG A 805 3.97 -7.71 -1.28
N GLN A 806 2.81 -7.08 -1.11
CA GLN A 806 2.44 -5.94 -1.92
C GLN A 806 3.57 -5.00 -2.25
N MET A 807 4.36 -4.66 -1.24
CA MET A 807 5.39 -3.62 -1.34
C MET A 807 6.74 -4.20 -1.73
N ALA A 808 6.79 -5.50 -2.00
CA ALA A 808 8.07 -6.20 -2.10
C ALA A 808 9.01 -5.59 -3.16
N MET A 809 8.41 -5.00 -4.21
CA MET A 809 9.20 -4.35 -5.26
C MET A 809 9.83 -3.09 -4.75
N TRP A 810 9.12 -2.41 -3.85
CA TRP A 810 9.62 -1.17 -3.26
C TRP A 810 10.73 -1.52 -2.30
N THR A 811 10.47 -2.46 -1.40
CA THR A 811 11.46 -2.77 -0.37
C THR A 811 12.68 -3.47 -0.95
N ALA A 812 12.47 -4.40 -1.87
CA ALA A 812 13.61 -4.98 -2.59
C ALA A 812 14.46 -3.87 -3.20
N ASP A 813 13.78 -2.87 -3.77
CA ASP A 813 14.49 -1.72 -4.35
C ASP A 813 15.16 -0.84 -3.29
N HIS A 814 14.77 -0.99 -2.02
CA HIS A 814 15.30 -0.19 -0.91
C HIS A 814 14.84 1.26 -1.05
N THR A 815 13.55 1.37 -1.33
CA THR A 815 12.89 2.64 -1.59
C THR A 815 11.58 2.63 -0.83
N TYR A 816 11.32 3.71 -0.09
CA TYR A 816 10.09 3.82 0.68
C TYR A 816 9.55 5.25 0.65
N PRO A 817 8.31 5.38 0.17
CA PRO A 817 7.69 6.67 0.04
C PRO A 817 6.99 7.03 1.35
N VAL A 818 7.12 8.29 1.77
CA VAL A 818 6.50 8.73 3.01
C VAL A 818 5.77 10.07 2.85
N LEU A 819 4.63 10.15 3.51
CA LEU A 819 3.74 11.29 3.39
C LEU A 819 4.29 12.43 4.23
N PRO A 820 3.88 13.68 3.92
CA PRO A 820 4.28 14.71 4.87
C PRO A 820 3.73 14.41 6.28
N TRP A 821 4.49 14.83 7.30
CA TRP A 821 4.13 14.58 8.69
C TRP A 821 3.74 13.13 8.88
N SER A 822 4.72 12.26 8.76
CA SER A 822 4.47 10.83 8.83
C SER A 822 5.60 10.12 9.52
N CYS A 823 5.39 8.86 9.83
CA CYS A 823 6.34 8.09 10.61
C CYS A 823 6.31 6.65 10.12
N ILE A 824 7.48 6.00 10.00
CA ILE A 824 7.50 4.57 9.65
C ILE A 824 8.42 3.77 10.57
N VAL A 825 8.13 2.48 10.69
CA VAL A 825 9.04 1.55 11.33
C VAL A 825 9.12 0.33 10.44
N LEU A 826 10.33 -0.10 10.09
CA LEU A 826 10.49 -1.28 9.26
C LEU A 826 11.33 -2.31 10.00
N GLN A 827 11.19 -3.58 9.66
CA GLN A 827 11.98 -4.66 10.26
C GLN A 827 12.85 -5.40 9.24
N SER A 828 14.10 -5.66 9.60
CA SER A 828 14.99 -6.39 8.68
C SER A 828 14.60 -7.85 8.71
N ALA A 829 14.40 -8.42 7.53
CA ALA A 829 14.15 -9.85 7.35
C ALA A 829 15.11 -10.38 6.28
N PRO A 830 15.47 -11.67 6.37
CA PRO A 830 16.25 -12.35 5.31
C PRO A 830 15.56 -12.19 3.97
N GLU A 831 16.31 -11.90 2.92
CA GLU A 831 15.68 -11.68 1.63
C GLU A 831 15.13 -12.97 1.05
N ASP A 832 13.94 -12.88 0.47
CA ASP A 832 13.28 -14.00 -0.17
C ASP A 832 12.76 -13.62 -1.58
N PRO A 833 13.52 -13.95 -2.62
CA PRO A 833 13.12 -13.53 -3.97
C PRO A 833 11.73 -13.99 -4.42
N ALA A 834 11.23 -15.07 -3.84
CA ALA A 834 9.88 -15.53 -4.11
C ALA A 834 8.81 -14.52 -3.68
N ALA A 835 9.15 -13.52 -2.89
CA ALA A 835 8.14 -12.51 -2.47
C ALA A 835 7.48 -11.78 -3.65
N THR A 836 8.16 -11.72 -4.79
CA THR A 836 7.65 -11.00 -5.96
C THR A 836 6.80 -11.83 -6.93
N SER A 837 6.66 -13.13 -6.70
CA SER A 837 5.72 -13.93 -7.45
C SER A 837 4.30 -13.72 -6.91
N MET A 838 3.30 -14.35 -7.51
CA MET A 838 1.92 -14.10 -7.12
C MET A 838 1.67 -14.51 -5.66
N ILE A 839 0.95 -13.65 -4.92
CA ILE A 839 0.55 -13.90 -3.52
C ILE A 839 -0.57 -14.96 -3.45
N LYS A 840 -0.28 -16.10 -2.79
CA LYS A 840 -1.15 -17.28 -2.72
C LYS A 840 -1.41 -17.86 -4.11
N PHE B 42 -29.50 -26.65 -73.99
CA PHE B 42 -28.72 -27.92 -73.81
C PHE B 42 -27.29 -27.71 -74.30
N CYS B 43 -26.32 -28.17 -73.53
CA CYS B 43 -24.95 -28.21 -74.02
C CYS B 43 -24.80 -29.35 -75.00
N GLU B 44 -24.35 -29.01 -76.21
CA GLU B 44 -24.07 -30.00 -77.24
C GLU B 44 -23.08 -31.02 -76.69
N PRO B 45 -23.11 -32.26 -77.19
CA PRO B 45 -21.99 -33.16 -76.90
C PRO B 45 -20.69 -32.65 -77.54
N SER B 46 -19.58 -32.67 -76.82
CA SER B 46 -18.30 -32.21 -77.38
C SER B 46 -17.44 -33.36 -77.98
N GLY B 47 -17.97 -34.58 -77.98
CA GLY B 47 -17.39 -35.69 -78.74
C GLY B 47 -16.60 -36.75 -77.99
N GLN B 48 -16.25 -36.48 -76.72
CA GLN B 48 -15.40 -37.40 -75.97
C GLN B 48 -16.25 -38.56 -75.46
N PRO B 49 -15.70 -39.77 -75.50
CA PRO B 49 -16.48 -40.95 -75.10
C PRO B 49 -16.81 -40.98 -73.59
N ALA B 50 -17.89 -41.67 -73.26
CA ALA B 50 -18.18 -42.03 -71.87
C ALA B 50 -17.10 -43.00 -71.38
N SER B 51 -17.08 -43.20 -70.07
CA SER B 51 -16.26 -44.23 -69.44
C SER B 51 -17.06 -44.84 -68.30
N THR B 52 -16.45 -45.70 -67.49
CA THR B 52 -17.14 -46.26 -66.30
C THR B 52 -17.57 -45.15 -65.31
N ALA B 53 -16.85 -44.03 -65.33
CA ALA B 53 -16.99 -42.99 -64.31
C ALA B 53 -17.84 -41.78 -64.73
N TYR B 54 -18.21 -41.68 -66.00
CA TYR B 54 -19.00 -40.53 -66.47
C TYR B 54 -19.58 -40.78 -67.83
N GLY B 55 -20.51 -39.92 -68.22
CA GLY B 55 -21.19 -40.00 -69.51
C GLY B 55 -20.48 -39.24 -70.60
N PRO B 56 -21.04 -39.29 -71.83
CA PRO B 56 -20.42 -38.54 -72.93
C PRO B 56 -20.34 -37.06 -72.57
N ALA B 57 -19.17 -36.49 -72.78
CA ALA B 57 -18.90 -35.12 -72.39
C ALA B 57 -19.76 -34.12 -73.16
N LEU B 58 -20.11 -33.02 -72.52
CA LEU B 58 -20.79 -31.93 -73.18
C LEU B 58 -19.87 -30.73 -73.20
N THR B 59 -20.15 -29.76 -74.05
CA THR B 59 -19.30 -28.59 -74.25
C THR B 59 -19.05 -27.80 -72.96
N GLY B 60 -20.11 -27.58 -72.19
CA GLY B 60 -20.04 -26.76 -70.97
C GLY B 60 -20.06 -25.26 -71.25
N ARG B 61 -19.95 -24.46 -70.19
CA ARG B 61 -19.89 -22.99 -70.21
C ARG B 61 -18.61 -22.48 -69.55
N PRO B 62 -18.15 -21.27 -69.90
CA PRO B 62 -17.01 -20.63 -69.23
C PRO B 62 -17.31 -20.10 -67.82
N ALA B 63 -18.58 -19.87 -67.48
CA ALA B 63 -18.94 -19.37 -66.15
C ALA B 63 -19.77 -20.40 -65.46
N PRO B 64 -19.62 -20.55 -64.14
CA PRO B 64 -18.63 -19.87 -63.30
C PRO B 64 -17.24 -20.50 -63.46
N LEU B 65 -16.17 -19.74 -63.23
CA LEU B 65 -14.84 -20.36 -63.23
C LEU B 65 -14.77 -21.41 -62.12
N GLY B 66 -14.06 -22.51 -62.38
CA GLY B 66 -13.91 -23.60 -61.42
C GLY B 66 -14.80 -24.80 -61.73
N ALA B 67 -14.84 -25.75 -60.83
CA ALA B 67 -15.72 -26.88 -61.01
C ALA B 67 -17.05 -26.57 -60.33
N SER B 68 -18.17 -26.79 -61.02
CA SER B 68 -19.47 -26.49 -60.46
C SER B 68 -20.55 -27.41 -61.01
N ILE B 69 -21.68 -27.46 -60.33
CA ILE B 69 -22.80 -28.30 -60.70
C ILE B 69 -23.78 -27.58 -61.62
N ASP B 70 -23.94 -28.12 -62.82
CA ASP B 70 -24.99 -27.67 -63.74
C ASP B 70 -26.37 -27.89 -63.07
N ALA B 71 -27.12 -26.82 -62.90
CA ALA B 71 -28.45 -26.90 -62.30
C ALA B 71 -29.45 -27.62 -63.19
N ASP B 72 -29.18 -27.63 -64.50
CA ASP B 72 -30.05 -28.32 -65.44
C ASP B 72 -29.85 -29.85 -65.50
N THR B 73 -28.61 -30.29 -65.74
CA THR B 73 -28.32 -31.72 -65.90
C THR B 73 -27.76 -32.43 -64.65
N GLY B 74 -27.29 -31.66 -63.68
CA GLY B 74 -26.54 -32.24 -62.56
C GLY B 74 -25.10 -32.57 -62.95
N ALA B 75 -24.74 -32.29 -64.19
CA ALA B 75 -23.38 -32.56 -64.65
C ALA B 75 -22.42 -31.65 -63.92
N ILE B 76 -21.17 -32.06 -63.83
CA ILE B 76 -20.12 -31.17 -63.33
C ILE B 76 -19.57 -30.35 -64.48
N ASN B 77 -19.76 -29.04 -64.44
CA ASN B 77 -19.12 -28.14 -65.38
C ASN B 77 -17.74 -27.77 -64.83
N PHE B 78 -16.70 -27.92 -65.66
CA PHE B 78 -15.33 -27.48 -65.31
C PHE B 78 -14.97 -26.33 -66.19
N SER B 79 -14.45 -25.27 -65.59
CA SER B 79 -14.05 -24.09 -66.32
C SER B 79 -12.71 -23.64 -65.79
N VAL B 80 -11.83 -23.15 -66.67
CA VAL B 80 -10.48 -22.72 -66.25
C VAL B 80 -9.79 -21.81 -67.26
N PHE B 81 -9.18 -20.73 -66.76
CA PHE B 81 -8.56 -19.72 -67.62
C PHE B 81 -7.14 -20.09 -68.05
N SER B 82 -6.91 -20.08 -69.37
CA SER B 82 -5.56 -19.98 -69.95
C SER B 82 -5.61 -19.29 -71.31
N SER B 83 -5.03 -18.10 -71.39
CA SER B 83 -4.91 -17.42 -72.69
C SER B 83 -3.69 -17.95 -73.46
N SER B 84 -2.77 -18.63 -72.79
CA SER B 84 -1.50 -18.97 -73.45
C SER B 84 -1.41 -20.44 -73.90
N ALA B 85 -2.33 -21.27 -73.41
CA ALA B 85 -2.19 -22.71 -73.61
C ALA B 85 -2.60 -23.07 -75.02
N GLU B 86 -1.98 -24.11 -75.57
CA GLU B 86 -2.38 -24.68 -76.86
C GLU B 86 -3.31 -25.87 -76.71
N SER B 87 -3.06 -26.71 -75.71
CA SER B 87 -3.91 -27.86 -75.40
C SER B 87 -4.20 -27.89 -73.91
N VAL B 88 -5.40 -28.35 -73.56
CA VAL B 88 -5.76 -28.55 -72.17
C VAL B 88 -6.50 -29.85 -72.06
N SER B 89 -6.01 -30.72 -71.18
CA SER B 89 -6.73 -31.93 -70.84
C SER B 89 -7.14 -31.87 -69.38
N LEU B 90 -8.37 -32.35 -69.13
CA LEU B 90 -8.86 -32.59 -67.79
C LEU B 90 -8.37 -33.99 -67.35
N VAL B 91 -7.79 -34.04 -66.16
CA VAL B 91 -7.20 -35.28 -65.67
C VAL B 91 -7.94 -35.63 -64.41
N LEU B 92 -8.33 -36.89 -64.28
CA LEU B 92 -9.06 -37.33 -63.09
C LEU B 92 -8.30 -38.43 -62.35
N PHE B 93 -8.43 -38.40 -61.03
CA PHE B 93 -7.70 -39.30 -60.17
C PHE B 93 -8.60 -39.97 -59.16
N THR B 94 -8.47 -41.29 -59.02
CA THR B 94 -8.85 -41.95 -57.77
C THR B 94 -7.80 -41.57 -56.75
N GLU B 95 -8.13 -41.67 -55.47
CA GLU B 95 -7.10 -41.44 -54.47
C GLU B 95 -5.92 -42.42 -54.62
N ALA B 96 -6.20 -43.70 -54.82
CA ALA B 96 -5.12 -44.65 -55.00
C ALA B 96 -4.18 -44.18 -56.14
N ASP B 97 -4.76 -43.87 -57.31
CA ASP B 97 -3.96 -43.45 -58.44
C ASP B 97 -3.15 -42.19 -58.16
N LEU B 98 -3.75 -41.25 -57.41
CA LEU B 98 -3.06 -40.01 -57.06
C LEU B 98 -1.84 -40.30 -56.21
N ASN B 99 -1.99 -41.20 -55.25
CA ASN B 99 -0.88 -41.56 -54.39
C ASN B 99 0.24 -42.20 -55.19
N ALA B 100 -0.09 -42.93 -56.25
CA ALA B 100 0.93 -43.65 -57.04
C ALA B 100 1.49 -42.83 -58.22
N GLY B 101 1.12 -41.54 -58.32
CA GLY B 101 1.64 -40.68 -59.35
C GLY B 101 1.12 -40.97 -60.75
N ARG B 102 -0.16 -41.25 -60.84
CA ARG B 102 -0.73 -41.83 -62.04
C ARG B 102 -2.15 -41.31 -62.20
N ALA B 103 -2.58 -41.08 -63.45
CA ALA B 103 -3.90 -40.52 -63.74
C ALA B 103 -4.82 -41.65 -64.04
N THR B 104 -6.05 -41.57 -63.54
CA THR B 104 -7.07 -42.54 -63.87
C THR B 104 -7.69 -42.29 -65.24
N PHE B 105 -8.10 -41.05 -65.54
CA PHE B 105 -8.67 -40.69 -66.86
C PHE B 105 -8.08 -39.39 -67.37
N GLU B 106 -8.02 -39.24 -68.68
CA GLU B 106 -7.62 -37.98 -69.30
C GLU B 106 -8.54 -37.65 -70.44
N ILE B 107 -9.09 -36.44 -70.38
CA ILE B 107 -10.03 -35.98 -71.37
C ILE B 107 -9.46 -34.75 -72.05
N PRO B 108 -8.92 -34.92 -73.27
CA PRO B 108 -8.49 -33.77 -74.06
C PRO B 108 -9.66 -32.86 -74.43
N LEU B 109 -9.50 -31.56 -74.25
CA LEU B 109 -10.57 -30.61 -74.60
C LEU B 109 -10.41 -30.11 -76.03
N ASP B 110 -11.50 -30.13 -76.77
CA ASP B 110 -11.51 -29.55 -78.12
C ASP B 110 -11.32 -28.01 -78.04
N PRO B 111 -10.26 -27.49 -78.70
CA PRO B 111 -9.97 -26.06 -78.59
C PRO B 111 -11.03 -25.12 -79.22
N TYR B 112 -11.96 -25.68 -80.00
CA TYR B 112 -13.02 -24.90 -80.59
C TYR B 112 -14.25 -24.98 -79.74
N VAL B 113 -14.72 -26.19 -79.50
CA VAL B 113 -16.00 -26.38 -78.82
C VAL B 113 -15.91 -26.32 -77.28
N ASN B 114 -14.78 -26.77 -76.73
CA ASN B 114 -14.55 -26.82 -75.27
C ASN B 114 -13.76 -25.58 -74.78
N ARG B 115 -14.06 -24.42 -75.38
CA ARG B 115 -13.37 -23.17 -75.06
C ARG B 115 -14.09 -21.94 -75.62
N THR B 116 -14.22 -20.92 -74.79
CA THR B 116 -14.80 -19.65 -75.19
C THR B 116 -13.85 -18.54 -74.77
N GLY B 117 -13.19 -17.91 -75.74
CA GLY B 117 -12.19 -16.87 -75.48
C GLY B 117 -10.94 -17.47 -74.88
N ASP B 118 -10.53 -16.99 -73.73
CA ASP B 118 -9.42 -17.62 -72.99
C ASP B 118 -9.85 -18.53 -71.86
N VAL B 119 -11.14 -18.88 -71.83
CA VAL B 119 -11.67 -19.81 -70.86
C VAL B 119 -12.00 -21.16 -71.49
N TRP B 120 -11.32 -22.20 -71.02
CA TRP B 120 -11.52 -23.57 -71.47
C TRP B 120 -12.54 -24.23 -70.60
N HIS B 121 -13.44 -25.00 -71.20
CA HIS B 121 -14.53 -25.58 -70.41
C HIS B 121 -15.07 -26.88 -71.02
N ILE B 122 -15.43 -27.82 -70.13
CA ILE B 122 -16.02 -29.09 -70.48
C ILE B 122 -17.01 -29.51 -69.38
N MET B 123 -18.07 -30.22 -69.74
CA MET B 123 -19.07 -30.69 -68.78
C MET B 123 -19.07 -32.21 -68.78
N LEU B 124 -19.14 -32.84 -67.61
CA LEU B 124 -19.16 -34.31 -67.51
C LEU B 124 -20.34 -34.82 -66.66
N PRO B 125 -21.35 -35.42 -67.31
CA PRO B 125 -22.53 -35.84 -66.55
C PRO B 125 -22.36 -37.14 -65.78
N ASP B 126 -23.13 -37.26 -64.70
CA ASP B 126 -23.17 -38.49 -63.90
C ASP B 126 -21.75 -38.93 -63.50
N LEU B 127 -20.96 -37.97 -63.03
CA LEU B 127 -19.58 -38.20 -62.67
C LEU B 127 -19.49 -38.78 -61.25
N ARG B 128 -18.72 -39.86 -61.10
CA ARG B 128 -18.38 -40.40 -59.79
C ARG B 128 -17.77 -39.28 -58.96
N ASP B 129 -18.42 -38.93 -57.86
CA ASP B 129 -18.08 -37.73 -57.09
C ASP B 129 -16.85 -37.89 -56.17
N ASP B 130 -16.32 -39.11 -56.10
CA ASP B 130 -15.12 -39.43 -55.33
C ASP B 130 -13.82 -39.32 -56.17
N LEU B 131 -13.88 -38.78 -57.38
CA LEU B 131 -12.67 -38.59 -58.15
C LEU B 131 -12.14 -37.20 -57.85
N LEU B 132 -10.87 -36.98 -58.11
CA LEU B 132 -10.26 -35.65 -57.97
C LEU B 132 -9.75 -35.20 -59.31
N TYR B 133 -9.51 -33.90 -59.49
CA TYR B 133 -9.17 -33.40 -60.80
C TYR B 133 -8.02 -32.40 -60.86
N GLY B 134 -7.45 -32.30 -62.06
CA GLY B 134 -6.42 -31.32 -62.37
C GLY B 134 -6.43 -31.08 -63.88
N TYR B 135 -5.38 -30.41 -64.35
CA TYR B 135 -5.29 -30.07 -65.76
C TYR B 135 -3.89 -30.30 -66.27
N ARG B 136 -3.79 -30.99 -67.41
CA ARG B 136 -2.54 -31.04 -68.14
C ARG B 136 -2.59 -29.97 -69.22
N VAL B 137 -1.68 -29.01 -69.12
CA VAL B 137 -1.65 -27.87 -70.02
C VAL B 137 -0.41 -27.89 -70.90
N GLU B 138 -0.60 -28.00 -72.21
CA GLU B 138 0.52 -27.95 -73.15
C GLU B 138 0.54 -26.61 -73.86
N GLY B 139 1.75 -26.13 -74.14
CA GLY B 139 2.02 -24.83 -74.75
C GLY B 139 3.53 -24.61 -74.79
N VAL B 140 3.96 -23.46 -75.28
CA VAL B 140 5.39 -23.20 -75.47
C VAL B 140 6.06 -22.89 -74.15
N HIS B 141 7.35 -23.11 -74.11
CA HIS B 141 8.14 -22.82 -72.93
C HIS B 141 9.33 -22.02 -73.40
N GLN B 142 9.74 -21.02 -72.62
CA GLN B 142 10.81 -20.09 -73.03
C GLN B 142 12.21 -20.73 -73.14
N GLU B 143 12.54 -21.66 -72.27
CA GLU B 143 13.76 -22.46 -72.42
C GLU B 143 13.80 -23.33 -73.69
N GLU B 144 12.67 -23.89 -74.11
CA GLU B 144 12.63 -24.59 -75.39
C GLU B 144 12.55 -23.62 -76.57
N ASP B 145 12.27 -22.35 -76.33
CA ASP B 145 12.23 -21.31 -77.41
C ASP B 145 12.26 -19.86 -76.87
N LYS B 146 13.43 -19.23 -76.97
CA LYS B 146 13.73 -17.88 -76.44
C LYS B 146 12.81 -16.77 -76.96
N ASP B 147 12.25 -16.95 -78.16
CA ASP B 147 11.27 -16.02 -78.73
C ASP B 147 10.04 -15.79 -77.88
N TYR B 148 9.80 -16.68 -76.91
CA TYR B 148 8.60 -16.58 -76.08
C TYR B 148 8.93 -16.42 -74.60
N PRO B 149 9.67 -15.34 -74.25
CA PRO B 149 9.95 -15.13 -72.82
C PRO B 149 8.67 -15.06 -72.00
N GLY B 150 8.71 -15.71 -70.84
CA GLY B 150 7.61 -15.69 -69.87
C GLY B 150 6.64 -16.84 -69.99
N MET B 151 6.69 -17.58 -71.09
CA MET B 151 5.84 -18.76 -71.24
C MET B 151 6.55 -19.92 -70.57
N ARG B 152 5.85 -20.57 -69.64
CA ARG B 152 6.45 -21.68 -68.89
C ARG B 152 5.50 -22.88 -68.81
N HIS B 153 4.88 -23.25 -69.93
CA HIS B 153 4.06 -24.45 -69.98
C HIS B 153 4.91 -25.72 -69.84
N ASP B 154 4.40 -26.73 -69.14
CA ASP B 154 5.06 -28.07 -69.08
C ASP B 154 4.01 -29.18 -68.98
N LYS B 155 3.83 -29.91 -70.06
CA LYS B 155 2.80 -30.92 -70.14
C LYS B 155 3.13 -32.18 -69.34
N ARG B 156 4.30 -32.24 -68.73
CA ARG B 156 4.58 -33.34 -67.79
C ARG B 156 3.90 -33.06 -66.47
N ARG B 157 3.44 -31.82 -66.27
CA ARG B 157 2.81 -31.47 -65.00
C ARG B 157 1.30 -31.56 -65.10
N VAL B 158 0.64 -31.72 -63.97
CA VAL B 158 -0.80 -31.65 -63.91
C VAL B 158 -1.06 -30.63 -62.80
N VAL B 159 -1.58 -29.47 -63.20
CA VAL B 159 -1.67 -28.34 -62.33
C VAL B 159 -3.04 -28.20 -61.73
N LEU B 160 -3.06 -27.55 -60.56
CA LEU B 160 -4.26 -27.31 -59.80
C LEU B 160 -5.14 -26.11 -60.30
N ASP B 161 -6.44 -26.36 -60.28
CA ASP B 161 -7.46 -25.35 -60.49
C ASP B 161 -7.27 -24.25 -59.44
N PRO B 162 -7.06 -23.00 -59.87
CA PRO B 162 -6.93 -21.96 -58.86
C PRO B 162 -8.16 -21.86 -57.96
N TYR B 163 -9.33 -22.14 -58.55
CA TYR B 163 -10.59 -22.05 -57.86
C TYR B 163 -11.02 -23.32 -57.14
N ALA B 164 -10.09 -24.25 -56.88
CA ALA B 164 -10.39 -25.50 -56.14
C ALA B 164 -10.95 -25.29 -54.72
N VAL B 165 -12.10 -25.90 -54.48
CA VAL B 165 -12.81 -25.79 -53.20
C VAL B 165 -12.07 -26.55 -52.05
N ALA B 166 -11.35 -27.60 -52.41
CA ALA B 166 -10.60 -28.42 -51.45
C ALA B 166 -9.47 -29.08 -52.21
N VAL B 167 -8.32 -29.22 -51.58
CA VAL B 167 -7.19 -29.87 -52.21
C VAL B 167 -6.85 -31.14 -51.41
N LEU B 168 -6.47 -32.19 -52.11
CA LEU B 168 -5.92 -33.33 -51.43
C LEU B 168 -4.53 -33.49 -51.96
N ASN B 169 -3.54 -33.52 -51.10
CA ASN B 169 -2.31 -34.15 -51.55
C ASN B 169 -1.69 -35.12 -50.50
N ARG B 170 -1.20 -34.57 -49.39
CA ARG B 170 -0.76 -35.40 -48.29
C ARG B 170 -1.70 -35.11 -47.12
N ARG B 171 -2.07 -36.16 -46.39
CA ARG B 171 -3.18 -36.08 -45.43
C ARG B 171 -2.85 -35.60 -44.01
N ARG B 172 -1.59 -35.74 -43.60
CA ARG B 172 -1.19 -35.51 -42.24
C ARG B 172 -0.06 -34.52 -42.18
N TRP B 173 -0.13 -33.65 -41.19
CA TRP B 173 0.93 -32.67 -41.00
C TRP B 173 2.28 -33.40 -40.97
N GLY B 174 3.21 -32.94 -41.79
CA GLY B 174 4.58 -33.45 -41.73
C GLY B 174 4.82 -34.77 -42.46
N GLN B 175 3.75 -35.41 -42.92
CA GLN B 175 3.85 -36.62 -43.73
C GLN B 175 4.55 -36.41 -45.10
N MET B 176 5.64 -37.12 -45.30
CA MET B 176 6.39 -37.03 -46.53
C MET B 176 5.59 -37.68 -47.66
N GLY B 177 5.71 -37.10 -48.85
CA GLY B 177 5.04 -37.63 -50.05
C GLY B 177 5.62 -38.99 -50.41
N PRO B 178 5.00 -39.68 -51.38
CA PRO B 178 5.52 -41.00 -51.74
C PRO B 178 6.91 -40.96 -52.39
N ASN B 179 7.58 -42.10 -52.32
CA ASN B 179 8.91 -42.27 -52.87
C ASN B 179 8.81 -42.82 -54.29
N LEU B 180 8.45 -41.96 -55.24
CA LEU B 180 8.24 -42.38 -56.63
C LEU B 180 9.44 -41.99 -57.48
N PRO B 181 9.63 -42.63 -58.64
CA PRO B 181 10.71 -42.19 -59.54
C PRO B 181 10.31 -40.92 -60.31
N TYR B 182 10.26 -39.80 -59.59
CA TYR B 182 9.83 -38.53 -60.16
C TYR B 182 10.75 -38.12 -61.32
N GLY B 183 10.16 -37.54 -62.37
CA GLY B 183 10.91 -37.10 -63.54
C GLY B 183 10.95 -38.12 -64.68
N GLU B 184 10.47 -39.33 -64.45
CA GLU B 184 10.45 -40.33 -65.49
C GLU B 184 9.13 -40.33 -66.24
N GLU B 185 9.14 -40.83 -67.47
CA GLU B 185 7.96 -40.85 -68.33
C GLU B 185 6.69 -41.32 -67.60
N GLY B 186 5.75 -40.39 -67.46
CA GLY B 186 4.40 -40.71 -67.00
C GLY B 186 4.17 -40.57 -65.51
N VAL B 187 5.22 -40.33 -64.74
CA VAL B 187 5.08 -40.26 -63.29
C VAL B 187 4.73 -38.82 -62.94
N LEU B 188 3.63 -38.63 -62.23
CA LEU B 188 3.20 -37.31 -61.83
C LEU B 188 3.75 -36.94 -60.46
N GLY B 189 4.05 -35.65 -60.29
CA GLY B 189 4.63 -35.10 -59.06
C GLY B 189 6.06 -34.66 -59.29
N VAL B 190 6.59 -33.87 -58.38
CA VAL B 190 7.84 -33.17 -58.60
C VAL B 190 8.99 -33.76 -57.82
N MET B 191 8.77 -33.97 -56.52
CA MET B 191 9.70 -34.64 -55.59
C MET B 191 8.89 -35.06 -54.35
N PRO B 192 9.49 -35.82 -53.41
CA PRO B 192 8.66 -36.28 -52.27
C PRO B 192 8.03 -35.19 -51.41
N THR B 193 8.71 -34.09 -51.22
CA THR B 193 8.12 -32.91 -50.57
C THR B 193 7.06 -32.21 -51.41
N TRP B 194 6.96 -32.58 -52.68
CA TRP B 194 5.98 -31.98 -53.60
C TRP B 194 5.33 -33.01 -54.50
N PRO B 195 4.66 -34.02 -53.90
CA PRO B 195 3.94 -35.03 -54.69
C PRO B 195 2.73 -34.41 -55.38
N GLN B 196 2.13 -35.15 -56.33
CA GLN B 196 0.98 -34.67 -57.11
C GLN B 196 -0.24 -34.37 -56.23
N ALA B 197 -0.74 -33.15 -56.40
CA ALA B 197 -1.96 -32.67 -55.77
C ALA B 197 -3.12 -32.79 -56.74
N ALA B 198 -4.34 -32.97 -56.21
CA ALA B 198 -5.58 -32.89 -56.99
C ALA B 198 -6.69 -32.17 -56.19
N ALA B 199 -7.70 -31.68 -56.92
CA ALA B 199 -8.78 -30.91 -56.32
C ALA B 199 -10.02 -31.78 -56.22
N ALA B 200 -10.80 -31.56 -55.17
CA ALA B 200 -12.04 -32.28 -54.97
C ALA B 200 -13.15 -31.71 -55.85
N LEU B 201 -14.15 -32.55 -56.12
CA LEU B 201 -15.35 -32.14 -56.87
C LEU B 201 -16.39 -31.51 -55.96
N PRO B 202 -17.35 -30.76 -56.55
CA PRO B 202 -18.51 -30.28 -55.82
C PRO B 202 -19.37 -31.41 -55.25
N ALA B 203 -19.97 -31.16 -54.09
CA ALA B 203 -20.86 -32.12 -53.40
C ALA B 203 -22.30 -32.02 -53.87
N ALA B 204 -22.92 -33.16 -54.21
CA ALA B 204 -24.34 -33.21 -54.60
C ALA B 204 -25.26 -33.44 -53.40
N SER B 207 -26.45 -31.86 -49.22
CA SER B 207 -25.91 -32.06 -47.87
C SER B 207 -25.11 -30.85 -47.36
N ALA B 208 -25.64 -29.65 -47.59
CA ALA B 208 -25.01 -28.40 -47.16
C ALA B 208 -24.91 -28.29 -45.62
N PHE B 209 -23.85 -27.63 -45.17
CA PHE B 209 -23.55 -27.42 -43.75
C PHE B 209 -24.70 -26.68 -43.07
N ASP B 210 -24.95 -27.02 -41.81
CA ASP B 210 -25.99 -26.34 -41.05
C ASP B 210 -25.36 -25.20 -40.24
N TRP B 211 -25.53 -23.97 -40.74
CA TRP B 211 -25.01 -22.78 -40.07
C TRP B 211 -25.84 -22.41 -38.83
N GLU B 212 -27.11 -22.81 -38.83
CA GLU B 212 -28.03 -22.53 -37.71
C GLU B 212 -28.14 -21.03 -37.49
N GLY B 213 -28.40 -20.30 -38.57
CA GLY B 213 -28.63 -18.86 -38.51
C GLY B 213 -27.38 -18.01 -38.33
N ASP B 214 -26.19 -18.60 -38.41
CA ASP B 214 -24.95 -17.86 -38.26
C ASP B 214 -24.80 -16.79 -39.33
N THR B 215 -24.41 -15.58 -38.92
CA THR B 215 -23.96 -14.55 -39.84
C THR B 215 -22.72 -13.93 -39.25
N PRO B 216 -21.88 -13.29 -40.10
CA PRO B 216 -20.75 -12.56 -39.57
C PRO B 216 -21.26 -11.55 -38.57
N LEU B 217 -20.47 -11.21 -37.58
CA LEU B 217 -20.95 -10.42 -36.44
C LEU B 217 -21.08 -8.91 -36.70
N ASN B 218 -20.33 -8.41 -37.66
CA ASN B 218 -20.25 -6.98 -37.99
C ASN B 218 -20.07 -6.08 -36.76
N LEU B 219 -19.12 -6.45 -35.91
CA LEU B 219 -18.80 -5.64 -34.73
C LEU B 219 -18.20 -4.32 -35.19
N PRO B 220 -18.54 -3.22 -34.50
CA PRO B 220 -17.86 -1.98 -34.80
C PRO B 220 -16.34 -2.15 -34.65
N MET B 221 -15.57 -1.71 -35.63
CA MET B 221 -14.12 -1.90 -35.65
C MET B 221 -13.48 -1.40 -34.36
N GLU B 222 -13.97 -0.28 -33.83
CA GLU B 222 -13.38 0.34 -32.64
C GLU B 222 -13.53 -0.48 -31.35
N SER B 223 -14.45 -1.43 -31.35
CA SER B 223 -14.67 -2.28 -30.20
C SER B 223 -13.78 -3.53 -30.18
N LEU B 224 -12.87 -3.67 -31.16
CA LEU B 224 -12.14 -4.93 -31.26
C LEU B 224 -10.92 -4.95 -30.37
N VAL B 225 -10.70 -6.12 -29.78
CA VAL B 225 -9.40 -6.54 -29.30
C VAL B 225 -9.10 -7.81 -30.08
N ILE B 226 -7.99 -7.82 -30.81
CA ILE B 226 -7.68 -8.88 -31.76
C ILE B 226 -6.64 -9.80 -31.16
N TYR B 227 -6.81 -11.10 -31.37
CA TYR B 227 -5.82 -12.09 -30.97
C TYR B 227 -5.27 -12.75 -32.22
N GLU B 228 -4.00 -12.53 -32.51
CA GLU B 228 -3.33 -13.12 -33.63
C GLU B 228 -2.95 -14.55 -33.28
N ALA B 229 -3.51 -15.52 -33.98
CA ALA B 229 -3.24 -16.91 -33.63
C ALA B 229 -2.96 -17.82 -34.84
N HIS B 230 -2.35 -18.95 -34.52
CA HIS B 230 -1.97 -19.95 -35.50
C HIS B 230 -2.69 -21.19 -35.11
N VAL B 231 -3.33 -21.83 -36.08
CA VAL B 231 -4.30 -22.91 -35.83
C VAL B 231 -3.61 -24.14 -35.25
N ARG B 232 -2.43 -24.47 -35.77
CA ARG B 232 -1.71 -25.59 -35.21
C ARG B 232 -1.06 -25.25 -33.85
N GLY B 233 -0.47 -24.07 -33.79
CA GLY B 233 0.22 -23.64 -32.59
C GLY B 233 -0.74 -23.52 -31.44
N PHE B 234 -1.99 -23.24 -31.76
CA PHE B 234 -2.97 -23.04 -30.71
C PHE B 234 -3.17 -24.28 -29.81
N THR B 235 -3.10 -25.49 -30.35
CA THR B 235 -3.35 -26.71 -29.53
C THR B 235 -2.38 -27.89 -29.73
N ALA B 236 -1.31 -27.69 -30.50
CA ALA B 236 -0.33 -28.74 -30.75
C ALA B 236 0.33 -29.21 -29.50
N HIS B 237 0.50 -28.31 -28.51
CA HIS B 237 1.30 -28.67 -27.31
C HIS B 237 0.59 -29.74 -26.50
N ALA B 238 1.34 -30.71 -25.99
CA ALA B 238 0.76 -31.79 -25.18
C ALA B 238 -0.20 -31.27 -24.10
N SER B 239 0.15 -30.18 -23.46
CA SER B 239 -0.68 -29.58 -22.40
C SER B 239 -2.06 -29.10 -22.83
N SER B 240 -2.29 -28.94 -24.14
CA SER B 240 -3.62 -28.54 -24.65
C SER B 240 -4.73 -29.48 -24.18
N GLY B 241 -4.41 -30.78 -24.14
CA GLY B 241 -5.34 -31.81 -23.67
C GLY B 241 -6.54 -32.03 -24.57
N VAL B 242 -6.49 -31.55 -25.82
CA VAL B 242 -7.63 -31.68 -26.73
C VAL B 242 -7.63 -33.03 -27.46
N ALA B 243 -8.74 -33.35 -28.10
CA ALA B 243 -8.90 -34.63 -28.80
C ALA B 243 -8.05 -34.65 -30.08
N ALA B 244 -8.05 -33.55 -30.84
CA ALA B 244 -7.28 -33.48 -32.07
C ALA B 244 -6.33 -32.29 -32.07
N PRO B 245 -5.16 -32.46 -31.42
CA PRO B 245 -4.17 -31.39 -31.29
C PRO B 245 -3.77 -30.78 -32.62
N GLY B 246 -3.71 -29.46 -32.68
CA GLY B 246 -3.22 -28.74 -33.84
C GLY B 246 -4.16 -28.59 -35.03
N THR B 247 -5.47 -28.78 -34.80
CA THR B 247 -6.48 -28.73 -35.86
C THR B 247 -7.57 -27.68 -35.66
N TYR B 248 -8.39 -27.49 -36.69
CA TYR B 248 -9.55 -26.59 -36.59
C TYR B 248 -10.47 -27.14 -35.48
N ALA B 249 -10.65 -28.45 -35.47
CA ALA B 249 -11.44 -29.10 -34.41
C ALA B 249 -10.81 -28.94 -33.03
N GLY B 250 -9.48 -28.92 -32.97
CA GLY B 250 -8.77 -28.76 -31.69
C GLY B 250 -8.96 -27.36 -31.12
N MET B 251 -8.88 -26.37 -32.01
CA MET B 251 -9.05 -24.98 -31.63
C MET B 251 -10.43 -24.72 -31.06
N VAL B 252 -11.46 -25.31 -31.69
CA VAL B 252 -12.85 -25.19 -31.20
C VAL B 252 -12.94 -25.62 -29.73
N GLU B 253 -12.27 -26.71 -29.39
CA GLU B 253 -12.30 -27.26 -28.04
C GLU B 253 -11.70 -26.30 -26.97
N ARG B 254 -10.89 -25.31 -27.37
CA ARG B 254 -10.29 -24.35 -26.43
C ARG B 254 -10.71 -22.88 -26.68
N LEU B 255 -11.77 -22.63 -27.44
CA LEU B 255 -12.22 -21.23 -27.66
C LEU B 255 -12.73 -20.48 -26.42
N ASP B 256 -13.21 -21.20 -25.42
CA ASP B 256 -13.69 -20.59 -24.18
C ASP B 256 -12.57 -19.84 -23.49
N TYR B 257 -11.34 -20.34 -23.56
CA TYR B 257 -10.20 -19.59 -23.06
C TYR B 257 -10.18 -18.19 -23.65
N LEU B 258 -10.38 -18.07 -24.96
CA LEU B 258 -10.29 -16.76 -25.63
C LEU B 258 -11.41 -15.84 -25.24
N LYS B 259 -12.61 -16.40 -25.12
CA LYS B 259 -13.74 -15.66 -24.60
C LYS B 259 -13.50 -15.18 -23.16
N SER B 260 -12.94 -16.02 -22.30
CA SER B 260 -12.68 -15.64 -20.91
C SER B 260 -11.59 -14.60 -20.84
N LEU B 261 -10.61 -14.71 -21.73
CA LEU B 261 -9.58 -13.70 -21.88
C LEU B 261 -10.16 -12.31 -22.24
N GLY B 262 -11.33 -12.27 -22.88
CA GLY B 262 -11.97 -11.00 -23.23
C GLY B 262 -11.70 -10.53 -24.65
N VAL B 263 -11.15 -11.42 -25.46
CA VAL B 263 -10.89 -11.20 -26.87
C VAL B 263 -12.18 -11.37 -27.69
N ASN B 264 -12.43 -10.48 -28.64
CA ASN B 264 -13.61 -10.56 -29.52
C ASN B 264 -13.30 -10.64 -31.03
N ALA B 265 -12.03 -10.83 -31.38
CA ALA B 265 -11.66 -11.16 -32.76
C ALA B 265 -10.41 -12.02 -32.75
N ILE B 266 -10.39 -13.04 -33.59
CA ILE B 266 -9.19 -13.85 -33.74
C ILE B 266 -8.74 -13.69 -35.20
N GLU B 267 -7.46 -13.43 -35.36
CA GLU B 267 -6.81 -13.32 -36.65
C GLU B 267 -5.91 -14.52 -36.86
N LEU B 268 -6.33 -15.39 -37.78
CA LEU B 268 -5.64 -16.66 -38.03
C LEU B 268 -4.48 -16.47 -38.99
N LEU B 269 -3.33 -17.05 -38.67
CA LEU B 269 -2.25 -17.08 -39.64
C LEU B 269 -2.77 -17.91 -40.82
N PRO B 270 -2.09 -17.84 -41.97
CA PRO B 270 -2.64 -18.36 -43.24
C PRO B 270 -3.26 -19.76 -43.15
N VAL B 271 -4.58 -19.81 -43.38
CA VAL B 271 -5.29 -21.07 -43.44
C VAL B 271 -5.55 -21.54 -44.88
N PHE B 272 -5.10 -20.78 -45.89
CA PHE B 272 -5.23 -21.26 -47.26
C PHE B 272 -4.18 -22.31 -47.46
N GLU B 273 -4.54 -23.39 -48.15
CA GLU B 273 -3.64 -24.50 -48.39
C GLU B 273 -2.17 -24.05 -48.64
N PHE B 274 -1.23 -24.70 -47.94
CA PHE B 274 0.21 -24.50 -48.15
C PHE B 274 1.01 -25.76 -47.84
N ASN B 275 2.26 -25.76 -48.30
CA ASN B 275 3.13 -26.89 -48.16
C ASN B 275 4.13 -26.69 -47.06
N GLU B 276 3.82 -27.28 -45.91
CA GLU B 276 4.64 -27.14 -44.75
C GLU B 276 6.03 -27.78 -44.95
N LEU B 277 6.14 -28.66 -45.95
CA LEU B 277 7.42 -29.30 -46.29
C LEU B 277 8.25 -28.56 -47.34
N GLU B 278 7.84 -27.33 -47.67
CA GLU B 278 8.59 -26.50 -48.61
C GLU B 278 10.08 -26.29 -48.16
N TYR B 279 10.28 -26.04 -46.85
CA TYR B 279 11.63 -25.82 -46.30
C TYR B 279 12.09 -27.05 -45.47
N TYR B 280 11.74 -28.27 -45.92
CA TYR B 280 11.99 -29.47 -45.11
C TYR B 280 13.47 -29.78 -45.11
N SER B 281 14.09 -29.63 -43.95
CA SER B 281 15.54 -29.68 -43.86
C SER B 281 15.94 -29.85 -42.43
N GLN B 282 17.06 -30.53 -42.22
CA GLN B 282 17.52 -30.83 -40.86
C GLN B 282 18.23 -29.64 -40.22
N ILE B 283 17.96 -29.42 -38.93
CA ILE B 283 18.61 -28.36 -38.15
C ILE B 283 19.89 -28.90 -37.48
N PRO B 284 21.10 -28.50 -37.97
CA PRO B 284 22.39 -29.02 -37.48
C PRO B 284 22.48 -29.33 -35.99
N GLY B 285 21.97 -28.43 -35.15
CA GLY B 285 21.96 -28.67 -33.71
C GLY B 285 21.29 -29.96 -33.24
N SER B 286 20.17 -30.34 -33.88
CA SER B 286 19.20 -31.23 -33.23
C SER B 286 18.71 -32.41 -34.07
N ASP B 287 17.78 -33.15 -33.45
CA ASP B 287 16.89 -34.07 -34.14
C ASP B 287 15.90 -33.31 -35.06
N GLN B 288 15.44 -32.14 -34.58
CA GLN B 288 14.38 -31.34 -35.22
C GLN B 288 14.62 -30.89 -36.69
N TYR B 289 13.54 -30.94 -37.48
CA TYR B 289 13.54 -30.44 -38.87
C TYR B 289 12.84 -29.08 -39.00
N ARG B 290 13.27 -28.31 -39.99
CA ARG B 290 12.69 -27.00 -40.33
C ARG B 290 11.45 -27.21 -41.21
N PHE B 291 10.38 -26.47 -40.95
CA PHE B 291 9.17 -26.54 -41.75
C PHE B 291 8.90 -25.19 -42.36
N ASN B 292 7.88 -25.13 -43.20
CA ASN B 292 7.17 -23.93 -43.37
C ASN B 292 6.03 -24.01 -42.35
N PHE B 293 6.27 -23.48 -41.15
CA PHE B 293 5.26 -23.53 -40.11
C PHE B 293 4.17 -22.46 -40.27
N TRP B 294 4.55 -21.19 -40.33
CA TRP B 294 3.55 -20.10 -40.37
C TRP B 294 2.58 -20.18 -41.54
N GLY B 295 3.11 -20.44 -42.73
CA GLY B 295 2.31 -20.68 -43.93
C GLY B 295 2.26 -19.50 -44.90
N TYR B 296 3.31 -18.70 -44.94
CA TYR B 296 3.31 -17.53 -45.83
C TYR B 296 3.84 -17.90 -47.23
N SER B 297 3.13 -18.80 -47.90
CA SER B 297 3.55 -19.36 -49.20
C SER B 297 2.42 -20.27 -49.63
N THR B 298 1.43 -19.67 -50.25
CA THR B 298 0.17 -20.32 -50.54
C THR B 298 0.21 -21.13 -51.84
N VAL B 299 -0.35 -22.32 -51.74
CA VAL B 299 -0.47 -23.23 -52.86
C VAL B 299 -1.81 -23.03 -53.58
N ASN B 300 -2.90 -23.01 -52.80
CA ASN B 300 -4.26 -22.78 -53.29
C ASN B 300 -5.03 -21.84 -52.38
N TYR B 301 -5.55 -20.76 -52.97
CA TYR B 301 -6.22 -19.68 -52.27
C TYR B 301 -7.71 -19.94 -51.93
N PHE B 302 -8.34 -20.90 -52.62
CA PHE B 302 -9.74 -21.20 -52.36
C PHE B 302 -9.96 -22.42 -51.43
N SER B 303 -8.91 -23.22 -51.17
CA SER B 303 -9.02 -24.41 -50.31
C SER B 303 -8.42 -24.24 -48.90
N PRO B 304 -9.18 -24.65 -47.89
CA PRO B 304 -8.62 -24.58 -46.55
C PRO B 304 -7.51 -25.60 -46.36
N MET B 305 -6.52 -25.25 -45.54
CA MET B 305 -5.32 -26.04 -45.34
C MET B 305 -5.70 -27.41 -44.79
N GLY B 306 -5.55 -28.43 -45.62
CA GLY B 306 -6.01 -29.77 -45.28
C GLY B 306 -5.36 -30.39 -44.05
N ARG B 307 -4.08 -30.06 -43.82
CA ARG B 307 -3.32 -30.58 -42.69
C ARG B 307 -3.56 -29.84 -41.39
N PHE B 308 -4.55 -28.96 -41.36
CA PHE B 308 -5.14 -28.45 -40.11
C PHE B 308 -6.51 -29.14 -39.84
N SER B 309 -6.93 -30.06 -40.71
CA SER B 309 -8.16 -30.80 -40.50
C SER B 309 -7.88 -32.18 -39.85
N ALA B 310 -8.46 -32.39 -38.67
CA ALA B 310 -8.46 -33.70 -38.04
C ALA B 310 -9.10 -34.77 -38.91
N ALA B 311 -10.15 -34.38 -39.63
CA ALA B 311 -10.93 -35.34 -40.43
C ALA B 311 -10.10 -35.84 -41.62
N VAL B 312 -9.46 -34.91 -42.33
CA VAL B 312 -8.59 -35.26 -43.46
C VAL B 312 -7.43 -36.14 -42.98
N GLY B 313 -6.83 -35.81 -41.85
CA GLY B 313 -5.78 -36.65 -41.26
C GLY B 313 -6.24 -38.05 -40.90
N GLN B 314 -7.56 -38.20 -40.68
CA GLN B 314 -8.14 -39.50 -40.35
C GLN B 314 -8.67 -40.27 -41.54
N GLY B 315 -8.44 -39.78 -42.75
CA GLY B 315 -8.87 -40.49 -43.97
C GLY B 315 -10.18 -40.06 -44.60
N ALA B 316 -10.81 -39.01 -44.08
CA ALA B 316 -12.08 -38.52 -44.64
C ALA B 316 -11.88 -37.87 -46.00
N PRO B 317 -12.96 -37.71 -46.80
CA PRO B 317 -12.76 -37.02 -48.08
C PRO B 317 -12.20 -35.59 -47.93
N ALA B 318 -11.53 -35.10 -48.95
CA ALA B 318 -10.88 -33.80 -48.92
C ALA B 318 -11.81 -32.63 -48.49
N ARG B 319 -13.07 -32.69 -48.89
CA ARG B 319 -14.09 -31.67 -48.55
C ARG B 319 -14.35 -31.57 -47.05
N ALA B 320 -13.98 -32.59 -46.30
CA ALA B 320 -14.24 -32.61 -44.86
C ALA B 320 -13.64 -31.41 -44.14
N SER B 321 -12.57 -30.85 -44.69
CA SER B 321 -11.90 -29.72 -44.07
C SER B 321 -12.75 -28.44 -44.25
N CYS B 322 -13.48 -28.34 -45.36
CA CYS B 322 -14.40 -27.23 -45.58
C CYS B 322 -15.40 -27.13 -44.41
N ASP B 323 -16.01 -28.26 -44.06
CA ASP B 323 -16.96 -28.30 -42.94
C ASP B 323 -16.29 -28.15 -41.57
N GLU B 324 -15.05 -28.61 -41.44
CA GLU B 324 -14.32 -28.48 -40.17
C GLU B 324 -14.05 -27.01 -39.92
N PHE B 325 -13.74 -26.28 -41.00
CA PHE B 325 -13.48 -24.85 -40.90
C PHE B 325 -14.76 -24.06 -40.66
N LYS B 326 -15.84 -24.43 -41.33
CA LYS B 326 -17.14 -23.79 -41.09
C LYS B 326 -17.57 -23.94 -39.64
N GLN B 327 -17.31 -25.10 -39.07
CA GLN B 327 -17.63 -25.36 -37.67
C GLN B 327 -16.84 -24.40 -36.77
N LEU B 328 -15.57 -24.21 -37.10
CA LEU B 328 -14.71 -23.29 -36.34
C LEU B 328 -15.28 -21.88 -36.35
N VAL B 329 -15.66 -21.37 -37.53
CA VAL B 329 -16.17 -20.01 -37.62
C VAL B 329 -17.48 -19.90 -36.84
N LYS B 330 -18.30 -20.95 -36.94
CA LYS B 330 -19.60 -20.97 -36.29
C LYS B 330 -19.45 -20.90 -34.76
N GLU B 331 -18.46 -21.62 -34.25
CA GLU B 331 -18.19 -21.69 -32.82
C GLU B 331 -17.53 -20.42 -32.27
N CYS B 332 -16.74 -19.75 -33.10
CA CYS B 332 -16.22 -18.43 -32.77
C CYS B 332 -17.37 -17.41 -32.61
N HIS B 333 -18.29 -17.45 -33.55
CA HIS B 333 -19.39 -16.49 -33.57
C HIS B 333 -20.34 -16.68 -32.40
N ARG B 334 -20.61 -17.93 -32.03
CA ARG B 334 -21.39 -18.23 -30.83
C ARG B 334 -20.82 -17.52 -29.58
N ARG B 335 -19.52 -17.27 -29.57
CA ARG B 335 -18.84 -16.63 -28.44
C ARG B 335 -18.50 -15.19 -28.69
N GLY B 336 -19.14 -14.57 -29.68
CA GLY B 336 -18.91 -13.15 -29.99
C GLY B 336 -17.50 -12.87 -30.49
N ILE B 337 -16.82 -13.91 -31.00
CA ILE B 337 -15.48 -13.76 -31.58
C ILE B 337 -15.52 -13.76 -33.11
N GLU B 338 -15.02 -12.69 -33.70
CA GLU B 338 -14.95 -12.55 -35.14
C GLU B 338 -13.75 -13.31 -35.67
N VAL B 339 -13.80 -13.68 -36.96
CA VAL B 339 -12.67 -14.37 -37.59
C VAL B 339 -12.05 -13.53 -38.70
N ILE B 340 -10.75 -13.25 -38.56
CA ILE B 340 -10.01 -12.44 -39.53
C ILE B 340 -8.91 -13.29 -40.11
N LEU B 341 -8.88 -13.40 -41.43
CA LEU B 341 -7.93 -14.25 -42.11
C LEU B 341 -6.75 -13.46 -42.61
N ASP B 342 -5.56 -13.86 -42.21
CA ASP B 342 -4.35 -13.33 -42.77
C ASP B 342 -4.23 -13.90 -44.20
N VAL B 343 -4.20 -13.03 -45.23
CA VAL B 343 -4.11 -13.49 -46.64
C VAL B 343 -2.85 -13.02 -47.39
N VAL B 344 -2.38 -13.82 -48.33
CA VAL B 344 -1.07 -13.64 -48.94
C VAL B 344 -1.14 -13.63 -50.47
N PHE B 345 -1.61 -12.49 -51.00
CA PHE B 345 -1.85 -12.32 -52.42
C PHE B 345 -0.70 -11.66 -53.15
N ASN B 346 0.40 -11.37 -52.46
CA ASN B 346 1.53 -10.73 -53.11
C ASN B 346 2.53 -11.69 -53.68
N HIS B 347 2.48 -12.96 -53.27
CA HIS B 347 3.32 -14.01 -53.81
C HIS B 347 2.66 -15.38 -53.56
N THR B 348 3.17 -16.39 -54.27
CA THR B 348 2.69 -17.78 -54.19
C THR B 348 3.82 -18.72 -53.86
N ALA B 349 3.47 -19.96 -53.55
CA ALA B 349 4.43 -21.01 -53.24
C ALA B 349 5.23 -21.54 -54.44
N GLU B 350 4.95 -21.05 -55.65
CA GLU B 350 5.69 -21.52 -56.82
C GLU B 350 7.06 -20.88 -56.93
N GLY B 351 7.37 -19.94 -56.03
CA GLY B 351 8.70 -19.31 -56.00
C GLY B 351 9.07 -18.69 -57.33
N ASN B 352 10.36 -18.56 -57.56
CA ASN B 352 10.83 -18.11 -58.87
C ASN B 352 10.99 -19.30 -59.83
N GLU B 353 11.72 -19.13 -60.93
CA GLU B 353 11.85 -20.18 -61.95
C GLU B 353 12.46 -21.50 -61.46
N ARG B 354 13.05 -21.50 -60.27
CA ARG B 354 13.59 -22.69 -59.65
C ARG B 354 12.60 -23.42 -58.76
N GLY B 355 11.42 -22.86 -58.58
CA GLY B 355 10.43 -23.51 -57.76
C GLY B 355 9.56 -24.45 -58.56
N PRO B 356 8.56 -25.05 -57.89
CA PRO B 356 7.74 -26.05 -58.54
C PRO B 356 6.62 -25.47 -59.37
N THR B 357 6.36 -26.11 -60.50
CA THR B 357 5.16 -25.86 -61.25
C THR B 357 4.04 -26.69 -60.66
N ILE B 358 3.14 -26.04 -59.93
CA ILE B 358 1.96 -26.69 -59.38
C ILE B 358 0.63 -26.10 -59.83
N SER B 359 0.62 -24.85 -60.34
CA SER B 359 -0.63 -24.14 -60.64
C SER B 359 -0.48 -22.98 -61.66
N PHE B 360 -0.41 -21.74 -61.18
CA PHE B 360 -0.40 -20.55 -62.05
C PHE B 360 0.69 -20.59 -63.13
N ARG B 361 1.92 -20.97 -62.78
CA ARG B 361 3.04 -20.99 -63.74
C ARG B 361 2.71 -21.87 -64.94
N GLY B 362 2.07 -22.99 -64.67
CA GLY B 362 1.76 -23.95 -65.71
C GLY B 362 0.47 -23.64 -66.47
N LEU B 363 -0.36 -22.76 -65.90
CA LEU B 363 -1.59 -22.39 -66.56
C LEU B 363 -1.34 -21.19 -67.46
N ASP B 364 -0.96 -20.07 -66.88
CA ASP B 364 -0.70 -18.86 -67.65
C ASP B 364 0.26 -17.98 -66.88
N ASN B 365 1.55 -18.29 -67.03
CA ASN B 365 2.62 -17.60 -66.31
C ASN B 365 2.58 -16.09 -66.53
N ARG B 366 2.23 -15.67 -67.74
CA ARG B 366 2.35 -14.27 -68.16
C ARG B 366 1.25 -13.44 -67.54
N VAL B 367 0.06 -14.02 -67.46
CA VAL B 367 -1.05 -13.42 -66.77
C VAL B 367 -0.82 -13.30 -65.26
N TYR B 368 -0.48 -14.41 -64.59
CA TYR B 368 -0.54 -14.49 -63.15
C TYR B 368 0.61 -13.86 -62.41
N TYR B 369 1.76 -13.68 -63.07
CA TYR B 369 2.94 -13.17 -62.36
C TYR B 369 3.52 -11.90 -62.94
N MET B 370 4.02 -11.05 -62.05
CA MET B 370 4.77 -9.86 -62.44
C MET B 370 6.09 -10.22 -63.08
N LEU B 371 6.19 -10.04 -64.40
CA LEU B 371 7.39 -10.36 -65.17
C LEU B 371 8.09 -9.15 -65.86
N ALA B 372 9.43 -9.19 -65.91
CA ALA B 372 10.20 -8.28 -66.77
C ALA B 372 10.15 -8.85 -68.19
N PRO B 373 10.58 -8.07 -69.20
CA PRO B 373 10.36 -8.48 -70.59
C PRO B 373 11.11 -9.73 -71.03
N GLY B 374 12.11 -10.13 -70.27
CA GLY B 374 12.80 -11.40 -70.51
C GLY B 374 12.25 -12.55 -69.68
N GLY B 375 11.17 -12.31 -68.95
CA GLY B 375 10.47 -13.35 -68.21
C GLY B 375 11.03 -13.55 -66.82
N GLU B 376 11.87 -12.63 -66.39
CA GLU B 376 12.40 -12.63 -65.03
C GLU B 376 11.29 -12.30 -64.04
N TYR B 377 11.37 -12.89 -62.86
CA TYR B 377 10.36 -12.71 -61.83
C TYR B 377 10.68 -11.50 -60.98
N TYR B 378 9.85 -10.45 -61.05
CA TYR B 378 9.93 -9.38 -60.07
C TYR B 378 9.77 -9.98 -58.67
N ASN B 379 10.40 -9.37 -57.67
CA ASN B 379 10.44 -9.96 -56.37
C ASN B 379 10.19 -8.99 -55.22
N TYR B 380 9.17 -8.15 -55.36
CA TYR B 380 8.83 -7.22 -54.28
C TYR B 380 8.46 -7.97 -53.00
N SER B 381 8.08 -9.23 -53.13
CA SER B 381 7.72 -10.06 -51.96
C SER B 381 8.89 -10.50 -51.11
N GLY B 382 10.11 -10.51 -51.65
CA GLY B 382 11.23 -11.18 -50.95
C GLY B 382 11.07 -12.71 -50.79
N CYS B 383 10.26 -13.31 -51.65
CA CYS B 383 9.93 -14.73 -51.53
C CYS B 383 10.14 -15.51 -52.83
N GLY B 384 10.29 -14.82 -53.95
CA GLY B 384 10.63 -15.44 -55.21
C GLY B 384 9.83 -14.89 -56.36
N ASN B 385 8.52 -14.86 -56.19
CA ASN B 385 7.67 -14.26 -57.17
C ASN B 385 6.83 -13.11 -56.59
N THR B 386 6.25 -12.33 -57.50
CA THR B 386 5.32 -11.32 -57.15
C THR B 386 4.09 -11.58 -57.99
N LEU B 387 2.93 -11.71 -57.35
CA LEU B 387 1.69 -11.95 -58.06
C LEU B 387 1.27 -10.69 -58.86
N ASN B 388 0.69 -10.89 -60.04
CA ASN B 388 0.43 -9.77 -60.99
C ASN B 388 -0.87 -9.07 -60.62
N CYS B 389 -0.93 -8.57 -59.38
CA CYS B 389 -2.20 -8.26 -58.73
C CYS B 389 -3.20 -7.38 -59.52
N ASN B 390 -2.72 -6.42 -60.29
CA ASN B 390 -3.64 -5.46 -60.93
C ASN B 390 -3.97 -5.77 -62.39
N GLN B 391 -3.51 -6.91 -62.89
CA GLN B 391 -3.96 -7.33 -64.22
C GLN B 391 -5.35 -7.98 -64.05
N PRO B 392 -6.23 -7.83 -65.06
CA PRO B 392 -7.68 -8.01 -64.80
C PRO B 392 -8.14 -9.40 -64.40
N VAL B 393 -7.56 -10.43 -64.99
CA VAL B 393 -7.89 -11.82 -64.61
C VAL B 393 -7.42 -12.10 -63.18
N VAL B 394 -6.26 -11.54 -62.84
CA VAL B 394 -5.70 -11.74 -61.53
C VAL B 394 -6.56 -11.04 -60.47
N ARG B 395 -6.86 -9.76 -60.74
CA ARG B 395 -7.76 -8.95 -59.93
C ARG B 395 -9.05 -9.67 -59.62
N GLN B 396 -9.67 -10.21 -60.67
CA GLN B 396 -10.94 -10.87 -60.54
C GLN B 396 -10.76 -12.14 -59.67
N PHE B 397 -9.63 -12.83 -59.79
CA PHE B 397 -9.37 -14.03 -58.99
C PHE B 397 -9.31 -13.69 -57.50
N ILE B 398 -8.53 -12.69 -57.16
CA ILE B 398 -8.40 -12.27 -55.77
C ILE B 398 -9.76 -11.91 -55.21
N LEU B 399 -10.51 -11.12 -55.97
CA LEU B 399 -11.82 -10.67 -55.53
C LEU B 399 -12.76 -11.86 -55.29
N ASP B 400 -12.79 -12.77 -56.25
CA ASP B 400 -13.59 -13.98 -56.17
C ASP B 400 -13.20 -14.76 -54.95
N CYS B 401 -11.91 -14.72 -54.61
CA CYS B 401 -11.40 -15.45 -53.46
C CYS B 401 -11.94 -14.86 -52.17
N LEU B 402 -11.94 -13.53 -52.07
CA LEU B 402 -12.36 -12.89 -50.86
C LEU B 402 -13.85 -13.12 -50.68
N LYS B 403 -14.59 -12.96 -51.76
CA LYS B 403 -16.03 -13.17 -51.73
C LYS B 403 -16.40 -14.57 -51.31
N HIS B 404 -15.59 -15.55 -51.74
CA HIS B 404 -15.79 -16.96 -51.42
C HIS B 404 -15.70 -17.19 -49.94
N TRP B 405 -14.60 -16.74 -49.33
CA TRP B 405 -14.39 -16.96 -47.91
C TRP B 405 -15.43 -16.25 -47.05
N VAL B 406 -15.84 -15.05 -47.47
CA VAL B 406 -16.96 -14.39 -46.81
C VAL B 406 -18.29 -15.14 -46.99
N THR B 407 -18.66 -15.46 -48.23
CA THR B 407 -19.93 -16.08 -48.53
C THR B 407 -19.97 -17.54 -48.07
N GLU B 408 -19.03 -18.37 -48.52
CA GLU B 408 -19.00 -19.78 -48.10
C GLU B 408 -18.69 -19.97 -46.61
N TYR B 409 -17.74 -19.19 -46.09
CA TYR B 409 -17.18 -19.48 -44.75
C TYR B 409 -17.53 -18.46 -43.65
N HIS B 410 -18.29 -17.40 -43.97
CA HIS B 410 -18.80 -16.44 -42.98
C HIS B 410 -17.69 -15.73 -42.22
N VAL B 411 -16.55 -15.57 -42.88
CA VAL B 411 -15.40 -14.90 -42.31
C VAL B 411 -15.70 -13.37 -42.19
N ASP B 412 -15.03 -12.69 -41.26
CA ASP B 412 -15.40 -11.31 -40.90
C ASP B 412 -14.40 -10.26 -41.38
N GLY B 413 -13.22 -10.67 -41.80
CA GLY B 413 -12.22 -9.69 -42.17
C GLY B 413 -10.96 -10.32 -42.70
N PHE B 414 -10.13 -9.48 -43.29
CA PHE B 414 -8.93 -9.97 -43.93
C PHE B 414 -7.76 -9.10 -43.55
N ARG B 415 -6.64 -9.73 -43.27
CA ARG B 415 -5.39 -9.01 -43.16
C ARG B 415 -4.52 -9.31 -44.37
N PHE B 416 -4.15 -8.26 -45.08
CA PHE B 416 -3.42 -8.36 -46.34
C PHE B 416 -1.91 -8.27 -46.16
N ASP B 417 -1.26 -9.41 -46.21
CA ASP B 417 0.19 -9.48 -46.11
C ASP B 417 0.82 -8.61 -47.19
N LEU B 418 1.90 -7.93 -46.84
CA LEU B 418 2.58 -6.98 -47.74
C LEU B 418 1.64 -6.27 -48.73
N ALA B 419 0.66 -5.55 -48.19
CA ALA B 419 -0.45 -4.98 -48.98
C ALA B 419 -0.05 -3.94 -50.02
N SER B 420 1.14 -3.39 -49.88
CA SER B 420 1.65 -2.43 -50.85
C SER B 420 1.70 -3.03 -52.24
N ILE B 421 2.03 -4.32 -52.33
CA ILE B 421 2.18 -4.99 -53.62
C ILE B 421 0.90 -4.92 -54.48
N LEU B 422 -0.24 -4.90 -53.81
CA LEU B 422 -1.54 -4.75 -54.45
C LEU B 422 -1.81 -3.32 -54.97
N THR B 423 -0.90 -2.38 -54.75
CA THR B 423 -1.05 -1.02 -55.26
C THR B 423 -0.21 -0.81 -56.51
N ARG B 424 0.58 -1.81 -56.86
CA ARG B 424 1.54 -1.65 -57.96
C ARG B 424 1.01 -2.09 -59.34
N ALA B 425 1.48 -1.39 -60.37
CA ALA B 425 1.01 -1.62 -61.75
C ALA B 425 1.60 -2.92 -62.22
N HIS B 426 0.82 -3.65 -63.02
CA HIS B 426 1.15 -4.99 -63.46
C HIS B 426 2.02 -4.96 -64.71
N SER B 427 2.43 -6.14 -65.15
CA SER B 427 3.16 -6.34 -66.41
C SER B 427 2.22 -6.92 -67.46
N ALA B 428 2.16 -6.26 -68.62
CA ALA B 428 1.30 -6.70 -69.74
C ALA B 428 2.05 -7.26 -70.98
N TRP B 429 1.42 -8.21 -71.65
CA TRP B 429 1.98 -8.90 -72.82
C TRP B 429 0.92 -8.86 -73.88
N HIS B 430 1.30 -8.63 -75.13
CA HIS B 430 0.32 -8.61 -76.20
C HIS B 430 -0.29 -10.00 -76.32
N PRO B 431 -1.57 -10.09 -76.74
CA PRO B 431 -2.17 -11.42 -76.98
C PRO B 431 -1.42 -12.17 -78.05
N GLN B 432 -1.28 -13.48 -77.85
CA GLN B 432 -0.54 -14.35 -78.76
C GLN B 432 -1.04 -14.24 -80.21
N GLN B 433 -0.12 -14.28 -81.17
CA GLN B 433 -0.46 -14.20 -82.58
C GLN B 433 -0.20 -15.55 -83.26
N TYR B 434 -1.18 -15.99 -84.07
CA TYR B 434 -1.05 -17.22 -84.87
C TYR B 434 -1.19 -16.92 -86.37
N ASP B 435 -0.42 -17.63 -87.20
CA ASP B 435 -0.48 -17.49 -88.68
C ASP B 435 -1.83 -17.97 -89.20
N GLN B 436 -2.56 -17.07 -89.88
CA GLN B 436 -3.88 -17.41 -90.43
C GLN B 436 -3.78 -18.62 -91.39
N GLU B 437 -2.71 -18.67 -92.18
CA GLU B 437 -2.40 -19.84 -92.99
C GLU B 437 -1.90 -20.97 -92.08
N THR B 438 -0.63 -20.92 -91.68
CA THR B 438 0.02 -22.05 -90.99
C THR B 438 -0.71 -22.52 -89.71
N GLY B 439 -1.35 -21.58 -89.00
CA GLY B 439 -1.94 -21.85 -87.68
C GLY B 439 -0.89 -21.82 -86.56
N GLN B 440 0.39 -21.80 -86.94
CA GLN B 440 1.49 -21.86 -85.99
C GLN B 440 1.71 -20.49 -85.35
N ARG B 441 2.43 -20.48 -84.22
CA ARG B 441 2.70 -19.25 -83.49
C ARG B 441 3.51 -18.29 -84.36
N VAL B 442 3.26 -17.01 -84.17
CA VAL B 442 4.09 -15.99 -84.75
C VAL B 442 4.85 -15.30 -83.62
N ALA B 443 6.17 -15.19 -83.77
CA ALA B 443 7.00 -14.48 -82.81
C ALA B 443 6.74 -12.99 -82.96
N MET B 444 6.91 -12.26 -81.88
CA MET B 444 6.58 -10.85 -81.86
C MET B 444 7.75 -10.08 -81.32
N SER B 445 7.83 -8.83 -81.76
CA SER B 445 8.79 -7.89 -81.25
C SER B 445 8.83 -7.92 -79.71
N SER B 446 10.04 -7.99 -79.15
CA SER B 446 10.26 -8.05 -77.68
C SER B 446 9.59 -9.27 -76.99
N GLY B 447 9.28 -10.31 -77.72
CA GLY B 447 8.47 -11.40 -77.19
C GLY B 447 7.01 -11.03 -76.91
N GLY B 448 6.56 -9.88 -77.43
CA GLY B 448 5.21 -9.40 -77.18
C GLY B 448 5.03 -8.70 -75.85
N ALA B 449 6.12 -8.44 -75.14
CA ALA B 449 6.06 -7.63 -73.93
C ALA B 449 5.73 -6.21 -74.35
N ILE B 450 4.88 -5.54 -73.57
CA ILE B 450 4.41 -4.19 -73.93
C ILE B 450 5.31 -3.20 -73.24
N VAL B 451 6.37 -2.78 -73.92
CA VAL B 451 7.44 -1.99 -73.35
C VAL B 451 7.44 -0.56 -73.86
N THR B 452 8.30 0.25 -73.26
CA THR B 452 8.54 1.61 -73.68
C THR B 452 9.62 1.60 -74.74
N ALA B 453 9.90 2.76 -75.33
CA ALA B 453 10.94 2.86 -76.34
C ALA B 453 12.31 2.54 -75.76
N GLU B 454 12.44 2.65 -74.44
CA GLU B 454 13.69 2.30 -73.78
C GLU B 454 13.66 0.82 -73.31
N GLY B 455 12.62 0.08 -73.69
CA GLY B 455 12.49 -1.34 -73.37
C GLY B 455 12.01 -1.67 -71.98
N ILE B 456 11.54 -0.68 -71.20
CA ILE B 456 11.05 -0.97 -69.86
C ILE B 456 9.60 -1.46 -69.87
N MET B 457 9.36 -2.50 -69.08
CA MET B 457 8.06 -3.18 -69.01
C MET B 457 6.94 -2.25 -68.55
N THR B 458 5.73 -2.54 -68.97
CA THR B 458 4.64 -1.63 -68.81
C THR B 458 3.36 -2.43 -68.54
N ASP B 459 2.28 -1.77 -68.12
CA ASP B 459 1.00 -2.44 -67.80
C ASP B 459 -0.01 -2.43 -68.95
N GLY B 460 0.44 -2.05 -70.13
CA GLY B 460 -0.44 -1.87 -71.27
C GLY B 460 -1.02 -0.47 -71.41
N ALA B 461 -1.19 0.22 -70.29
CA ALA B 461 -1.83 1.53 -70.24
C ALA B 461 -0.83 2.66 -69.91
N GLY B 462 0.44 2.44 -70.21
CA GLY B 462 1.43 3.51 -70.11
C GLY B 462 2.11 3.65 -68.76
N VAL B 463 1.78 2.79 -67.81
CA VAL B 463 2.38 2.84 -66.49
C VAL B 463 3.49 1.82 -66.44
N PRO B 464 4.67 2.20 -65.92
CA PRO B 464 5.72 1.23 -65.74
C PRO B 464 5.33 0.12 -64.76
N THR B 465 5.62 -1.12 -65.12
CA THR B 465 5.36 -2.26 -64.26
C THR B 465 5.96 -1.96 -62.91
N GLY B 466 5.18 -2.12 -61.85
CA GLY B 466 5.67 -1.89 -60.49
C GLY B 466 5.36 -0.53 -59.87
N TYR B 467 5.06 0.48 -60.69
CA TYR B 467 4.74 1.79 -60.15
C TYR B 467 3.59 1.72 -59.16
N PRO B 468 3.77 2.26 -57.95
CA PRO B 468 2.62 2.21 -57.01
C PRO B 468 1.52 3.25 -57.35
N LEU B 469 0.29 2.76 -57.48
CA LEU B 469 -0.82 3.53 -58.02
C LEU B 469 -1.61 4.17 -56.90
N ALA B 470 -2.04 5.43 -57.14
CA ALA B 470 -2.95 6.11 -56.22
C ALA B 470 -4.33 5.43 -56.15
N ASP B 471 -4.74 4.81 -57.26
CA ASP B 471 -6.10 4.32 -57.44
C ASP B 471 -6.10 2.91 -58.02
N PRO B 472 -5.44 1.95 -57.33
CA PRO B 472 -5.34 0.58 -57.85
C PRO B 472 -6.73 -0.07 -57.98
N PRO B 473 -7.04 -0.60 -59.16
CA PRO B 473 -8.41 -1.05 -59.35
C PRO B 473 -8.76 -2.21 -58.44
N LEU B 474 -7.78 -3.05 -58.10
CA LEU B 474 -8.02 -4.14 -57.18
C LEU B 474 -8.45 -3.63 -55.80
N VAL B 475 -7.67 -2.71 -55.25
CA VAL B 475 -7.98 -2.15 -53.93
C VAL B 475 -9.33 -1.39 -53.95
N GLU B 476 -9.62 -0.74 -55.07
CA GLU B 476 -10.90 -0.06 -55.24
C GLU B 476 -12.06 -1.06 -55.25
N SER B 477 -11.92 -2.08 -56.07
CA SER B 477 -12.93 -3.14 -56.18
C SER B 477 -13.15 -3.81 -54.85
N ILE B 478 -12.07 -4.13 -54.14
CA ILE B 478 -12.22 -4.71 -52.82
C ILE B 478 -13.04 -3.75 -51.96
N SER B 479 -12.63 -2.49 -51.93
CA SER B 479 -13.27 -1.53 -51.05
C SER B 479 -14.75 -1.28 -51.37
N GLU B 480 -15.14 -1.50 -52.62
CA GLU B 480 -16.48 -1.09 -53.07
C GLU B 480 -17.45 -2.23 -53.37
N ASP B 481 -16.94 -3.46 -53.48
CA ASP B 481 -17.81 -4.59 -53.78
C ASP B 481 -18.87 -4.82 -52.69
N PRO B 482 -20.15 -4.94 -53.10
CA PRO B 482 -21.21 -5.04 -52.12
C PRO B 482 -21.13 -6.29 -51.25
N VAL B 483 -20.71 -7.43 -51.80
CA VAL B 483 -20.60 -8.67 -51.01
C VAL B 483 -19.72 -8.46 -49.82
N LEU B 484 -18.65 -7.68 -50.02
CA LEU B 484 -17.65 -7.39 -48.99
C LEU B 484 -17.86 -6.09 -48.19
N ARG B 485 -18.98 -5.41 -48.39
CA ARG B 485 -19.15 -4.06 -47.83
C ARG B 485 -19.05 -3.98 -46.30
N ASN B 486 -19.42 -5.04 -45.60
CA ASN B 486 -19.33 -5.11 -44.12
C ASN B 486 -18.19 -6.01 -43.68
N THR B 487 -17.20 -6.13 -44.54
CA THR B 487 -16.02 -6.90 -44.25
C THR B 487 -14.87 -5.96 -43.90
N LYS B 488 -14.21 -6.26 -42.80
CA LYS B 488 -13.10 -5.45 -42.35
C LYS B 488 -11.88 -5.73 -43.20
N MET B 489 -11.12 -4.69 -43.51
CA MET B 489 -9.89 -4.82 -44.30
C MET B 489 -8.69 -4.18 -43.61
N ILE B 490 -7.61 -4.96 -43.48
CA ILE B 490 -6.42 -4.49 -42.78
C ILE B 490 -5.21 -4.67 -43.66
N ALA B 491 -4.48 -3.59 -43.86
CA ALA B 491 -3.30 -3.59 -44.70
C ALA B 491 -2.03 -3.59 -43.89
N GLU B 492 -1.12 -4.50 -44.21
CA GLU B 492 0.27 -4.37 -43.80
C GLU B 492 0.90 -3.54 -44.91
N ALA B 493 0.81 -2.23 -44.76
CA ALA B 493 1.12 -1.30 -45.83
C ALA B 493 2.60 -1.06 -46.10
N TRP B 494 3.33 -2.12 -46.42
CA TRP B 494 4.71 -2.00 -46.90
C TRP B 494 5.10 -3.23 -47.71
N ASP B 495 6.28 -3.24 -48.30
CA ASP B 495 6.82 -4.42 -48.99
C ASP B 495 8.35 -4.42 -48.92
N CYS B 496 8.99 -5.40 -49.57
CA CYS B 496 10.43 -5.63 -49.40
C CYS B 496 11.34 -4.77 -50.27
N ASP B 497 10.78 -3.94 -51.15
CA ASP B 497 11.57 -3.04 -51.97
C ASP B 497 11.54 -1.66 -51.31
N GLY B 498 11.21 -1.62 -50.02
CA GLY B 498 11.23 -0.36 -49.26
C GLY B 498 10.09 0.63 -49.48
N LEU B 499 9.03 0.21 -50.16
CA LEU B 499 7.81 1.01 -50.26
C LEU B 499 7.06 0.89 -48.94
N ASN B 500 6.74 2.03 -48.35
CA ASN B 500 5.96 2.08 -47.12
C ASN B 500 4.87 3.15 -47.26
N GLN B 501 3.63 2.74 -46.98
CA GLN B 501 2.44 3.52 -47.28
C GLN B 501 1.61 3.79 -46.04
N VAL B 502 2.16 3.53 -44.85
CA VAL B 502 1.36 3.62 -43.63
C VAL B 502 1.02 5.09 -43.43
N GLY B 503 -0.25 5.32 -43.12
CA GLY B 503 -0.79 6.67 -43.07
C GLY B 503 -1.51 7.07 -44.34
N ALA B 504 -1.33 6.31 -45.40
CA ALA B 504 -1.90 6.70 -46.70
C ALA B 504 -2.05 5.55 -47.70
N PHE B 505 -2.47 4.39 -47.19
CA PHE B 505 -2.82 3.29 -48.04
C PHE B 505 -4.12 3.68 -48.73
N PRO B 506 -4.27 3.32 -50.01
CA PRO B 506 -5.52 3.72 -50.65
C PRO B 506 -6.70 3.07 -49.92
N HIS B 507 -7.48 3.89 -49.21
CA HIS B 507 -8.42 3.35 -48.24
C HIS B 507 -9.90 3.58 -48.59
N TYR B 508 -10.17 4.37 -49.62
CA TYR B 508 -11.52 4.48 -50.18
C TYR B 508 -12.63 4.85 -49.17
N GLY B 509 -12.40 5.94 -48.42
CA GLY B 509 -13.36 6.44 -47.43
C GLY B 509 -13.27 5.74 -46.09
N GLY B 510 -12.06 5.48 -45.63
CA GLY B 510 -11.86 4.69 -44.43
C GLY B 510 -12.41 3.27 -44.47
N ARG B 511 -12.22 2.56 -45.58
CA ARG B 511 -12.56 1.11 -45.63
C ARG B 511 -11.43 0.21 -45.11
N TRP B 512 -10.26 0.83 -44.89
CA TRP B 512 -9.05 0.12 -44.52
C TRP B 512 -8.45 0.64 -43.21
N SER B 513 -8.06 -0.29 -42.34
CA SER B 513 -7.15 -0.01 -41.25
C SER B 513 -5.76 -0.44 -41.69
N GLU B 514 -4.73 -0.12 -40.91
CA GLU B 514 -3.34 -0.55 -41.22
C GLU B 514 -2.60 -1.01 -39.96
N TRP B 515 -1.75 -2.01 -40.08
CA TRP B 515 -0.79 -2.30 -39.01
C TRP B 515 0.07 -1.05 -38.79
N ASN B 516 0.08 -0.56 -37.56
CA ASN B 516 0.79 0.68 -37.25
C ASN B 516 2.14 0.39 -36.64
N GLY B 517 3.15 0.30 -37.51
CA GLY B 517 4.52 0.00 -37.11
C GLY B 517 5.21 1.10 -36.33
N LYS B 518 4.80 2.34 -36.57
CA LYS B 518 5.24 3.45 -35.73
C LYS B 518 4.90 3.14 -34.24
N PHE B 519 3.64 2.80 -33.96
CA PHE B 519 3.18 2.47 -32.60
C PHE B 519 4.16 1.51 -31.92
N ARG B 520 4.41 0.39 -32.57
CA ARG B 520 5.35 -0.62 -32.09
C ARG B 520 6.70 -0.01 -31.68
N ASP B 521 7.32 0.75 -32.56
CA ASP B 521 8.68 1.24 -32.33
C ASP B 521 8.71 2.27 -31.22
N VAL B 522 7.67 3.11 -31.21
CA VAL B 522 7.56 4.22 -30.27
C VAL B 522 7.34 3.64 -28.88
N VAL B 523 6.30 2.82 -28.74
CA VAL B 523 6.01 2.18 -27.46
C VAL B 523 7.24 1.41 -26.96
N ARG B 524 7.89 0.67 -27.82
CA ARG B 524 9.09 -0.06 -27.38
C ARG B 524 10.22 0.87 -26.91
N ASN B 525 10.37 2.01 -27.56
CA ASN B 525 11.47 2.90 -27.22
C ASN B 525 11.18 3.71 -25.96
N PHE B 526 9.94 4.19 -25.85
CA PHE B 526 9.56 4.99 -24.70
C PHE B 526 9.65 4.19 -23.42
N ILE B 527 9.20 2.94 -23.48
CA ILE B 527 8.99 2.17 -22.27
C ILE B 527 10.27 1.59 -21.69
N LYS B 528 11.29 1.36 -22.51
CA LYS B 528 12.58 0.94 -21.97
C LYS B 528 13.38 2.08 -21.39
N GLY B 529 12.99 3.31 -21.72
CA GLY B 529 13.71 4.49 -21.28
C GLY B 529 14.77 4.84 -22.29
N THR B 530 14.48 5.85 -23.12
CA THR B 530 15.25 6.15 -24.34
C THR B 530 15.17 7.63 -24.68
N ASP B 531 16.33 8.27 -24.81
CA ASP B 531 16.39 9.68 -25.20
C ASP B 531 15.91 9.85 -26.64
N GLY B 532 15.30 11.00 -26.93
CA GLY B 532 14.75 11.32 -28.26
C GLY B 532 13.35 11.89 -28.14
N PRO B 533 12.57 11.85 -29.24
CA PRO B 533 11.20 12.36 -29.26
C PRO B 533 10.13 11.37 -28.75
N TRP B 534 10.54 10.35 -28.01
CA TRP B 534 9.66 9.23 -27.71
C TRP B 534 8.44 9.58 -26.85
N ALA B 535 8.60 10.49 -25.89
CA ALA B 535 7.50 10.92 -25.04
C ALA B 535 6.39 11.53 -25.89
N GLY B 536 6.77 12.51 -26.71
CA GLY B 536 5.84 13.12 -27.66
C GLY B 536 5.21 12.11 -28.59
N ASP B 537 6.03 11.23 -29.18
CA ASP B 537 5.49 10.23 -30.12
C ASP B 537 4.54 9.25 -29.40
N PHE B 538 4.84 9.00 -28.13
CA PHE B 538 4.06 8.08 -27.31
C PHE B 538 2.71 8.71 -26.98
N ALA B 539 2.72 9.99 -26.63
CA ALA B 539 1.48 10.71 -26.45
C ALA B 539 0.62 10.64 -27.71
N SER B 540 1.24 10.81 -28.86
CA SER B 540 0.47 10.67 -30.12
C SER B 540 -0.05 9.23 -30.32
N ALA B 541 0.81 8.26 -30.07
CA ALA B 541 0.43 6.84 -30.14
C ALA B 541 -0.81 6.55 -29.28
N ILE B 542 -0.83 7.15 -28.10
CA ILE B 542 -1.97 7.01 -27.20
C ILE B 542 -3.23 7.64 -27.74
N CYS B 543 -3.09 8.68 -28.55
CA CYS B 543 -4.24 9.35 -29.11
C CYS B 543 -4.82 8.70 -30.36
N GLY B 544 -4.24 7.58 -30.77
CA GLY B 544 -4.66 6.87 -31.99
C GLY B 544 -3.79 7.20 -33.20
N SER B 545 -2.56 7.67 -32.91
CA SER B 545 -1.64 8.19 -33.90
C SER B 545 -2.24 9.18 -34.92
N PRO B 546 -2.80 10.31 -34.45
CA PRO B 546 -3.28 11.32 -35.41
C PRO B 546 -2.16 11.98 -36.22
N ASN B 547 -0.95 11.97 -35.68
CA ASN B 547 0.23 12.44 -36.42
C ASN B 547 0.53 11.62 -37.69
N ILE B 548 0.02 10.39 -37.73
CA ILE B 548 0.20 9.48 -38.84
C ILE B 548 -1.04 9.36 -39.72
N TYR B 549 -2.24 9.60 -39.20
CA TYR B 549 -3.47 9.30 -39.94
C TYR B 549 -4.37 10.49 -40.26
N ALA B 550 -4.33 11.55 -39.47
CA ALA B 550 -5.10 12.79 -39.74
C ALA B 550 -4.20 13.96 -40.13
N ASN B 551 -2.89 13.75 -40.02
CA ASN B 551 -1.91 14.76 -40.35
C ASN B 551 -1.82 14.85 -41.87
N ASN B 552 -2.26 15.96 -42.42
CA ASN B 552 -2.24 16.14 -43.86
C ASN B 552 -0.90 16.61 -44.40
N THR B 553 0.00 17.05 -43.54
CA THR B 553 1.33 17.51 -44.00
C THR B 553 2.35 16.36 -44.06
N PRO B 554 2.74 15.95 -45.28
CA PRO B 554 3.71 14.86 -45.44
C PRO B 554 5.14 15.29 -45.19
N HIS B 555 6.03 14.31 -45.10
CA HIS B 555 7.45 14.56 -44.89
C HIS B 555 8.10 15.09 -46.19
N GLU B 556 9.20 15.83 -46.06
CA GLU B 556 9.90 16.38 -47.22
C GLU B 556 10.39 15.33 -48.23
N THR B 557 10.80 14.15 -47.74
CA THR B 557 11.50 13.13 -48.55
C THR B 557 10.59 12.00 -49.08
N ASP B 558 9.52 11.70 -48.34
CA ASP B 558 8.62 10.58 -48.67
C ASP B 558 7.87 10.77 -50.00
N TRP B 559 8.26 9.99 -51.01
CA TRP B 559 7.65 10.12 -52.32
C TRP B 559 6.16 9.76 -52.32
N TRP B 560 5.81 8.63 -51.76
CA TRP B 560 4.41 8.19 -51.80
C TRP B 560 3.47 9.27 -51.28
N ALA B 561 3.75 9.75 -50.07
CA ALA B 561 2.87 10.72 -49.40
C ALA B 561 2.72 12.01 -50.19
N ASN B 562 3.78 12.44 -50.87
CA ASN B 562 3.74 13.67 -51.68
C ASN B 562 3.12 13.52 -53.07
N ASN B 563 2.77 12.29 -53.44
CA ASN B 563 2.25 12.00 -54.78
C ASN B 563 1.08 11.01 -54.72
N GLY B 564 1.34 9.72 -54.96
CA GLY B 564 0.27 8.73 -55.04
C GLY B 564 -0.60 8.66 -53.79
N GLY B 565 0.00 8.92 -52.62
CA GLY B 565 -0.74 8.86 -51.36
C GLY B 565 -1.33 10.16 -50.87
N ARG B 566 -1.09 11.26 -51.58
CA ARG B 566 -1.55 12.56 -51.10
C ARG B 566 -3.05 12.56 -50.81
N GLN B 567 -3.83 11.97 -51.70
CA GLN B 567 -5.29 11.97 -51.53
C GLN B 567 -5.74 11.06 -50.42
N TRP B 568 -4.82 10.28 -49.88
CA TRP B 568 -5.13 9.33 -48.82
C TRP B 568 -4.62 9.81 -47.44
N LYS B 569 -3.92 10.92 -47.39
CA LYS B 569 -3.30 11.38 -46.13
C LYS B 569 -4.27 11.77 -45.00
N GLY B 570 -5.58 11.80 -45.24
CA GLY B 570 -6.49 12.01 -44.12
C GLY B 570 -7.84 11.38 -44.35
N GLY B 571 -8.80 11.78 -43.52
CA GLY B 571 -10.19 11.35 -43.65
C GLY B 571 -10.40 10.01 -43.00
N ARG B 572 -9.73 9.85 -41.85
CA ARG B 572 -9.75 8.58 -41.10
C ARG B 572 -9.67 8.88 -39.60
N GLY B 573 -10.16 7.96 -38.80
CA GLY B 573 -10.15 8.10 -37.34
C GLY B 573 -9.14 7.13 -36.77
N PRO B 574 -9.01 7.11 -35.43
CA PRO B 574 -7.99 6.31 -34.76
C PRO B 574 -8.16 4.81 -34.99
N HIS B 575 -9.39 4.38 -35.27
CA HIS B 575 -9.67 2.99 -35.61
C HIS B 575 -9.04 2.55 -36.93
N ALA B 576 -8.40 3.49 -37.64
CA ALA B 576 -7.51 3.15 -38.74
C ALA B 576 -6.20 2.51 -38.30
N SER B 577 -5.80 2.77 -37.05
CA SER B 577 -4.53 2.25 -36.53
C SER B 577 -4.72 0.95 -35.77
N ILE B 578 -4.19 -0.13 -36.33
CA ILE B 578 -4.04 -1.39 -35.62
C ILE B 578 -2.74 -1.30 -34.84
N ASN B 579 -2.87 -1.25 -33.50
CA ASN B 579 -1.75 -1.12 -32.59
C ASN B 579 -1.24 -2.48 -32.16
N PHE B 580 0.07 -2.59 -32.10
CA PHE B 580 0.67 -3.78 -31.61
C PHE B 580 2.04 -3.41 -31.06
N VAL B 581 2.46 -4.22 -30.12
CA VAL B 581 3.75 -4.11 -29.46
C VAL B 581 4.58 -5.30 -29.95
N ALA B 582 3.89 -6.38 -30.28
CA ALA B 582 4.53 -7.54 -30.87
C ALA B 582 3.54 -8.28 -31.77
N ALA B 583 4.08 -9.09 -32.67
CA ALA B 583 3.29 -9.92 -33.58
C ALA B 583 4.01 -11.23 -33.79
N HIS B 584 3.42 -12.12 -34.56
CA HIS B 584 4.06 -13.41 -34.78
C HIS B 584 5.49 -13.19 -35.25
N ASP B 585 5.73 -12.11 -36.00
CA ASP B 585 7.05 -11.63 -36.47
CA ASP B 585 7.14 -11.86 -36.37
C ASP B 585 7.83 -10.94 -35.35
N GLY B 586 9.12 -11.23 -35.20
CA GLY B 586 9.93 -10.53 -34.23
C GLY B 586 9.84 -11.16 -32.85
N PHE B 587 10.29 -10.34 -31.88
CA PHE B 587 10.28 -10.71 -30.48
C PHE B 587 8.90 -10.85 -29.88
N THR B 588 8.80 -11.85 -29.04
CA THR B 588 7.76 -11.98 -28.06
C THR B 588 7.76 -10.80 -27.04
N LEU B 589 6.62 -10.55 -26.40
CA LEU B 589 6.58 -9.57 -25.32
C LEU B 589 7.61 -9.86 -24.22
N ALA B 590 7.58 -11.09 -23.69
CA ALA B 590 8.59 -11.56 -22.72
C ALA B 590 10.04 -11.38 -23.20
N ASP B 591 10.29 -11.70 -24.45
CA ASP B 591 11.66 -11.75 -24.94
C ASP B 591 12.24 -10.34 -25.22
N MET B 592 11.39 -9.39 -25.61
CA MET B 592 11.86 -8.02 -25.88
C MET B 592 12.24 -7.25 -24.61
N VAL B 593 12.12 -7.94 -23.48
CA VAL B 593 12.38 -7.43 -22.15
C VAL B 593 13.50 -8.30 -21.54
N ALA B 594 13.90 -9.33 -22.28
CA ALA B 594 14.92 -10.26 -21.83
C ALA B 594 16.13 -10.38 -22.77
N TYR B 595 16.04 -9.82 -23.97
CA TYR B 595 17.12 -9.90 -24.95
C TYR B 595 17.35 -8.58 -25.67
N ASN B 596 18.60 -8.14 -25.68
CA ASN B 596 19.05 -7.00 -26.47
C ASN B 596 19.16 -7.35 -27.96
N ASN B 597 19.64 -8.56 -28.24
CA ASN B 597 19.87 -9.04 -29.60
C ASN B 597 19.09 -10.34 -29.88
N LYS B 598 18.69 -10.52 -31.13
CA LYS B 598 18.04 -11.78 -31.54
C LYS B 598 18.91 -13.03 -31.35
N HIS B 599 18.28 -14.20 -31.42
CA HIS B 599 19.00 -15.46 -31.33
C HIS B 599 18.39 -16.47 -32.28
N ASN B 600 18.79 -16.41 -33.55
CA ASN B 600 18.13 -17.21 -34.59
C ASN B 600 18.99 -18.32 -35.17
N GLU B 601 19.92 -18.87 -34.40
CA GLU B 601 20.78 -19.96 -34.90
C GLU B 601 19.99 -21.11 -35.51
N ALA B 602 19.14 -21.73 -34.69
CA ALA B 602 18.23 -22.80 -35.12
C ALA B 602 17.59 -22.58 -36.49
N ASN B 603 17.45 -21.33 -36.95
CA ASN B 603 17.07 -21.07 -38.34
C ASN B 603 18.28 -21.39 -39.21
N ASP B 609 17.80 -12.99 -41.67
CA ASP B 609 16.38 -13.19 -41.36
C ASP B 609 16.01 -12.70 -39.95
N GLY B 610 14.92 -11.95 -39.86
CA GLY B 610 14.45 -11.42 -38.58
C GLY B 610 15.02 -10.05 -38.32
N GLU B 611 14.17 -9.16 -37.78
CA GLU B 611 14.51 -7.76 -37.50
C GLU B 611 15.88 -7.60 -36.83
N GLN B 612 16.65 -6.62 -37.30
CA GLN B 612 17.98 -6.29 -36.75
C GLN B 612 17.91 -5.17 -35.70
N HIS B 613 16.97 -4.24 -35.87
CA HIS B 613 16.74 -3.16 -34.92
C HIS B 613 15.41 -3.41 -34.16
N ASN B 614 15.53 -4.10 -33.03
CA ASN B 614 14.37 -4.55 -32.26
C ASN B 614 13.89 -3.59 -31.18
N ASN B 615 14.74 -2.63 -30.78
CA ASN B 615 14.40 -1.64 -29.76
C ASN B 615 14.02 -2.28 -28.43
N SER B 616 14.73 -3.36 -28.10
CA SER B 616 14.50 -4.11 -26.89
C SER B 616 15.55 -3.77 -25.85
N TRP B 617 15.24 -4.06 -24.59
CA TRP B 617 16.22 -4.02 -23.52
C TRP B 617 16.00 -5.21 -22.61
N ASN B 618 17.07 -5.94 -22.31
CA ASN B 618 16.96 -7.16 -21.53
C ASN B 618 16.83 -6.94 -20.02
N CYS B 619 16.74 -5.68 -19.61
CA CYS B 619 16.56 -5.30 -18.19
C CYS B 619 17.77 -5.63 -17.31
N GLY B 620 18.96 -5.74 -17.91
CA GLY B 620 20.18 -6.01 -17.15
C GLY B 620 20.94 -7.31 -17.42
N GLU B 621 20.38 -8.22 -18.21
CA GLU B 621 21.11 -9.44 -18.56
C GLU B 621 20.42 -10.17 -19.69
N GLU B 622 21.19 -10.89 -20.51
CA GLU B 622 20.61 -11.62 -21.67
C GLU B 622 19.97 -12.94 -21.27
N GLY B 623 18.69 -13.10 -21.59
CA GLY B 623 17.97 -14.33 -21.33
C GLY B 623 17.71 -14.59 -19.86
N PRO B 624 17.52 -15.88 -19.51
CA PRO B 624 17.19 -16.25 -18.13
C PRO B 624 18.23 -15.80 -17.14
N THR B 625 17.80 -15.42 -15.94
CA THR B 625 18.73 -15.09 -14.88
C THR B 625 18.12 -15.27 -13.52
N THR B 626 19.01 -15.41 -12.53
CA THR B 626 18.61 -15.49 -11.13
C THR B 626 18.76 -14.14 -10.43
N LYS B 627 19.29 -13.13 -11.12
CA LYS B 627 19.35 -11.79 -10.53
C LYS B 627 17.96 -11.25 -10.28
N TRP B 628 17.66 -11.01 -9.01
CA TRP B 628 16.32 -10.70 -8.55
C TRP B 628 15.83 -9.38 -9.14
N GLU B 629 16.71 -8.39 -9.20
CA GLU B 629 16.28 -7.07 -9.70
C GLU B 629 15.91 -7.07 -11.18
N VAL B 630 16.46 -8.02 -11.95
CA VAL B 630 16.16 -8.14 -13.37
C VAL B 630 14.76 -8.76 -13.57
N ASN B 631 14.55 -9.90 -12.93
CA ASN B 631 13.24 -10.54 -12.96
C ASN B 631 12.10 -9.61 -12.50
N ARG B 632 12.33 -8.84 -11.43
CA ARG B 632 11.34 -7.88 -10.94
C ARG B 632 11.02 -6.88 -12.00
N LEU B 633 12.08 -6.31 -12.56
CA LEU B 633 11.93 -5.30 -13.60
C LEU B 633 11.27 -5.84 -14.86
N ARG B 634 11.45 -7.12 -15.18
CA ARG B 634 10.86 -7.66 -16.39
C ARG B 634 9.37 -7.83 -16.18
N GLN B 635 9.00 -8.31 -15.00
CA GLN B 635 7.61 -8.46 -14.63
C GLN B 635 6.86 -7.15 -14.77
N ARG B 636 7.49 -6.03 -14.45
CA ARG B 636 6.82 -4.74 -14.53
C ARG B 636 6.71 -4.32 -15.97
N GLN B 637 7.83 -4.43 -16.70
CA GLN B 637 7.88 -4.00 -18.10
C GLN B 637 6.91 -4.78 -18.99
N MET B 638 6.71 -6.06 -18.74
CA MET B 638 5.67 -6.78 -19.49
C MET B 638 4.34 -6.06 -19.30
N ARG B 639 4.02 -5.68 -18.06
CA ARG B 639 2.75 -5.00 -17.75
C ARG B 639 2.71 -3.58 -18.40
N ASN B 640 3.86 -2.92 -18.41
CA ASN B 640 3.98 -1.56 -18.87
C ASN B 640 3.78 -1.44 -20.37
N LEU B 641 4.35 -2.39 -21.12
CA LEU B 641 4.10 -2.49 -22.56
C LEU B 641 2.64 -2.82 -22.85
N THR B 642 2.12 -3.85 -22.20
CA THR B 642 0.73 -4.24 -22.36
C THR B 642 -0.23 -3.09 -22.02
N GLY B 643 0.16 -2.26 -21.06
CA GLY B 643 -0.65 -1.10 -20.68
C GLY B 643 -0.66 -0.02 -21.74
N ALA B 644 0.51 0.25 -22.29
CA ALA B 644 0.63 1.16 -23.40
C ALA B 644 -0.30 0.67 -24.50
N LEU B 645 -0.26 -0.63 -24.77
CA LEU B 645 -1.08 -1.22 -25.82
C LEU B 645 -2.55 -1.07 -25.56
N LEU B 646 -3.01 -1.37 -24.35
CA LEU B 646 -4.45 -1.49 -24.10
C LEU B 646 -5.08 -0.19 -23.59
N LEU B 647 -4.26 0.81 -23.26
CA LEU B 647 -4.77 2.11 -22.83
C LEU B 647 -4.67 3.18 -23.94
N SER B 648 -4.41 2.74 -25.17
CA SER B 648 -4.29 3.65 -26.31
C SER B 648 -5.57 3.58 -27.12
N CYS B 649 -5.98 4.74 -27.67
CA CYS B 649 -6.92 4.78 -28.78
C CYS B 649 -6.37 4.04 -30.01
N GLY B 650 -7.30 3.62 -30.87
CA GLY B 650 -6.99 2.69 -31.94
C GLY B 650 -7.43 1.28 -31.57
N VAL B 651 -6.83 0.29 -32.22
CA VAL B 651 -7.31 -1.06 -32.11
C VAL B 651 -6.16 -1.95 -31.78
N PRO B 652 -6.19 -2.56 -30.61
CA PRO B 652 -5.04 -3.36 -30.17
C PRO B 652 -5.05 -4.75 -30.75
N MET B 653 -3.86 -5.28 -31.04
CA MET B 653 -3.70 -6.67 -31.42
C MET B 653 -2.70 -7.38 -30.49
N ILE B 654 -3.07 -8.58 -30.05
CA ILE B 654 -2.23 -9.39 -29.15
C ILE B 654 -1.76 -10.67 -29.84
N ASN B 655 -0.46 -10.88 -29.76
CA ASN B 655 0.22 -11.96 -30.41
C ASN B 655 0.09 -13.19 -29.50
N MET B 656 -0.47 -14.27 -30.03
CA MET B 656 -0.66 -15.52 -29.24
C MET B 656 0.56 -15.79 -28.32
N GLY B 657 0.28 -15.94 -27.02
CA GLY B 657 1.30 -16.21 -26.02
C GLY B 657 1.67 -14.99 -25.17
N ASP B 658 1.46 -13.79 -25.67
CA ASP B 658 1.94 -12.62 -25.00
C ASP B 658 1.12 -12.22 -23.79
N GLU B 659 -0.03 -12.86 -23.63
CA GLU B 659 -0.85 -12.72 -22.45
C GLU B 659 -0.40 -13.63 -21.26
N TYR B 660 0.54 -14.54 -21.44
CA TYR B 660 1.12 -15.26 -20.28
C TYR B 660 2.66 -15.17 -20.16
N GLY B 661 3.31 -14.38 -21.01
CA GLY B 661 4.77 -14.32 -21.04
C GLY B 661 5.44 -15.48 -21.77
N HIS B 662 4.82 -15.91 -22.87
CA HIS B 662 5.41 -16.89 -23.77
C HIS B 662 6.81 -16.47 -24.23
N SER B 663 7.78 -17.38 -24.23
CA SER B 663 9.11 -17.08 -24.76
C SER B 663 9.45 -17.95 -25.97
N LYS B 664 10.19 -17.38 -26.91
CA LYS B 664 10.83 -18.17 -27.98
C LYS B 664 12.34 -18.27 -27.76
N ASN B 665 12.79 -18.11 -26.51
CA ASN B 665 14.23 -18.07 -26.18
C ASN B 665 15.05 -17.09 -27.05
N GLY B 666 14.49 -15.92 -27.34
CA GLY B 666 15.25 -14.90 -28.05
C GLY B 666 15.27 -15.05 -29.55
N ASN B 667 14.62 -16.05 -30.12
CA ASN B 667 14.48 -16.13 -31.55
C ASN B 667 13.34 -15.22 -32.01
N ASN B 668 13.65 -14.30 -32.93
CA ASN B 668 12.67 -13.31 -33.37
C ASN B 668 12.07 -13.57 -34.75
N ASN B 669 12.33 -14.74 -35.30
CA ASN B 669 11.71 -15.13 -36.58
C ASN B 669 11.50 -16.63 -36.65
N THR B 670 10.46 -17.13 -35.98
CA THR B 670 10.33 -18.58 -35.79
C THR B 670 9.44 -19.23 -36.85
N TYR B 671 9.47 -18.69 -38.06
CA TYR B 671 8.67 -19.21 -39.18
C TYR B 671 8.90 -20.68 -39.51
N CYS B 672 10.11 -21.17 -39.31
CA CYS B 672 10.44 -22.52 -39.75
C CYS B 672 10.39 -23.59 -38.67
N HIS B 673 9.75 -23.31 -37.54
CA HIS B 673 9.81 -24.22 -36.38
C HIS B 673 8.47 -24.81 -35.93
N ASP B 674 8.33 -26.12 -36.11
CA ASP B 674 7.16 -26.83 -35.58
C ASP B 674 7.50 -27.42 -34.24
N SER B 675 7.46 -26.58 -33.21
CA SER B 675 7.85 -26.92 -31.85
C SER B 675 7.25 -25.96 -30.87
N GLU B 676 7.52 -26.16 -29.59
CA GLU B 676 6.87 -25.36 -28.54
C GLU B 676 7.20 -23.88 -28.61
N LEU B 677 8.20 -23.49 -29.41
CA LEU B 677 8.42 -22.08 -29.66
C LEU B 677 7.17 -21.40 -30.20
N ASN B 678 6.37 -22.11 -31.00
CA ASN B 678 5.18 -21.54 -31.61
C ASN B 678 3.85 -22.13 -31.11
N TYR B 679 3.89 -22.82 -29.98
CA TYR B 679 2.72 -23.47 -29.45
C TYR B 679 2.28 -22.70 -28.22
N LEU B 680 0.97 -22.58 -28.05
CA LEU B 680 0.43 -22.03 -26.84
C LEU B 680 0.63 -23.02 -25.70
N ARG B 681 1.34 -22.55 -24.69
CA ARG B 681 1.77 -23.33 -23.54
C ARG B 681 0.69 -23.33 -22.49
N TRP B 682 -0.28 -24.23 -22.62
CA TRP B 682 -1.41 -24.28 -21.68
C TRP B 682 -0.92 -24.53 -20.26
N ASP B 683 0.13 -25.33 -20.14
CA ASP B 683 0.78 -25.57 -18.85
C ASP B 683 1.27 -24.26 -18.20
N GLN B 684 1.98 -23.44 -18.97
CA GLN B 684 2.53 -22.18 -18.45
C GLN B 684 1.45 -21.17 -18.17
N LEU B 685 0.40 -21.20 -18.96
CA LEU B 685 -0.75 -20.34 -18.74
C LEU B 685 -1.40 -20.68 -17.39
N ALA B 686 -1.55 -21.97 -17.12
CA ALA B 686 -2.10 -22.45 -15.87
C ALA B 686 -1.22 -22.08 -14.67
N GLU B 687 0.10 -22.10 -14.84
CA GLU B 687 1.00 -21.78 -13.74
C GLU B 687 0.93 -20.29 -13.31
N ASP B 688 0.78 -19.39 -14.28
CA ASP B 688 0.76 -17.95 -14.05
C ASP B 688 1.60 -17.50 -12.85
N PRO B 689 2.91 -17.81 -12.87
CA PRO B 689 3.77 -17.69 -11.69
C PRO B 689 3.79 -16.32 -11.03
N HIS B 690 3.62 -15.24 -11.80
CA HIS B 690 3.59 -13.92 -11.17
C HIS B 690 2.36 -13.13 -11.49
N GLY B 691 1.27 -13.83 -11.77
CA GLY B 691 -0.04 -13.19 -11.97
C GLY B 691 -0.12 -12.25 -13.16
N PHE B 692 0.75 -12.46 -14.15
CA PHE B 692 0.71 -11.67 -15.38
C PHE B 692 -0.52 -11.97 -16.26
N ASN B 693 -0.94 -13.23 -16.37
CA ASN B 693 -2.15 -13.51 -17.16
C ASN B 693 -3.36 -12.90 -16.53
N ARG B 694 -3.48 -12.97 -15.23
CA ARG B 694 -4.60 -12.30 -14.57
C ARG B 694 -4.65 -10.80 -14.90
N PHE B 695 -3.48 -10.17 -14.91
CA PHE B 695 -3.32 -8.74 -15.10
C PHE B 695 -3.78 -8.37 -16.48
N VAL B 696 -3.35 -9.15 -17.46
CA VAL B 696 -3.71 -8.94 -18.86
C VAL B 696 -5.20 -9.18 -19.03
N ARG B 697 -5.69 -10.31 -18.52
CA ARG B 697 -7.12 -10.57 -18.64
C ARG B 697 -7.94 -9.38 -18.17
N LEU B 698 -7.62 -8.84 -16.99
CA LEU B 698 -8.42 -7.77 -16.41
C LEU B 698 -8.30 -6.45 -17.19
N LEU B 699 -7.09 -6.16 -17.64
CA LEU B 699 -6.83 -4.97 -18.39
C LEU B 699 -7.67 -4.99 -19.66
N ILE B 700 -7.74 -6.14 -20.33
CA ILE B 700 -8.59 -6.28 -21.52
C ILE B 700 -10.07 -5.99 -21.23
N HIS B 701 -10.60 -6.58 -20.16
CA HIS B 701 -12.00 -6.35 -19.79
C HIS B 701 -12.24 -4.89 -19.44
N PHE B 702 -11.31 -4.30 -18.68
CA PHE B 702 -11.43 -2.92 -18.28
C PHE B 702 -11.48 -1.99 -19.50
N ARG B 703 -10.60 -2.27 -20.48
CA ARG B 703 -10.61 -1.52 -21.73
C ARG B 703 -11.93 -1.67 -22.48
N ARG B 704 -12.40 -2.90 -22.69
CA ARG B 704 -13.70 -3.09 -23.35
C ARG B 704 -14.79 -2.31 -22.58
N ALA B 705 -14.66 -2.22 -21.25
CA ALA B 705 -15.64 -1.53 -20.44
C ALA B 705 -15.46 0.01 -20.41
N THR B 706 -14.56 0.55 -21.22
CA THR B 706 -14.23 1.97 -21.19
C THR B 706 -14.46 2.61 -22.57
N PRO B 707 -15.64 3.18 -22.78
CA PRO B 707 -15.95 3.78 -24.08
C PRO B 707 -14.96 4.83 -24.53
N ALA B 708 -14.38 5.55 -23.60
CA ALA B 708 -13.43 6.63 -23.94
C ALA B 708 -12.20 6.16 -24.76
N LEU B 709 -11.83 4.89 -24.67
CA LEU B 709 -10.69 4.35 -25.43
C LEU B 709 -11.05 3.73 -26.79
N GLN B 710 -12.35 3.64 -27.08
CA GLN B 710 -12.86 2.97 -28.26
C GLN B 710 -13.59 3.99 -29.12
N ARG B 711 -12.83 4.69 -29.95
CA ARG B 711 -13.31 5.89 -30.64
C ARG B 711 -13.28 5.81 -32.16
N THR B 712 -14.23 6.47 -32.81
CA THR B 712 -14.15 6.68 -34.26
C THR B 712 -13.67 8.07 -34.62
N THR B 713 -13.56 8.97 -33.64
CA THR B 713 -13.02 10.34 -33.85
C THR B 713 -11.86 10.57 -32.91
N PHE B 714 -11.03 11.56 -33.22
CA PHE B 714 -9.79 11.78 -32.45
C PHE B 714 -10.06 12.61 -31.22
N VAL B 715 -9.31 12.35 -30.15
CA VAL B 715 -9.44 13.11 -28.90
C VAL B 715 -8.88 14.51 -29.10
N ASN B 716 -9.59 15.51 -28.57
CA ASN B 716 -9.09 16.88 -28.49
C ASN B 716 -8.68 17.21 -27.05
N ASP B 717 -8.41 18.49 -26.77
CA ASP B 717 -7.92 18.90 -25.46
C ASP B 717 -8.99 18.91 -24.37
N LYS B 718 -10.27 18.75 -24.71
CA LYS B 718 -11.33 18.57 -23.72
C LYS B 718 -11.37 17.12 -23.28
N ASP B 719 -10.96 16.23 -24.18
CA ASP B 719 -11.00 14.80 -23.94
C ASP B 719 -9.83 14.33 -23.09
N ILE B 720 -8.64 14.82 -23.43
CA ILE B 720 -7.43 14.38 -22.79
C ILE B 720 -6.55 15.57 -22.38
N GLN B 721 -5.85 15.45 -21.24
CA GLN B 721 -4.90 16.47 -20.77
C GLN B 721 -3.59 15.81 -20.37
N TRP B 722 -2.49 16.53 -20.55
CA TRP B 722 -1.14 15.97 -20.35
C TRP B 722 -0.42 16.58 -19.14
N HIS B 723 -0.07 15.73 -18.20
CA HIS B 723 0.56 16.17 -16.96
C HIS B 723 1.95 15.53 -16.79
N GLY B 724 2.70 16.02 -15.80
CA GLY B 724 3.96 15.42 -15.38
C GLY B 724 3.97 15.26 -13.88
N GLU B 725 5.14 15.41 -13.26
CA GLU B 725 5.25 15.41 -11.81
C GLU B 725 4.30 16.44 -11.16
N LEU B 726 4.09 17.56 -11.86
CA LEU B 726 3.07 18.52 -11.52
C LEU B 726 1.93 18.44 -12.52
N PRO B 727 0.69 18.73 -12.08
CA PRO B 727 -0.42 18.79 -13.03
C PRO B 727 -0.19 19.75 -14.20
N ASN B 728 -0.61 19.33 -15.39
CA ASN B 728 -0.66 20.16 -16.60
C ASN B 728 0.72 20.65 -17.03
N THR B 729 1.76 19.94 -16.61
CA THR B 729 3.16 20.31 -16.83
C THR B 729 3.92 19.12 -17.41
N PRO B 730 3.58 18.75 -18.65
CA PRO B 730 4.20 17.57 -19.25
C PRO B 730 5.66 17.82 -19.62
N ASP B 731 6.42 16.74 -19.84
CA ASP B 731 7.81 16.84 -20.27
C ASP B 731 7.95 16.19 -21.68
N TRP B 732 8.19 17.03 -22.68
CA TRP B 732 8.38 16.63 -24.07
C TRP B 732 9.85 16.75 -24.50
N THR B 733 10.74 16.96 -23.55
CA THR B 733 12.15 17.14 -23.85
C THR B 733 12.78 15.80 -24.24
N ASP B 734 13.96 15.85 -24.88
CA ASP B 734 14.67 14.64 -25.33
C ASP B 734 15.06 13.71 -24.19
N THR B 735 15.15 14.25 -22.98
CA THR B 735 15.45 13.50 -21.76
C THR B 735 14.21 13.05 -20.98
N SER B 736 13.01 13.35 -21.49
CA SER B 736 11.76 13.00 -20.80
C SER B 736 11.69 11.51 -20.47
N ARG B 737 11.09 11.20 -19.33
CA ARG B 737 10.88 9.82 -18.88
C ARG B 737 9.50 9.65 -18.25
N LEU B 738 8.58 10.55 -18.60
CA LEU B 738 7.27 10.53 -18.01
C LEU B 738 6.25 11.04 -18.99
N VAL B 739 5.17 10.29 -19.10
CA VAL B 739 3.97 10.72 -19.79
C VAL B 739 2.78 10.33 -18.93
N ALA B 740 1.88 11.28 -18.75
CA ALA B 740 0.73 11.08 -17.91
C ALA B 740 -0.39 11.93 -18.45
N PHE B 741 -1.60 11.41 -18.30
CA PHE B 741 -2.76 12.05 -18.87
C PHE B 741 -4.04 11.72 -18.11
N THR B 742 -5.00 12.64 -18.21
CA THR B 742 -6.36 12.40 -17.73
C THR B 742 -7.24 12.17 -18.94
N LEU B 743 -8.25 11.33 -18.80
CA LEU B 743 -9.13 10.97 -19.89
C LEU B 743 -10.56 10.99 -19.36
N HIS B 744 -11.38 11.87 -19.93
CA HIS B 744 -12.76 12.03 -19.45
C HIS B 744 -13.69 10.92 -19.94
N ASP B 745 -14.69 10.61 -19.12
CA ASP B 745 -15.68 9.58 -19.43
C ASP B 745 -16.97 10.19 -19.94
N GLY B 746 -17.03 11.53 -20.01
CA GLY B 746 -18.23 12.23 -20.45
C GLY B 746 -19.32 12.37 -19.41
N LYS B 747 -19.05 11.90 -18.19
CA LYS B 747 -20.05 11.88 -17.12
C LYS B 747 -19.56 12.59 -15.84
N GLY B 748 -18.43 13.28 -15.93
CA GLY B 748 -17.79 13.90 -14.77
C GLY B 748 -16.67 13.08 -14.16
N GLY B 749 -16.47 11.86 -14.66
CA GLY B 749 -15.43 10.98 -14.17
C GLY B 749 -14.32 10.86 -15.18
N GLY B 750 -13.49 9.81 -15.03
CA GLY B 750 -12.37 9.62 -15.93
C GLY B 750 -11.23 8.83 -15.32
N LEU B 751 -10.12 8.78 -16.04
CA LEU B 751 -8.94 8.04 -15.62
C LEU B 751 -7.72 8.95 -15.51
N TYR B 752 -6.86 8.66 -14.54
CA TYR B 752 -5.52 9.23 -14.54
C TYR B 752 -4.62 8.07 -14.88
N VAL B 753 -3.77 8.28 -15.89
CA VAL B 753 -2.83 7.25 -16.33
C VAL B 753 -1.44 7.88 -16.41
N ALA B 754 -0.43 7.11 -15.99
CA ALA B 754 0.97 7.55 -16.05
C ALA B 754 1.98 6.42 -16.22
N PHE B 755 2.96 6.68 -17.08
CA PHE B 755 4.05 5.77 -17.35
C PHE B 755 5.33 6.46 -16.90
N ASN B 756 5.93 5.95 -15.84
CA ASN B 756 7.26 6.41 -15.42
C ASN B 756 8.27 5.46 -16.00
N THR B 757 9.11 5.95 -16.91
CA THR B 757 10.08 5.09 -17.58
C THR B 757 11.50 5.44 -17.13
N SER B 758 11.58 6.20 -16.06
CA SER B 758 12.85 6.56 -15.49
C SER B 758 13.42 5.40 -14.68
N HIS B 759 14.71 5.48 -14.38
CA HIS B 759 15.37 4.53 -13.49
C HIS B 759 15.19 4.94 -12.01
N LEU B 760 14.70 6.17 -11.78
CA LEU B 760 14.43 6.69 -10.44
C LEU B 760 12.92 6.71 -10.14
N PRO B 761 12.54 6.57 -8.85
CA PRO B 761 11.13 6.71 -8.50
C PRO B 761 10.70 8.16 -8.50
N LYS B 762 9.40 8.38 -8.58
CA LYS B 762 8.85 9.73 -8.61
C LYS B 762 7.66 9.86 -7.66
N LEU B 763 7.41 11.10 -7.26
CA LEU B 763 6.19 11.50 -6.58
C LEU B 763 5.41 12.36 -7.55
N LEU B 764 4.13 12.03 -7.71
CA LEU B 764 3.28 12.70 -8.69
C LEU B 764 2.20 13.49 -7.97
N GLN B 765 2.16 14.79 -8.24
CA GLN B 765 1.02 15.60 -7.85
C GLN B 765 -0.06 15.45 -8.92
N LEU B 766 -1.18 14.84 -8.52
CA LEU B 766 -2.29 14.57 -9.41
C LEU B 766 -3.12 15.84 -9.56
N PRO B 767 -3.84 16.00 -10.69
CA PRO B 767 -4.70 17.17 -10.85
C PRO B 767 -5.97 17.06 -10.02
N LYS B 768 -6.34 18.14 -9.32
CA LYS B 768 -7.47 18.14 -8.38
C LYS B 768 -8.74 18.45 -9.14
N TRP B 769 -9.67 17.50 -9.13
CA TRP B 769 -10.99 17.66 -9.74
C TRP B 769 -11.94 17.88 -8.58
N GLY B 770 -12.69 18.99 -8.62
CA GLY B 770 -13.55 19.39 -7.51
C GLY B 770 -14.49 18.29 -7.04
N GLY B 771 -14.51 18.06 -5.74
CA GLY B 771 -15.38 17.05 -5.12
C GLY B 771 -14.99 15.62 -5.42
N ARG B 772 -13.77 15.40 -5.90
CA ARG B 772 -13.35 14.08 -6.36
C ARG B 772 -11.94 13.67 -5.96
N VAL B 773 -11.73 12.37 -5.84
CA VAL B 773 -10.41 11.82 -5.52
C VAL B 773 -10.08 10.67 -6.46
N TRP B 774 -8.80 10.53 -6.80
CA TRP B 774 -8.36 9.41 -7.63
C TRP B 774 -8.19 8.14 -6.81
N GLN B 775 -8.78 7.04 -7.28
CA GLN B 775 -8.66 5.76 -6.60
C GLN B 775 -7.73 4.83 -7.35
N PRO B 776 -6.91 4.06 -6.63
CA PRO B 776 -6.06 3.07 -7.28
C PRO B 776 -6.83 1.96 -8.00
N LEU B 777 -6.32 1.59 -9.17
CA LEU B 777 -6.82 0.46 -9.94
C LEU B 777 -5.65 -0.38 -10.43
N VAL B 778 -4.79 0.23 -11.24
CA VAL B 778 -3.60 -0.43 -11.74
C VAL B 778 -2.37 0.24 -11.17
N ASP B 779 -1.40 -0.57 -10.73
CA ASP B 779 -0.11 -0.08 -10.26
C ASP B 779 0.88 -1.22 -10.54
N THR B 780 1.70 -1.08 -11.59
CA THR B 780 2.61 -2.17 -11.98
C THR B 780 3.74 -2.40 -10.97
N SER B 781 3.87 -1.49 -10.00
CA SER B 781 4.88 -1.65 -8.93
C SER B 781 4.46 -2.59 -7.80
N LYS B 782 3.17 -2.96 -7.74
CA LYS B 782 2.64 -3.83 -6.69
C LYS B 782 2.68 -5.26 -7.14
N VAL B 783 2.98 -6.16 -6.22
CA VAL B 783 3.03 -7.58 -6.51
C VAL B 783 1.61 -8.12 -6.66
N ALA B 784 1.43 -9.04 -7.61
CA ALA B 784 0.11 -9.56 -7.91
C ALA B 784 -0.37 -10.25 -6.66
N PRO B 785 -1.69 -10.18 -6.39
CA PRO B 785 -2.74 -9.61 -7.22
C PRO B 785 -3.04 -8.13 -6.99
N TYR B 786 -2.16 -7.41 -6.31
CA TYR B 786 -2.43 -6.00 -6.03
C TYR B 786 -2.01 -5.07 -7.13
N ASP B 787 -1.45 -5.65 -8.20
CA ASP B 787 -1.21 -4.90 -9.44
C ASP B 787 -2.47 -4.46 -10.19
N PHE B 788 -3.60 -5.12 -9.95
CA PHE B 788 -4.87 -4.77 -10.57
C PHE B 788 -6.01 -4.93 -9.58
N LEU B 789 -6.49 -3.84 -9.05
CA LEU B 789 -7.49 -3.91 -7.99
C LEU B 789 -8.90 -4.02 -8.53
N ALA B 790 -9.25 -5.22 -8.98
CA ALA B 790 -10.61 -5.51 -9.45
C ALA B 790 -11.06 -6.86 -8.93
N VAL B 791 -12.37 -6.99 -8.76
CA VAL B 791 -12.98 -8.19 -8.19
C VAL B 791 -12.81 -9.34 -9.17
N ASP B 792 -12.43 -10.50 -8.65
CA ASP B 792 -12.42 -11.75 -9.40
C ASP B 792 -12.28 -12.88 -8.40
N GLY B 793 -11.82 -14.03 -8.83
CA GLY B 793 -11.67 -15.17 -7.93
C GLY B 793 -10.58 -15.05 -6.89
N VAL B 794 -9.73 -14.04 -6.99
CA VAL B 794 -8.60 -13.88 -6.09
C VAL B 794 -8.85 -12.71 -5.14
N LEU B 795 -9.39 -11.61 -5.64
CA LEU B 795 -9.74 -10.47 -4.80
C LEU B 795 -11.25 -10.32 -4.61
N SER B 796 -11.71 -10.30 -3.35
CA SER B 796 -13.10 -9.98 -3.07
C SER B 796 -13.34 -8.48 -3.24
N ALA B 797 -14.60 -8.08 -3.28
CA ALA B 797 -14.94 -6.66 -3.32
C ALA B 797 -14.52 -5.96 -2.03
N GLU B 798 -14.43 -6.74 -0.95
CA GLU B 798 -13.92 -6.29 0.34
C GLU B 798 -12.45 -5.93 0.20
N ASP B 799 -11.70 -6.83 -0.42
CA ASP B 799 -10.26 -6.68 -0.61
C ASP B 799 -9.97 -5.42 -1.39
N VAL B 800 -10.81 -5.12 -2.36
CA VAL B 800 -10.60 -3.97 -3.23
C VAL B 800 -10.86 -2.69 -2.45
N ALA B 801 -11.99 -2.63 -1.74
CA ALA B 801 -12.32 -1.48 -0.92
C ALA B 801 -11.19 -1.14 0.05
N ALA B 802 -10.72 -2.15 0.76
CA ALA B 802 -9.65 -2.01 1.74
C ALA B 802 -8.30 -1.58 1.11
N ALA B 803 -7.98 -2.10 -0.06
CA ALA B 803 -6.80 -1.68 -0.78
C ALA B 803 -6.88 -0.20 -1.11
N ARG B 804 -8.05 0.24 -1.52
CA ARG B 804 -8.27 1.65 -1.82
C ARG B 804 -8.17 2.57 -0.61
N ARG B 805 -8.68 2.12 0.52
CA ARG B 805 -8.72 2.91 1.74
C ARG B 805 -7.30 3.14 2.27
N GLN B 806 -6.54 2.07 2.39
CA GLN B 806 -5.12 2.16 2.71
C GLN B 806 -4.48 3.44 2.26
N MET B 807 -4.68 3.75 0.98
CA MET B 807 -4.04 4.89 0.33
C MET B 807 -4.86 6.20 0.40
N ALA B 808 -5.95 6.23 1.15
CA ALA B 808 -6.84 7.41 1.16
C ALA B 808 -6.10 8.68 1.56
N MET B 809 -5.13 8.58 2.45
CA MET B 809 -4.33 9.76 2.84
C MET B 809 -3.43 10.24 1.71
N TRP B 810 -2.86 9.31 0.95
CA TRP B 810 -2.06 9.67 -0.22
C TRP B 810 -2.92 10.35 -1.30
N THR B 811 -4.05 9.75 -1.63
CA THR B 811 -4.89 10.25 -2.72
C THR B 811 -5.60 11.56 -2.39
N ALA B 812 -6.06 11.68 -1.14
CA ALA B 812 -6.65 12.92 -0.68
C ALA B 812 -5.65 14.07 -0.79
N ASP B 813 -4.39 13.80 -0.47
CA ASP B 813 -3.29 14.75 -0.70
C ASP B 813 -2.98 14.94 -2.19
N HIS B 814 -3.66 14.18 -3.06
CA HIS B 814 -3.41 14.23 -4.50
C HIS B 814 -1.93 13.98 -4.82
N THR B 815 -1.39 12.93 -4.19
CA THR B 815 0.02 12.59 -4.25
C THR B 815 0.15 11.09 -4.49
N TYR B 816 0.95 10.71 -5.47
CA TYR B 816 1.12 9.30 -5.78
C TYR B 816 2.56 8.94 -6.07
N PRO B 817 3.06 7.95 -5.32
CA PRO B 817 4.43 7.50 -5.49
C PRO B 817 4.46 6.40 -6.54
N VAL B 818 5.42 6.51 -7.44
CA VAL B 818 5.55 5.53 -8.48
C VAL B 818 6.99 5.08 -8.56
N LEU B 819 7.14 3.79 -8.82
CA LEU B 819 8.44 3.16 -8.91
C LEU B 819 9.04 3.42 -10.31
N PRO B 820 10.36 3.33 -10.43
CA PRO B 820 10.88 3.38 -11.77
C PRO B 820 10.32 2.26 -12.63
N TRP B 821 10.21 2.51 -13.93
CA TRP B 821 9.75 1.51 -14.88
C TRP B 821 8.42 0.96 -14.41
N SER B 822 7.47 1.86 -14.25
CA SER B 822 6.17 1.47 -13.76
C SER B 822 5.07 2.29 -14.38
N CYS B 823 3.85 1.85 -14.15
CA CYS B 823 2.69 2.43 -14.78
C CYS B 823 1.51 2.31 -13.83
N ILE B 824 0.72 3.38 -13.70
CA ILE B 824 -0.50 3.33 -12.90
C ILE B 824 -1.72 3.82 -13.68
N VAL B 825 -2.89 3.35 -13.24
CA VAL B 825 -4.17 3.84 -13.71
C VAL B 825 -4.99 4.12 -12.47
N LEU B 826 -5.47 5.35 -12.32
CA LEU B 826 -6.37 5.70 -11.25
C LEU B 826 -7.75 6.00 -11.80
N GLN B 827 -8.75 6.03 -10.92
CA GLN B 827 -10.14 6.17 -11.32
C GLN B 827 -10.77 7.27 -10.48
N SER B 828 -11.20 8.36 -11.11
CA SER B 828 -11.81 9.45 -10.38
C SER B 828 -13.12 9.01 -9.72
N ALA B 829 -13.25 9.27 -8.42
CA ALA B 829 -14.47 8.93 -7.67
C ALA B 829 -14.90 10.09 -6.78
N PRO B 830 -16.21 10.13 -6.42
CA PRO B 830 -16.66 11.18 -5.51
C PRO B 830 -15.89 11.10 -4.21
N GLU B 831 -15.66 12.25 -3.59
CA GLU B 831 -14.89 12.29 -2.35
C GLU B 831 -15.76 11.89 -1.18
N ASP B 832 -15.19 11.01 -0.37
CA ASP B 832 -15.81 10.47 0.83
C ASP B 832 -14.82 10.71 1.99
N PRO B 833 -15.03 11.78 2.77
CA PRO B 833 -14.14 12.05 3.91
C PRO B 833 -13.95 10.88 4.88
N ALA B 834 -14.94 10.00 4.98
CA ALA B 834 -14.91 8.89 5.91
C ALA B 834 -13.95 7.78 5.49
N ALA B 835 -13.43 7.87 4.27
CA ALA B 835 -12.41 6.95 3.81
C ALA B 835 -11.24 6.84 4.78
N THR B 836 -10.93 7.91 5.52
CA THR B 836 -9.77 7.89 6.43
C THR B 836 -10.05 7.46 7.86
N SER B 837 -11.29 7.07 8.14
CA SER B 837 -11.63 6.42 9.41
C SER B 837 -11.30 4.94 9.33
N MET B 838 -11.46 4.22 10.43
CA MET B 838 -11.05 2.81 10.50
C MET B 838 -11.81 2.00 9.44
N ILE B 839 -11.09 1.19 8.64
CA ILE B 839 -11.75 0.32 7.64
C ILE B 839 -12.42 -0.86 8.38
N LYS B 840 -13.76 -0.86 8.36
CA LYS B 840 -14.59 -1.50 9.39
C LYS B 840 -16.00 -0.94 9.33
C1 GLC C . 3.11 19.17 40.50
C2 GLC C . 1.85 18.74 39.72
C3 GLC C . 0.92 19.89 39.29
C4 GLC C . 0.56 20.79 40.49
C5 GLC C . 1.86 21.31 41.12
C6 GLC C . 1.64 21.92 42.51
O2 GLC C . 2.28 17.99 38.59
O3 GLC C . -0.25 19.38 38.66
O4 GLC C . -0.22 21.91 40.10
O5 GLC C . 2.95 20.39 41.23
O6 GLC C . 1.68 20.91 43.50
C1 GLC C . -1.66 21.66 40.05
C2 GLC C . -2.28 22.70 39.12
C3 GLC C . -2.33 24.11 39.71
C4 GLC C . -3.02 24.05 41.07
C5 GLC C . -2.36 22.94 41.95
C6 GLC C . -2.98 22.81 43.34
O2 GLC C . -1.56 22.77 37.92
O3 GLC C . -2.96 24.98 38.80
O4 GLC C . -2.90 25.32 41.64
O5 GLC C . -2.35 21.67 41.29
O6 GLC C . -4.24 22.17 43.26
C1 GLC C . -4.15 25.97 41.95
C2 GLC C . -4.10 27.38 41.42
C3 GLC C . -3.18 28.28 42.27
C4 GLC C . -3.51 28.21 43.77
C5 GLC C . -3.55 26.73 44.18
C6 GLC C . -3.99 26.60 45.64
O2 GLC C . -3.66 27.32 40.08
O3 GLC C . -3.32 29.61 41.87
O4 GLC C . -2.50 28.85 44.54
O5 GLC C . -4.42 25.99 43.33
O6 GLC C . -3.77 25.27 46.10
C1 GLC C . -2.59 30.30 44.75
C2 GLC C . -1.76 30.77 45.94
C3 GLC C . -2.40 30.46 47.30
C4 GLC C . -3.87 30.89 47.34
C5 GLC C . -4.59 30.34 46.09
C6 GLC C . -6.07 30.76 45.97
O2 GLC C . -0.47 30.22 45.92
O3 GLC C . -1.64 31.05 48.34
O4 GLC C . -4.51 30.40 48.50
O5 GLC C . -3.91 30.79 44.93
O6 GLC C . -6.11 32.12 45.59
C1 GLC C . -4.37 31.23 49.67
C2 GLC C . -4.27 30.33 50.91
C3 GLC C . -5.50 29.45 50.96
C4 GLC C . -6.72 30.35 51.08
C5 GLC C . -6.72 31.48 50.04
C6 GLC C . -7.72 32.52 50.49
O2 GLC C . -3.09 29.54 50.91
O3 GLC C . -5.43 28.56 52.04
O4 GLC C . -7.89 29.59 50.87
O5 GLC C . -5.45 32.11 49.86
O6 GLC C . -8.17 33.16 49.33
C1 GLC C . -8.49 29.14 52.11
C2 GLC C . -9.09 27.75 51.89
C3 GLC C . -10.41 27.80 51.10
C4 GLC C . -11.33 28.90 51.61
C5 GLC C . -10.56 30.20 51.71
C6 GLC C . -11.41 31.35 52.23
O2 GLC C . -8.15 26.94 51.22
O3 GLC C . -11.05 26.53 51.14
O4 GLC C . -12.40 29.10 50.69
O5 GLC C . -9.45 30.03 52.58
O6 GLC C . -11.72 31.08 53.58
C1 GLC C . -13.71 29.10 51.29
C2 GLC C . -14.45 27.86 50.81
C3 GLC C . -14.67 27.98 49.31
C4 GLC C . -15.39 29.28 48.96
C5 GLC C . -14.75 30.49 49.61
C6 GLC C . -15.62 31.71 49.41
O2 GLC C . -13.72 26.67 51.11
O3 GLC C . -15.41 26.89 48.85
O4 GLC C . -15.32 29.46 47.58
O5 GLC C . -14.50 30.24 51.00
O6 GLC C . -15.12 32.79 50.16
C1 GLC D . 26.46 18.87 15.23
C2 GLC D . 24.93 18.82 15.42
C3 GLC D . 24.46 17.74 16.40
C4 GLC D . 25.10 16.42 15.96
C5 GLC D . 26.61 16.61 16.00
C6 GLC D . 27.36 15.31 15.75
O1 GLC D . 27.08 19.48 16.35
O2 GLC D . 24.48 20.09 15.84
O3 GLC D . 23.06 17.59 16.42
O4 GLC D . 24.70 15.35 16.78
O5 GLC D . 26.99 17.57 15.02
O6 GLC D . 26.94 14.77 14.53
C1 GLC D . 23.68 14.54 16.15
C2 GLC D . 22.59 14.23 17.17
C3 GLC D . 23.05 13.22 18.22
C4 GLC D . 23.63 11.98 17.58
C5 GLC D . 24.73 12.43 16.61
C6 GLC D . 25.35 11.23 15.90
O2 GLC D . 22.19 15.46 17.73
O3 GLC D . 22.01 12.84 19.12
O4 GLC D . 24.27 11.21 18.56
O5 GLC D . 24.24 13.35 15.64
O6 GLC D . 26.43 11.65 15.12
C1 GLC D . 23.54 10.10 19.13
C2 GLC D . 23.80 10.08 20.62
C3 GLC D . 25.26 9.74 20.89
C4 GLC D . 25.58 8.36 20.31
C5 GLC D . 25.29 8.46 18.82
C6 GLC D . 25.55 7.16 18.08
O2 GLC D . 23.47 11.35 21.15
O3 GLC D . 25.57 9.83 22.27
O4 GLC D . 26.94 8.01 20.52
O5 GLC D . 23.95 8.85 18.61
O6 GLC D . 25.89 7.52 16.76
C1 GLC E . 3.03 28.65 15.48
C2 GLC E . 3.49 27.22 15.81
C3 GLC E . 4.17 26.56 14.62
C4 GLC E . 3.26 26.65 13.41
C5 GLC E . 2.79 28.09 13.12
C6 GLC E . 1.76 28.07 11.99
O1 GLC E . 4.12 29.53 15.38
O2 GLC E . 4.39 27.20 16.89
O3 GLC E . 4.42 25.21 14.91
O4 GLC E . 3.92 26.09 12.30
O5 GLC E . 2.25 28.70 14.28
O6 GLC E . 0.80 29.10 12.09
C1 GLC E . 3.13 25.03 11.72
C2 GLC E . 4.00 23.80 11.43
C3 GLC E . 4.98 24.11 10.30
C4 GLC E . 4.26 24.69 9.09
C5 GLC E . 3.32 25.82 9.48
C6 GLC E . 2.48 26.28 8.29
O2 GLC E . 4.66 23.41 12.62
O3 GLC E . 5.64 22.91 9.95
O4 GLC E . 5.19 25.22 8.16
O5 GLC E . 2.48 25.41 10.52
O6 GLC E . 1.13 26.44 8.68
C1 GLC E . 5.47 24.34 7.06
C2 GLC E . 6.87 24.69 6.57
C3 GLC E . 6.85 26.01 5.80
C4 GLC E . 5.87 25.88 4.64
C5 GLC E . 4.47 25.56 5.19
C6 GLC E . 3.50 25.37 4.04
O2 GLC E . 7.72 24.79 7.69
O3 GLC E . 8.13 26.33 5.32
O4 GLC E . 5.82 27.08 3.89
O5 GLC E . 4.49 24.39 6.02
O6 GLC E . 2.32 24.75 4.52
C1 GLC F . 4.06 -10.87 -44.20
C2 GLC F . 4.23 -11.42 -42.77
C3 GLC F . 5.55 -12.19 -42.55
C4 GLC F . 6.08 -12.87 -43.84
C5 GLC F . 6.19 -11.90 -45.02
C6 GLC F . 6.39 -12.61 -46.37
O2 GLC F . 4.03 -10.38 -41.82
O3 GLC F . 5.40 -13.13 -41.49
O4 GLC F . 7.42 -13.29 -43.65
O5 GLC F . 5.18 -10.86 -45.10
O6 GLC F . 5.18 -13.10 -46.90
C1 GLC F . 7.56 -14.61 -43.05
C2 GLC F . 8.94 -14.81 -42.40
C3 GLC F . 10.04 -15.00 -43.43
C4 GLC F . 9.66 -16.07 -44.44
C5 GLC F . 8.30 -15.72 -45.04
C6 GLC F . 7.81 -16.75 -46.07
O2 GLC F . 9.31 -13.74 -41.56
O3 GLC F . 11.29 -15.31 -42.79
O4 GLC F . 10.60 -15.97 -45.47
O5 GLC F . 7.32 -15.61 -44.02
O6 GLC F . 7.65 -18.01 -45.44
C1 GLC F . 11.46 -17.12 -45.68
C2 GLC F . 12.90 -16.61 -45.79
C3 GLC F . 13.13 -15.90 -47.14
C4 GLC F . 12.67 -16.79 -48.30
C5 GLC F . 11.19 -17.20 -48.09
C6 GLC F . 10.65 -18.05 -49.28
O2 GLC F . 13.23 -15.76 -44.71
O3 GLC F . 14.50 -15.58 -47.26
O4 GLC F . 12.83 -16.19 -49.58
O5 GLC F . 11.07 -17.88 -46.82
O6 GLC F . 9.32 -18.53 -49.12
C1 GLC F . 14.15 -16.10 -50.21
C2 GLC F . 13.98 -15.77 -51.71
C3 GLC F . 13.48 -16.99 -52.52
C4 GLC F . 14.35 -18.23 -52.28
C5 GLC F . 14.53 -18.41 -50.76
C6 GLC F . 15.43 -19.58 -50.31
O2 GLC F . 13.09 -14.70 -51.90
O3 GLC F . 13.31 -16.68 -53.89
O4 GLC F . 13.70 -19.37 -52.86
O5 GLC F . 15.00 -17.23 -50.12
O6 GLC F . 16.70 -19.49 -50.89
C1 GLC F . 14.00 -19.63 -54.26
C2 GLC F . 12.75 -20.12 -55.00
C3 GLC F . 12.27 -21.43 -54.32
C4 GLC F . 13.37 -22.49 -54.32
C5 GLC F . 14.64 -21.83 -53.72
C6 GLC F . 15.85 -22.75 -53.67
O2 GLC F . 11.79 -19.07 -55.06
O3 GLC F . 11.10 -21.98 -54.90
O4 GLC F . 13.01 -23.65 -53.55
O5 GLC F . 14.96 -20.64 -54.45
O6 GLC F . 16.03 -23.37 -54.91
C1 GLC F . 12.39 -24.69 -54.33
C2 GLC F . 11.33 -25.49 -53.55
C3 GLC F . 12.00 -26.22 -52.41
C4 GLC F . 13.00 -27.22 -53.00
C5 GLC F . 13.97 -26.56 -54.00
C6 GLC F . 14.39 -27.51 -55.12
O2 GLC F . 10.23 -24.73 -53.08
O3 GLC F . 11.04 -26.84 -51.58
O4 GLC F . 13.68 -27.81 -51.90
O5 GLC F . 13.42 -25.54 -54.80
O6 GLC F . 15.08 -28.65 -54.69
C1 GLC F . 13.75 -29.27 -51.87
C2 GLC F . 12.87 -29.86 -50.75
C3 GLC F . 13.45 -29.41 -49.42
C4 GLC F . 14.88 -29.90 -49.29
C5 GLC F . 15.68 -29.31 -50.43
C6 GLC F . 17.15 -29.72 -50.30
O2 GLC F . 11.50 -29.55 -50.85
O3 GLC F . 12.67 -29.80 -48.30
O4 GLC F . 15.44 -29.41 -48.10
O5 GLC F . 15.08 -29.72 -51.66
O6 GLC F . 17.82 -29.60 -51.55
C1 GLC G . 6.45 20.39 -29.39
C2 GLC G . 6.89 19.01 -28.90
C3 GLC G . 5.82 17.94 -29.18
C4 GLC G . 4.53 18.34 -28.48
C5 GLC G . 4.14 19.77 -28.90
C6 GLC G . 2.94 20.23 -28.06
O1 GLC G . 6.35 20.47 -30.80
O2 GLC G . 8.11 18.63 -29.49
O3 GLC G . 6.27 16.69 -28.72
O4 GLC G . 3.46 17.45 -28.81
O5 GLC G . 5.20 20.71 -28.76
O6 GLC G . 3.00 21.62 -27.83
C1 GLC G . 2.99 16.65 -27.72
C2 GLC G . 2.56 15.28 -28.23
C3 GLC G . 1.17 15.30 -28.88
C4 GLC G . 0.16 16.01 -27.98
C5 GLC G . 0.70 17.39 -27.62
C6 GLC G . -0.25 18.10 -26.67
O2 GLC G . 3.54 14.81 -29.11
O3 GLC G . 0.71 13.98 -29.12
O4 GLC G . -1.06 16.18 -28.67
O5 GLC G . 1.95 17.26 -26.97
O6 GLC G . 0.02 19.47 -26.69
C1 GLC G . -2.05 15.18 -28.41
C2 GLC G . -2.52 14.66 -29.77
C3 GLC G . -3.76 15.33 -30.39
C4 GLC G . -4.57 16.26 -29.47
C5 GLC G . -3.89 16.70 -28.18
C6 GLC G . -4.97 17.09 -27.18
O2 GLC G . -1.45 14.78 -30.69
O3 GLC G . -4.62 14.33 -30.92
O4 GLC G . -4.96 17.41 -30.21
O5 GLC G . -3.14 15.64 -27.64
O6 GLC G . -4.38 17.59 -26.02
C1 GLC H . 10.20 23.88 34.46
C2 GLC H . 9.33 23.09 33.44
C3 GLC H . 7.84 23.43 33.43
C4 GLC H . 7.40 23.63 34.88
C5 GLC H . 8.17 24.84 35.40
C6 GLC H . 7.57 25.34 36.71
O1 GLC H . 10.91 24.92 33.83
O2 GLC H . 9.87 23.13 32.14
O3 GLC H . 7.10 22.41 32.79
O4 GLC H . 6.01 23.76 35.07
O5 GLC H . 9.52 24.45 35.58
O6 GLC H . 8.57 25.84 37.57
#